data_3B2Z
#
_entry.id   3B2Z
#
_cell.length_a   128.330
_cell.length_b   84.315
_cell.length_c   150.146
_cell.angle_alpha   90.00
_cell.angle_beta   112.23
_cell.angle_gamma   90.00
#
_symmetry.space_group_name_H-M   'P 1 21 1'
#
loop_
_entity.id
_entity.type
_entity.pdbx_description
1 polymer ADAMTS-4
2 non-polymer 'ZINC ION'
3 non-polymer 'CALCIUM ION'
4 water water
#
_entity_poly.entity_id   1
_entity_poly.type   'polypeptide(L)'
_entity_poly.pdbx_seq_one_letter_code
;FASLSRFVETLVVADDKMAAFHGAGLKRYLLTVMAAAAKAFKHPSIRNPVSLVVTRLVILGSGEEGPQVGPSAAQTLRSF
CAWQRGLNTPEDSDPDHFDTAILFTRQDLCGVSTCDTLGMADVGTVCDPARSCAIVEDDGLQSAFTAAHQLGHVFNMLHD
NSKPCISLNGPLSTSRHVMAPVMAHVDPEEPWSPCSARFITDFLDNGYGHCLLDKPEAPLHLPVTFPGKDYDADRQCQLT
FGPDSRHCPQLPPPCAALWCSGHLNGHAMCQTKHSPWADGTPCGPAQACMGGRCLHMDQLQDFNIPQADYKDDDDK
;
_entity_poly.pdbx_strand_id   A,B,C,D,E,F,G,H
#
# COMPACT_ATOMS: atom_id res chain seq x y z
N SER A 3 18.45 29.75 32.59
CA SER A 3 16.97 29.61 32.75
C SER A 3 16.53 28.16 32.48
N LEU A 4 15.79 27.58 33.44
CA LEU A 4 15.39 26.18 33.39
C LEU A 4 14.44 25.88 32.23
N SER A 5 14.80 24.86 31.44
CA SER A 5 14.06 24.53 30.23
C SER A 5 12.85 23.63 30.46
N ARG A 6 11.73 24.03 29.87
CA ARG A 6 10.41 23.42 30.10
C ARG A 6 9.97 22.54 28.93
N PHE A 7 9.11 21.57 29.21
CA PHE A 7 8.54 20.70 28.18
C PHE A 7 7.05 20.53 28.46
N VAL A 8 6.21 20.76 27.45
CA VAL A 8 4.78 20.58 27.63
C VAL A 8 4.37 19.29 26.96
N GLU A 9 4.12 18.27 27.78
CA GLU A 9 3.78 16.95 27.27
C GLU A 9 2.32 16.98 26.86
N THR A 10 2.10 17.20 25.57
CA THR A 10 0.78 17.47 25.02
C THR A 10 0.08 16.21 24.52
N LEU A 11 -1.16 16.01 24.97
CA LEU A 11 -2.07 15.10 24.31
C LEU A 11 -2.77 15.88 23.21
N VAL A 12 -2.98 15.22 22.07
CA VAL A 12 -3.73 15.82 20.99
C VAL A 12 -4.89 14.91 20.62
N VAL A 13 -6.10 15.48 20.57
CA VAL A 13 -7.27 14.72 20.25
C VAL A 13 -7.94 15.33 19.03
N ALA A 14 -8.01 14.54 17.96
CA ALA A 14 -8.77 14.91 16.77
C ALA A 14 -10.14 14.28 16.82
N ASP A 15 -11.16 15.05 16.45
CA ASP A 15 -12.50 14.53 16.61
C ASP A 15 -13.05 13.84 15.36
N ASP A 16 -14.19 13.20 15.59
CA ASP A 16 -14.98 12.45 14.62
C ASP A 16 -15.10 13.11 13.24
N LYS A 17 -15.31 14.43 13.21
CA LYS A 17 -15.52 15.19 11.98
C LYS A 17 -14.19 15.69 11.41
N MET A 18 -13.20 15.80 12.27
CA MET A 18 -11.87 16.21 11.84
C MET A 18 -11.32 15.10 10.95
N ALA A 19 -11.77 13.87 11.22
CA ALA A 19 -11.34 12.66 10.52
C ALA A 19 -11.97 12.58 9.13
N ALA A 20 -13.29 12.76 9.09
CA ALA A 20 -14.00 12.79 7.83
C ALA A 20 -13.34 13.79 6.89
N PHE A 21 -13.02 14.98 7.40
CA PHE A 21 -12.47 16.05 6.57
C PHE A 21 -11.06 15.78 6.03
N HIS A 22 -10.20 15.23 6.87
CA HIS A 22 -8.78 15.13 6.56
C HIS A 22 -8.31 13.77 6.05
N GLY A 23 -9.11 12.75 6.33
CA GLY A 23 -8.80 11.37 5.97
C GLY A 23 -7.41 10.94 6.41
N ALA A 24 -6.78 10.10 5.58
CA ALA A 24 -5.41 9.66 5.81
C ALA A 24 -4.46 10.82 6.08
N GLY A 25 -4.77 11.99 5.54
CA GLY A 25 -3.87 13.14 5.66
C GLY A 25 -3.81 13.78 7.03
N LEU A 26 -4.58 13.22 7.97
CA LEU A 26 -4.81 13.88 9.26
C LEU A 26 -3.57 13.93 10.15
N LYS A 27 -3.09 12.79 10.63
CA LYS A 27 -1.92 12.76 11.50
C LYS A 27 -0.87 13.76 11.04
N ARG A 28 -0.53 13.71 9.75
CA ARG A 28 0.49 14.60 9.18
C ARG A 28 0.06 16.06 9.33
N TYR A 29 -1.19 16.33 9.01
CA TYR A 29 -1.74 17.69 9.13
C TYR A 29 -1.55 18.18 10.56
N LEU A 30 -2.17 17.47 11.52
CA LEU A 30 -2.10 17.79 12.93
C LEU A 30 -0.70 18.00 13.44
N LEU A 31 0.24 17.20 12.96
CA LEU A 31 1.63 17.38 13.31
C LEU A 31 2.22 18.68 12.73
N THR A 32 1.83 19.01 11.51
CA THR A 32 2.29 20.24 10.84
C THR A 32 1.84 21.53 11.55
N VAL A 33 0.62 21.47 12.09
CA VAL A 33 0.03 22.57 12.85
C VAL A 33 0.76 22.69 14.19
N MET A 34 0.99 21.55 14.82
CA MET A 34 1.51 21.51 16.18
C MET A 34 2.93 21.96 16.18
N ALA A 35 3.68 21.44 15.21
CA ALA A 35 4.98 21.96 14.86
C ALA A 35 4.90 23.46 14.89
N ALA A 36 3.99 24.05 14.11
CA ALA A 36 3.94 25.51 13.98
C ALA A 36 3.68 26.25 15.29
N ALA A 37 2.73 25.76 16.10
CA ALA A 37 2.57 26.29 17.45
C ALA A 37 3.90 26.18 18.22
N ALA A 38 4.53 25.00 18.16
CA ALA A 38 5.77 24.77 18.89
C ALA A 38 6.86 25.76 18.51
N LYS A 39 6.88 26.18 17.25
CA LYS A 39 7.86 27.15 16.76
C LYS A 39 7.66 28.54 17.38
N ALA A 40 6.42 28.83 17.76
CA ALA A 40 6.10 30.13 18.34
C ALA A 40 6.58 30.19 19.79
N PHE A 41 6.40 29.09 20.54
CA PHE A 41 6.80 29.03 21.95
C PHE A 41 8.31 28.97 22.10
N LYS A 42 9.01 28.75 20.99
CA LYS A 42 10.46 28.59 21.02
C LYS A 42 11.13 29.92 20.71
N HIS A 43 10.31 30.95 20.48
CA HIS A 43 10.82 32.26 20.07
C HIS A 43 11.29 33.15 21.23
N PRO A 44 12.52 33.69 21.12
CA PRO A 44 13.14 34.55 22.14
C PRO A 44 12.24 35.64 22.71
N SER A 45 11.19 35.99 21.97
CA SER A 45 10.25 37.02 22.41
C SER A 45 9.44 36.57 23.62
N ILE A 46 9.27 35.27 23.78
CA ILE A 46 8.55 34.73 24.92
C ILE A 46 9.43 34.77 26.18
N ARG A 47 10.73 34.96 25.96
CA ARG A 47 11.74 35.10 27.04
C ARG A 47 11.92 33.87 27.93
N ASN A 48 11.28 32.76 27.55
CA ASN A 48 11.40 31.50 28.27
C ASN A 48 11.61 30.27 27.37
N PRO A 49 12.56 29.39 27.74
CA PRO A 49 12.77 28.16 26.97
C PRO A 49 11.61 27.18 27.15
N VAL A 50 10.51 27.42 26.43
CA VAL A 50 9.37 26.53 26.45
C VAL A 50 9.36 25.69 25.19
N SER A 51 9.16 24.38 25.35
CA SER A 51 9.23 23.42 24.25
C SER A 51 7.95 22.62 24.13
N LEU A 52 7.11 22.99 23.16
CA LEU A 52 5.87 22.27 22.91
C LEU A 52 6.13 20.93 22.23
N VAL A 53 5.56 19.88 22.80
CA VAL A 53 5.91 18.50 22.43
C VAL A 53 4.70 17.58 22.55
N VAL A 54 4.43 16.85 21.46
CA VAL A 54 3.32 15.91 21.42
C VAL A 54 3.82 14.52 21.81
N THR A 55 3.22 13.94 22.85
CA THR A 55 3.61 12.61 23.32
C THR A 55 2.56 11.57 22.98
N ARG A 56 1.33 12.02 22.76
CA ARG A 56 0.23 11.16 22.34
C ARG A 56 -0.57 11.87 21.27
N LEU A 57 -1.10 11.11 20.33
CA LEU A 57 -2.01 11.63 19.32
C LEU A 57 -3.16 10.64 19.16
N VAL A 58 -4.40 11.10 19.35
CA VAL A 58 -5.57 10.21 19.19
C VAL A 58 -6.63 10.68 18.19
N ILE A 59 -7.09 9.75 17.36
CA ILE A 59 -8.07 10.05 16.32
C ILE A 59 -9.31 9.18 16.53
N LEU A 60 -10.49 9.82 16.56
CA LEU A 60 -11.73 9.12 16.95
C LEU A 60 -12.69 8.77 15.79
N GLY A 61 -13.70 7.97 16.13
CA GLY A 61 -14.85 7.70 15.26
C GLY A 61 -16.12 8.14 16.01
N SER A 62 -17.29 7.57 15.68
CA SER A 62 -17.52 6.50 14.69
C SER A 62 -16.82 5.19 15.08
N GLY A 63 -17.39 4.53 16.09
CA GLY A 63 -16.79 3.35 16.69
C GLY A 63 -16.09 3.67 18.00
N GLU A 64 -15.63 4.92 18.15
CA GLU A 64 -14.95 5.38 19.37
C GLU A 64 -15.70 6.47 20.13
N GLU A 65 -16.53 6.05 21.08
CA GLU A 65 -17.24 6.96 21.98
C GLU A 65 -16.29 8.00 22.57
N GLY A 66 -16.39 9.23 22.07
CA GLY A 66 -15.49 10.32 22.48
C GLY A 66 -16.17 11.35 23.37
N PRO A 67 -15.64 12.59 23.38
CA PRO A 67 -16.32 13.65 24.12
C PRO A 67 -17.55 14.12 23.36
N GLN A 68 -18.49 14.75 24.07
CA GLN A 68 -19.71 15.24 23.46
C GLN A 68 -19.46 16.66 22.95
N VAL A 69 -18.86 16.75 21.76
CA VAL A 69 -18.45 18.02 21.14
C VAL A 69 -19.64 18.74 20.50
N GLY A 70 -19.74 20.03 20.76
CA GLY A 70 -20.94 20.79 20.43
C GLY A 70 -21.94 20.69 21.58
N PRO A 71 -23.04 21.48 21.53
CA PRO A 71 -23.35 22.51 20.52
C PRO A 71 -22.45 23.74 20.60
N SER A 72 -22.20 24.22 21.82
CA SER A 72 -21.41 25.44 22.02
C SER A 72 -19.90 25.19 22.21
N ALA A 73 -19.12 26.26 22.32
CA ALA A 73 -17.70 26.13 22.61
C ALA A 73 -17.46 25.97 24.11
N ALA A 74 -18.24 26.69 24.92
CA ALA A 74 -18.18 26.59 26.38
C ALA A 74 -18.54 25.21 26.86
N GLN A 75 -19.52 24.60 26.20
CA GLN A 75 -19.98 23.25 26.55
C GLN A 75 -18.95 22.22 26.13
N THR A 76 -18.39 22.41 24.94
CA THR A 76 -17.40 21.51 24.38
C THR A 76 -16.16 21.41 25.29
N LEU A 77 -15.73 22.54 25.85
CA LEU A 77 -14.58 22.58 26.75
C LEU A 77 -14.84 21.86 28.08
N ARG A 78 -16.02 22.08 28.66
CA ARG A 78 -16.38 21.34 29.89
C ARG A 78 -16.56 19.85 29.61
N SER A 79 -17.05 19.54 28.41
CA SER A 79 -17.19 18.17 27.95
C SER A 79 -15.82 17.52 27.78
N PHE A 80 -14.94 18.20 27.05
CA PHE A 80 -13.61 17.67 26.77
C PHE A 80 -12.83 17.47 28.06
N CYS A 81 -12.80 18.50 28.91
CA CYS A 81 -11.94 18.46 30.08
C CYS A 81 -12.33 17.37 31.06
N ALA A 82 -13.60 16.99 31.06
CA ALA A 82 -14.09 15.87 31.86
C ALA A 82 -13.75 14.53 31.19
N TRP A 83 -13.72 14.53 29.86
CA TRP A 83 -13.36 13.34 29.08
C TRP A 83 -11.85 13.05 29.20
N GLN A 84 -11.04 14.03 28.80
CA GLN A 84 -9.57 13.94 28.74
C GLN A 84 -8.89 13.32 29.98
N ARG A 85 -9.55 13.44 31.13
CA ARG A 85 -9.05 12.90 32.40
C ARG A 85 -9.01 11.38 32.47
N GLY A 86 -9.92 10.73 31.75
CA GLY A 86 -9.99 9.27 31.72
C GLY A 86 -8.81 8.65 30.98
N LEU A 87 -8.01 9.52 30.38
CA LEU A 87 -6.85 9.13 29.58
C LEU A 87 -5.55 9.41 30.29
N ASN A 88 -5.59 10.32 31.26
CA ASN A 88 -4.39 10.72 31.99
C ASN A 88 -4.07 9.73 33.10
N THR A 89 -2.90 9.90 33.73
CA THR A 89 -2.46 9.03 34.82
C THR A 89 -2.16 9.83 36.09
N PRO A 90 -2.11 9.16 37.27
CA PRO A 90 -1.83 9.82 38.56
C PRO A 90 -0.50 10.59 38.65
N GLU A 91 0.62 9.96 38.29
CA GLU A 91 1.94 10.56 38.47
C GLU A 91 2.65 10.78 37.13
N ASP A 92 3.34 11.92 37.00
CA ASP A 92 4.03 12.33 35.75
C ASP A 92 5.21 11.41 35.38
N SER A 93 5.25 10.25 36.02
CA SER A 93 6.32 9.27 35.86
C SER A 93 6.01 8.25 34.77
N ASP A 94 4.72 8.05 34.51
CA ASP A 94 4.25 7.18 33.44
C ASP A 94 4.32 7.91 32.10
N PRO A 95 5.03 7.34 31.12
CA PRO A 95 5.09 7.91 29.76
C PRO A 95 3.73 8.34 29.22
N ASP A 96 2.65 7.69 29.67
CA ASP A 96 1.30 8.03 29.24
C ASP A 96 0.78 9.35 29.84
N HIS A 97 1.39 9.81 30.93
CA HIS A 97 0.97 11.06 31.54
C HIS A 97 1.27 12.24 30.64
N PHE A 98 0.25 13.04 30.38
CA PHE A 98 0.42 14.25 29.59
C PHE A 98 0.12 15.48 30.46
N ASP A 99 0.73 16.61 30.10
CA ASP A 99 0.57 17.86 30.84
C ASP A 99 -0.64 18.69 30.41
N THR A 100 -0.90 18.79 29.10
CA THR A 100 -2.13 19.43 28.63
C THR A 100 -2.73 18.70 27.44
N ALA A 101 -4.01 18.97 27.19
CA ALA A 101 -4.74 18.30 26.11
C ALA A 101 -5.41 19.31 25.18
N ILE A 102 -5.47 18.98 23.90
CA ILE A 102 -6.03 19.89 22.90
C ILE A 102 -7.00 19.09 22.05
N LEU A 103 -8.18 19.66 21.80
CA LEU A 103 -9.14 19.01 20.92
C LEU A 103 -9.32 19.84 19.67
N PHE A 104 -8.99 19.26 18.53
CA PHE A 104 -9.30 19.91 17.25
C PHE A 104 -10.59 19.32 16.72
N THR A 105 -11.54 20.19 16.35
CA THR A 105 -12.83 19.76 15.82
C THR A 105 -13.15 20.60 14.59
N ARG A 106 -13.74 19.98 13.58
CA ARG A 106 -14.24 20.76 12.44
C ARG A 106 -15.73 21.07 12.48
N GLN A 107 -16.30 21.01 13.68
CA GLN A 107 -17.66 21.43 13.90
C GLN A 107 -17.69 22.95 14.04
N ASP A 108 -18.62 23.57 13.31
CA ASP A 108 -18.84 25.01 13.40
C ASP A 108 -19.44 25.34 14.75
N LEU A 109 -18.57 25.77 15.66
CA LEU A 109 -18.99 26.18 17.00
C LEU A 109 -19.08 27.70 17.07
N CYS A 110 -18.15 28.34 16.35
CA CYS A 110 -18.00 29.79 16.35
C CYS A 110 -18.86 30.48 15.30
N GLY A 111 -20.00 29.87 15.02
CA GLY A 111 -21.03 30.44 14.17
C GLY A 111 -22.37 30.18 14.83
N VAL A 112 -22.34 29.42 15.93
CA VAL A 112 -23.52 29.15 16.76
C VAL A 112 -23.31 29.70 18.17
N SER A 113 -22.05 29.78 18.57
CA SER A 113 -21.69 30.18 19.92
C SER A 113 -20.53 31.16 19.91
N THR A 114 -20.47 31.99 20.95
CA THR A 114 -19.31 32.84 21.21
C THR A 114 -18.04 31.99 21.40
N CYS A 115 -16.88 32.56 21.08
CA CYS A 115 -15.59 31.89 21.25
C CYS A 115 -14.41 32.83 21.08
N ASP A 116 -13.29 32.45 21.69
CA ASP A 116 -12.14 33.34 21.87
C ASP A 116 -11.51 33.77 20.54
N THR A 117 -10.82 32.85 19.86
CA THR A 117 -10.45 33.08 18.49
C THR A 117 -11.40 32.17 17.72
N LEU A 118 -10.95 30.94 17.52
CA LEU A 118 -11.80 29.90 17.01
C LEU A 118 -11.75 28.75 18.00
N GLY A 119 -11.66 29.11 19.27
CA GLY A 119 -11.51 28.12 20.33
C GLY A 119 -11.60 28.67 21.73
N MET A 120 -11.32 27.81 22.71
CA MET A 120 -11.53 28.12 24.11
C MET A 120 -10.45 27.51 24.97
N ALA A 121 -10.25 28.09 26.16
CA ALA A 121 -9.37 27.55 27.20
C ALA A 121 -9.56 28.35 28.47
N ASP A 122 -9.28 27.73 29.61
CA ASP A 122 -9.19 28.46 30.88
C ASP A 122 -7.78 29.01 31.04
N VAL A 123 -7.63 30.00 31.91
CA VAL A 123 -6.36 30.68 32.13
C VAL A 123 -5.59 30.10 33.31
N GLY A 124 -4.29 29.87 33.11
CA GLY A 124 -3.38 29.43 34.16
C GLY A 124 -3.66 28.05 34.75
N THR A 125 -3.66 27.04 33.89
CA THR A 125 -4.03 25.68 34.31
C THR A 125 -2.97 24.62 33.99
N VAL A 126 -1.84 25.04 33.43
CA VAL A 126 -0.90 24.10 32.82
C VAL A 126 -0.75 22.80 33.60
N CYS A 127 -0.58 22.92 34.91
CA CYS A 127 -0.27 21.76 35.75
C CYS A 127 -1.40 21.29 36.65
N ASP A 128 -2.63 21.72 36.36
CA ASP A 128 -3.83 21.14 36.94
C ASP A 128 -4.41 20.14 35.93
N PRO A 129 -4.20 18.83 36.15
CA PRO A 129 -4.71 17.80 35.23
C PRO A 129 -6.22 17.84 35.02
N ALA A 130 -6.95 18.39 35.99
CA ALA A 130 -8.41 18.41 35.90
C ALA A 130 -8.89 19.53 35.01
N ARG A 131 -8.02 20.49 34.73
CA ARG A 131 -8.40 21.71 34.02
C ARG A 131 -7.45 22.11 32.89
N SER A 132 -6.33 21.40 32.77
CA SER A 132 -5.38 21.70 31.70
C SER A 132 -5.85 21.09 30.39
N CYS A 133 -6.51 21.91 29.56
CA CYS A 133 -7.04 21.44 28.32
C CYS A 133 -7.51 22.61 27.41
N ALA A 134 -7.73 22.32 26.13
CA ALA A 134 -8.16 23.34 25.16
C ALA A 134 -9.01 22.76 24.02
N ILE A 135 -9.81 23.63 23.42
CA ILE A 135 -10.54 23.36 22.17
C ILE A 135 -10.08 24.29 21.04
N VAL A 136 -9.89 23.76 19.83
CA VAL A 136 -9.69 24.54 18.61
C VAL A 136 -10.65 24.09 17.51
N GLU A 137 -11.43 25.00 16.93
CA GLU A 137 -12.19 24.73 15.70
C GLU A 137 -11.18 24.83 14.54
N ASP A 138 -11.00 23.76 13.80
CA ASP A 138 -10.03 23.81 12.71
C ASP A 138 -10.58 24.53 11.50
N ASP A 139 -9.71 25.27 10.80
CA ASP A 139 -10.09 25.82 9.51
C ASP A 139 -8.89 26.15 8.65
N GLY A 140 -7.90 25.28 8.68
CA GLY A 140 -6.71 25.51 7.90
C GLY A 140 -5.45 25.52 8.75
N LEU A 141 -4.33 25.78 8.08
CA LEU A 141 -3.04 25.72 8.72
C LEU A 141 -2.96 26.80 9.78
N GLN A 142 -3.61 27.92 9.53
CA GLN A 142 -3.60 29.02 10.49
C GLN A 142 -4.26 28.63 11.85
N SER A 143 -4.78 27.40 11.96
CA SER A 143 -5.30 26.95 13.25
C SER A 143 -4.16 26.63 14.23
N ALA A 144 -2.93 26.75 13.73
CA ALA A 144 -1.72 26.68 14.53
C ALA A 144 -1.59 27.89 15.46
N PHE A 145 -2.11 29.03 15.02
CA PHE A 145 -2.13 30.19 15.89
C PHE A 145 -3.31 30.19 16.83
N THR A 146 -4.45 29.70 16.37
CA THR A 146 -5.57 29.53 17.26
C THR A 146 -5.08 28.71 18.45
N ALA A 147 -4.29 27.66 18.13
CA ALA A 147 -3.72 26.73 19.10
C ALA A 147 -2.87 27.46 20.14
N ALA A 148 -1.82 28.13 19.67
CA ALA A 148 -0.90 28.89 20.50
C ALA A 148 -1.64 29.91 21.38
N HIS A 149 -2.55 30.68 20.79
CA HIS A 149 -3.36 31.62 21.56
C HIS A 149 -4.05 30.94 22.74
N GLN A 150 -4.65 29.77 22.50
CA GLN A 150 -5.32 29.06 23.57
C GLN A 150 -4.35 28.51 24.62
N LEU A 151 -3.21 28.00 24.17
CA LEU A 151 -2.20 27.49 25.08
C LEU A 151 -1.61 28.66 25.86
N GLY A 152 -1.49 29.80 25.20
CA GLY A 152 -1.06 31.03 25.86
C GLY A 152 -1.86 31.31 27.11
N HIS A 153 -3.19 31.27 26.97
CA HIS A 153 -4.11 31.39 28.09
C HIS A 153 -3.81 30.33 29.16
N VAL A 154 -3.56 29.10 28.73
CA VAL A 154 -3.14 28.03 29.64
C VAL A 154 -1.94 28.47 30.50
N PHE A 155 -0.98 29.16 29.89
CA PHE A 155 0.13 29.74 30.64
C PHE A 155 -0.18 31.10 31.30
N ASN A 156 -1.43 31.30 31.70
CA ASN A 156 -1.82 32.51 32.43
C ASN A 156 -1.73 33.83 31.63
N MET A 157 -1.76 33.75 30.30
CA MET A 157 -1.70 34.95 29.51
C MET A 157 -3.09 35.55 29.33
N LEU A 158 -3.12 36.87 29.19
CA LEU A 158 -4.35 37.58 28.88
C LEU A 158 -4.25 38.19 27.49
N HIS A 159 -5.40 38.67 26.98
CA HIS A 159 -5.44 39.37 25.70
C HIS A 159 -4.63 40.67 25.77
N ASP A 160 -3.98 41.00 24.65
CA ASP A 160 -3.13 42.19 24.54
C ASP A 160 -3.89 43.53 24.54
N ASN A 161 -5.21 43.46 24.68
CA ASN A 161 -6.04 44.67 24.80
C ASN A 161 -6.65 44.85 26.19
N SER A 162 -6.19 44.04 27.14
CA SER A 162 -6.62 44.17 28.53
C SER A 162 -5.87 45.29 29.23
N LYS A 163 -6.49 45.87 30.26
CA LYS A 163 -5.87 46.90 31.10
C LYS A 163 -4.41 46.61 31.50
N PRO A 164 -4.12 45.41 32.06
CA PRO A 164 -2.72 45.10 32.36
C PRO A 164 -1.79 45.14 31.13
N CYS A 165 -2.28 44.70 29.98
CA CYS A 165 -1.41 44.63 28.80
C CYS A 165 -1.09 45.98 28.12
N ILE A 166 -2.01 46.94 28.20
CA ILE A 166 -1.74 48.30 27.69
C ILE A 166 -0.50 48.91 28.38
N SER A 167 -0.45 48.82 29.70
CA SER A 167 0.70 49.29 30.48
C SER A 167 2.01 48.73 29.97
N LEU A 168 2.05 47.42 29.77
CA LEU A 168 3.28 46.71 29.47
C LEU A 168 3.70 46.79 28.00
N ASN A 169 2.72 46.75 27.09
CA ASN A 169 2.97 46.82 25.65
C ASN A 169 3.27 48.23 25.11
N GLY A 170 2.74 49.26 25.78
CA GLY A 170 2.94 50.62 25.35
C GLY A 170 1.84 51.09 24.41
N PRO A 171 1.67 52.41 24.30
CA PRO A 171 0.63 52.99 23.45
C PRO A 171 0.72 52.63 21.96
N LEU A 172 1.94 52.47 21.43
CA LEU A 172 2.15 52.23 20.00
C LEU A 172 2.13 50.74 19.66
N SER A 173 1.61 49.94 20.60
CA SER A 173 1.41 48.51 20.41
C SER A 173 0.53 48.24 19.21
N THR A 174 0.87 47.19 18.49
CA THR A 174 0.11 46.69 17.34
C THR A 174 -0.69 45.43 17.77
N SER A 175 -1.52 44.88 16.88
CA SER A 175 -2.22 43.64 17.21
C SER A 175 -1.66 42.47 16.42
N ARG A 176 -0.37 42.56 16.12
CA ARG A 176 0.33 41.56 15.35
C ARG A 176 1.03 40.55 16.25
N HIS A 177 0.29 40.04 17.25
CA HIS A 177 0.81 39.09 18.23
C HIS A 177 -0.18 37.99 18.59
N VAL A 178 0.31 36.92 19.21
CA VAL A 178 -0.48 35.71 19.48
C VAL A 178 -1.69 35.97 20.40
N MET A 179 -1.52 36.89 21.35
CA MET A 179 -2.53 37.12 22.36
C MET A 179 -3.34 38.37 22.06
N ALA A 180 -3.58 38.60 20.78
CA ALA A 180 -4.50 39.63 20.33
C ALA A 180 -5.86 38.97 20.13
N PRO A 181 -6.95 39.63 20.59
CA PRO A 181 -8.28 39.04 20.62
C PRO A 181 -8.91 38.87 19.22
N VAL A 182 -8.33 39.50 18.22
CA VAL A 182 -8.82 39.41 16.86
C VAL A 182 -8.19 38.21 16.19
N MET A 183 -8.71 37.80 15.02
CA MET A 183 -8.09 36.73 14.23
C MET A 183 -6.75 37.25 13.74
N ALA A 184 -5.67 36.60 14.18
CA ALA A 184 -4.39 37.25 14.24
C ALA A 184 -3.51 37.06 13.01
N HIS A 185 -2.58 37.99 12.85
CA HIS A 185 -1.60 38.02 11.76
C HIS A 185 -0.23 38.25 12.41
N VAL A 186 0.15 37.28 13.25
CA VAL A 186 1.29 37.36 14.16
C VAL A 186 2.62 37.71 13.49
N ASP A 187 3.26 38.80 13.95
CA ASP A 187 4.60 39.19 13.51
C ASP A 187 5.61 38.13 13.94
N PRO A 188 6.19 37.41 12.98
CA PRO A 188 7.11 36.31 13.34
C PRO A 188 8.48 36.75 13.86
N GLU A 189 8.82 38.03 13.70
CA GLU A 189 9.98 38.62 14.38
C GLU A 189 9.71 38.85 15.88
N GLU A 190 8.42 38.93 16.23
CA GLU A 190 8.00 39.25 17.60
C GLU A 190 6.65 38.62 17.93
N PRO A 191 6.54 37.27 17.83
CA PRO A 191 5.26 36.57 18.04
C PRO A 191 4.53 36.96 19.32
N TRP A 192 5.24 37.05 20.44
CA TRP A 192 4.66 37.40 21.73
C TRP A 192 5.02 38.84 22.14
N SER A 193 4.03 39.55 22.66
CA SER A 193 4.20 40.89 23.22
C SER A 193 4.92 40.88 24.56
N PRO A 194 5.50 42.03 24.98
CA PRO A 194 5.95 42.22 26.36
C PRO A 194 4.98 41.68 27.43
N CYS A 195 3.69 41.98 27.28
CA CYS A 195 2.67 41.58 28.25
C CYS A 195 2.53 40.07 28.38
N SER A 196 2.52 39.37 27.26
CA SER A 196 2.48 37.92 27.28
C SER A 196 3.81 37.37 27.81
N ALA A 197 4.92 38.00 27.42
CA ALA A 197 6.24 37.59 27.90
C ALA A 197 6.34 37.67 29.41
N ARG A 198 5.71 38.69 30.00
CA ARG A 198 5.74 38.84 31.46
C ARG A 198 4.83 37.85 32.18
N PHE A 199 3.56 37.80 31.79
CA PHE A 199 2.60 36.93 32.45
C PHE A 199 3.06 35.47 32.55
N ILE A 200 3.76 34.98 31.51
CA ILE A 200 4.31 33.62 31.57
C ILE A 200 5.51 33.54 32.52
N THR A 201 6.40 34.52 32.44
CA THR A 201 7.55 34.55 33.33
C THR A 201 7.08 34.46 34.79
N ASP A 202 6.20 35.38 35.19
CA ASP A 202 5.62 35.37 36.54
C ASP A 202 5.00 34.03 36.92
N PHE A 203 4.25 33.44 35.99
CA PHE A 203 3.62 32.13 36.17
C PHE A 203 4.67 31.08 36.52
N LEU A 204 5.62 30.88 35.61
CA LEU A 204 6.69 29.88 35.80
C LEU A 204 7.58 30.15 37.02
N ASP A 205 7.96 31.42 37.23
CA ASP A 205 8.74 31.84 38.37
C ASP A 205 8.05 31.58 39.69
N ASN A 206 6.73 31.72 39.72
CA ASN A 206 5.94 31.40 40.92
C ASN A 206 5.59 29.91 41.03
N GLY A 207 6.37 29.08 40.34
CA GLY A 207 6.27 27.63 40.43
C GLY A 207 4.98 27.01 39.93
N TYR A 208 4.35 27.64 38.95
CA TYR A 208 3.11 27.06 38.41
C TYR A 208 3.36 26.01 37.32
N GLY A 209 4.57 26.04 36.75
CA GLY A 209 5.00 25.06 35.76
C GLY A 209 5.94 24.03 36.35
N HIS A 210 5.55 23.46 37.49
CA HIS A 210 6.35 22.47 38.21
C HIS A 210 6.35 21.13 37.52
N CYS A 211 5.38 20.93 36.64
CA CYS A 211 5.15 19.63 36.01
C CYS A 211 5.72 19.59 34.58
N LEU A 212 6.34 20.68 34.18
CA LEU A 212 6.89 20.78 32.84
C LEU A 212 8.39 20.57 32.86
N LEU A 213 8.88 19.91 33.91
CA LEU A 213 10.32 19.79 34.10
C LEU A 213 10.85 18.45 33.68
N ASP A 214 10.01 17.42 33.73
CA ASP A 214 10.37 16.10 33.21
C ASP A 214 10.32 16.06 31.67
N LYS A 215 11.35 15.49 31.08
CA LYS A 215 11.44 15.33 29.63
C LYS A 215 10.86 13.98 29.21
N PRO A 216 9.90 13.97 28.25
CA PRO A 216 9.31 12.70 27.82
C PRO A 216 10.32 11.90 27.01
N GLU A 217 10.35 10.59 27.21
CA GLU A 217 11.33 9.75 26.54
C GLU A 217 11.08 9.63 25.02
N ALA A 218 9.82 9.49 24.61
CA ALA A 218 9.52 9.31 23.19
C ALA A 218 8.39 10.20 22.68
N PRO A 219 8.73 11.43 22.26
CA PRO A 219 7.72 12.30 21.66
C PRO A 219 7.60 12.03 20.16
N LEU A 220 6.50 12.46 19.55
CA LEU A 220 6.32 12.33 18.10
C LEU A 220 7.17 13.34 17.35
N HIS A 221 7.69 12.91 16.21
CA HIS A 221 8.56 13.75 15.40
C HIS A 221 7.74 14.86 14.73
N LEU A 222 8.19 16.11 14.84
CA LEU A 222 7.48 17.22 14.24
C LEU A 222 8.24 17.79 13.06
N PRO A 223 7.54 18.04 11.94
CA PRO A 223 8.17 18.53 10.70
C PRO A 223 9.03 19.75 10.96
N VAL A 224 10.16 19.81 10.27
CA VAL A 224 11.08 20.93 10.44
C VAL A 224 11.10 21.83 9.21
N THR A 225 10.24 21.50 8.25
CA THR A 225 10.03 22.30 7.05
C THR A 225 8.90 23.29 7.32
N PHE A 226 8.86 24.36 6.55
CA PHE A 226 7.76 25.33 6.65
C PHE A 226 6.38 24.71 6.30
N PRO A 227 5.29 25.31 6.78
CA PRO A 227 3.97 24.78 6.41
C PRO A 227 3.59 25.03 4.95
N GLY A 228 4.17 26.06 4.33
CA GLY A 228 3.89 26.43 2.96
C GLY A 228 4.57 25.51 1.98
N LYS A 229 5.60 24.82 2.46
CA LYS A 229 6.31 23.83 1.68
C LYS A 229 5.62 22.48 1.76
N ASP A 230 4.99 22.22 2.91
CA ASP A 230 4.27 20.98 3.12
C ASP A 230 2.97 21.00 2.35
N TYR A 231 2.26 22.12 2.44
CA TYR A 231 1.02 22.31 1.70
C TYR A 231 1.08 23.61 0.93
N ASP A 232 1.01 23.50 -0.40
CA ASP A 232 1.07 24.66 -1.28
C ASP A 232 -0.22 25.50 -1.18
N ALA A 233 -0.23 26.62 -1.91
CA ALA A 233 -1.37 27.52 -1.91
C ALA A 233 -2.71 26.80 -2.15
N ASP A 234 -2.78 25.98 -3.20
CA ASP A 234 -4.03 25.25 -3.51
C ASP A 234 -4.46 24.36 -2.37
N ARG A 235 -3.51 23.60 -1.83
CA ARG A 235 -3.75 22.71 -0.70
C ARG A 235 -4.24 23.47 0.53
N GLN A 236 -3.55 24.57 0.85
CA GLN A 236 -3.97 25.46 1.92
C GLN A 236 -5.39 25.94 1.72
N CYS A 237 -5.71 26.33 0.49
CA CYS A 237 -7.08 26.67 0.14
C CYS A 237 -8.02 25.50 0.40
N GLN A 238 -7.57 24.32 -0.03
CA GLN A 238 -8.34 23.10 0.12
C GLN A 238 -8.62 22.82 1.59
N LEU A 239 -7.64 23.18 2.43
CA LEU A 239 -7.74 22.97 3.88
C LEU A 239 -8.71 23.91 4.57
N THR A 240 -8.73 25.17 4.15
CA THR A 240 -9.74 26.09 4.68
C THR A 240 -11.15 25.71 4.24
N PHE A 241 -11.38 25.60 2.92
CA PHE A 241 -12.73 25.63 2.33
C PHE A 241 -13.33 24.34 1.75
N GLY A 242 -12.51 23.35 1.42
CA GLY A 242 -13.03 22.11 0.83
C GLY A 242 -12.21 21.62 -0.36
N PRO A 243 -12.47 20.37 -0.79
CA PRO A 243 -11.65 19.73 -1.84
C PRO A 243 -11.66 20.44 -3.21
N ASP A 244 -12.77 21.11 -3.53
CA ASP A 244 -12.92 21.84 -4.79
C ASP A 244 -12.33 23.24 -4.78
N SER A 245 -11.77 23.67 -3.65
CA SER A 245 -11.30 25.05 -3.56
C SER A 245 -9.87 25.22 -4.09
N ARG A 246 -9.70 26.12 -5.06
CA ARG A 246 -8.38 26.41 -5.58
C ARG A 246 -7.98 27.81 -5.16
N HIS A 247 -6.68 28.05 -5.13
CA HIS A 247 -6.13 29.35 -4.79
C HIS A 247 -6.46 30.37 -5.86
N CYS A 248 -6.93 31.55 -5.44
CA CYS A 248 -7.00 32.74 -6.30
C CYS A 248 -5.73 33.61 -6.12
N PRO A 249 -4.63 33.31 -6.84
CA PRO A 249 -3.39 34.10 -6.67
C PRO A 249 -3.47 35.59 -7.04
N GLN A 250 -4.43 35.97 -7.87
CA GLN A 250 -4.45 37.31 -8.49
C GLN A 250 -4.58 38.51 -7.52
N LEU A 251 -5.05 38.25 -6.29
CA LEU A 251 -5.34 39.33 -5.33
C LEU A 251 -4.14 39.84 -4.54
N PRO A 252 -3.77 41.13 -4.76
CA PRO A 252 -2.63 41.74 -4.09
C PRO A 252 -3.01 42.19 -2.69
N PRO A 253 -2.04 42.27 -1.76
CA PRO A 253 -0.63 41.90 -1.94
C PRO A 253 -0.43 40.42 -1.67
N PRO A 254 0.63 39.83 -2.22
CA PRO A 254 0.91 38.42 -1.95
C PRO A 254 1.03 38.16 -0.45
N CYS A 255 0.56 36.99 0.00
CA CYS A 255 0.76 36.55 1.39
C CYS A 255 -0.26 37.05 2.41
N ALA A 256 -0.72 38.29 2.25
CA ALA A 256 -1.53 38.96 3.27
C ALA A 256 -2.86 38.29 3.56
N ALA A 257 -3.44 37.67 2.54
CA ALA A 257 -4.73 37.00 2.69
C ALA A 257 -4.81 35.85 1.69
N LEU A 258 -5.14 34.67 2.18
CA LEU A 258 -5.39 33.54 1.29
C LEU A 258 -6.82 33.61 0.79
N TRP A 259 -6.94 33.94 -0.51
CA TRP A 259 -8.22 33.94 -1.22
C TRP A 259 -8.35 32.65 -2.01
N CYS A 260 -9.48 31.98 -1.86
CA CYS A 260 -9.70 30.70 -2.53
C CYS A 260 -10.97 30.70 -3.37
N SER A 261 -11.04 29.85 -4.38
CA SER A 261 -12.18 29.84 -5.30
C SER A 261 -13.43 29.23 -4.67
N GLY A 262 -14.58 29.44 -5.31
CA GLY A 262 -15.84 28.87 -4.86
C GLY A 262 -16.96 29.06 -5.87
N HIS A 263 -18.06 28.36 -5.66
CA HIS A 263 -19.20 28.41 -6.57
C HIS A 263 -20.52 28.44 -5.82
N HIS A 267 -22.48 31.23 -10.77
CA HIS A 267 -21.18 31.58 -11.33
C HIS A 267 -20.00 31.18 -10.41
N ALA A 268 -18.88 31.92 -10.48
CA ALA A 268 -17.67 31.59 -9.72
C ALA A 268 -17.10 32.79 -8.96
N MET A 269 -16.51 32.51 -7.78
CA MET A 269 -16.14 33.56 -6.82
C MET A 269 -14.74 33.34 -6.24
N CYS A 270 -14.25 34.32 -5.50
CA CYS A 270 -13.10 34.15 -4.60
C CYS A 270 -13.48 34.52 -3.16
N GLN A 271 -13.29 33.60 -2.24
CA GLN A 271 -13.60 33.79 -0.82
C GLN A 271 -12.37 33.85 0.06
N THR A 272 -12.55 34.32 1.29
CA THR A 272 -11.45 34.46 2.24
C THR A 272 -11.90 34.42 3.68
N LYS A 273 -11.03 33.87 4.52
CA LYS A 273 -11.15 34.01 5.97
C LYS A 273 -10.14 35.03 6.48
N HIS A 274 -9.43 35.65 5.53
CA HIS A 274 -8.52 36.77 5.81
C HIS A 274 -7.25 36.41 6.58
N SER A 275 -7.00 35.12 6.78
CA SER A 275 -5.80 34.72 7.47
C SER A 275 -4.73 34.48 6.43
N PRO A 276 -3.47 34.90 6.71
CA PRO A 276 -2.43 34.88 5.69
C PRO A 276 -2.21 33.51 5.07
N TRP A 277 -1.41 33.50 4.00
CA TRP A 277 -0.86 32.29 3.43
C TRP A 277 0.05 31.73 4.50
N ALA A 278 0.22 30.41 4.52
CA ALA A 278 1.12 29.77 5.48
C ALA A 278 2.55 30.18 5.17
N ASP A 279 3.36 30.31 6.23
CA ASP A 279 4.76 30.71 6.11
C ASP A 279 5.51 29.78 5.19
N GLY A 280 6.28 30.34 4.27
CA GLY A 280 7.03 29.53 3.31
C GLY A 280 6.21 29.06 2.13
N THR A 281 5.17 29.81 1.79
CA THR A 281 4.48 29.58 0.53
C THR A 281 5.24 30.38 -0.50
N PRO A 282 5.64 29.74 -1.61
CA PRO A 282 6.25 30.51 -2.70
C PRO A 282 5.31 31.64 -3.11
N CYS A 283 5.87 32.84 -3.29
CA CYS A 283 5.08 34.00 -3.69
C CYS A 283 5.80 34.82 -4.75
N GLY A 284 7.02 34.41 -5.07
CA GLY A 284 7.84 35.06 -6.09
C GLY A 284 8.85 34.09 -6.66
N PRO A 285 9.72 34.58 -7.56
CA PRO A 285 10.75 33.72 -8.16
C PRO A 285 11.76 33.20 -7.12
N ALA A 286 12.25 34.08 -6.26
CA ALA A 286 13.18 33.73 -5.18
C ALA A 286 12.58 34.13 -3.84
N GLN A 287 11.26 33.94 -3.71
CA GLN A 287 10.52 34.45 -2.57
C GLN A 287 9.52 33.46 -1.99
N ALA A 288 9.31 33.56 -0.68
CA ALA A 288 8.22 32.89 0.00
C ALA A 288 7.66 33.89 1.00
N CYS A 289 6.54 33.55 1.63
CA CYS A 289 5.88 34.44 2.57
C CYS A 289 6.36 34.26 4.00
N MET A 290 6.60 35.37 4.69
CA MET A 290 6.86 35.33 6.13
C MET A 290 6.00 36.34 6.89
N GLY A 291 5.04 35.82 7.64
CA GLY A 291 4.18 36.62 8.49
C GLY A 291 3.26 37.50 7.69
N GLY A 292 2.89 37.04 6.50
CA GLY A 292 1.92 37.72 5.65
C GLY A 292 2.54 38.72 4.71
N ARG A 293 3.83 38.54 4.43
CA ARG A 293 4.58 39.39 3.51
C ARG A 293 5.48 38.53 2.63
N CYS A 294 5.66 38.97 1.39
CA CYS A 294 6.58 38.31 0.48
C CYS A 294 7.99 38.91 0.68
N LEU A 295 8.82 38.20 1.44
CA LEU A 295 10.24 38.55 1.60
C LEU A 295 11.09 37.38 1.13
N LEU B 4 2.99 -26.30 16.24
CA LEU B 4 4.46 -26.54 16.32
C LEU B 4 5.07 -25.57 17.32
N SER B 5 5.75 -26.10 18.34
CA SER B 5 6.49 -25.25 19.25
C SER B 5 7.77 -24.77 18.56
N ARG B 6 8.27 -23.61 18.98
CA ARG B 6 9.40 -22.98 18.31
C ARG B 6 10.50 -22.58 19.30
N PHE B 7 11.75 -22.77 18.92
CA PHE B 7 12.86 -22.58 19.86
C PHE B 7 13.88 -21.60 19.28
N VAL B 8 14.18 -20.56 20.05
CA VAL B 8 15.16 -19.56 19.64
C VAL B 8 16.54 -19.78 20.29
N GLU B 9 17.39 -20.55 19.63
CA GLU B 9 18.75 -20.80 20.11
C GLU B 9 19.55 -19.50 20.21
N THR B 10 19.64 -18.97 21.43
CA THR B 10 20.16 -17.62 21.65
C THR B 10 21.59 -17.55 22.16
N LEU B 11 22.38 -16.71 21.50
CA LEU B 11 23.71 -16.34 21.95
C LEU B 11 23.60 -15.09 22.81
N VAL B 12 24.13 -15.16 24.04
CA VAL B 12 24.22 -14.00 24.90
C VAL B 12 25.67 -13.55 25.02
N VAL B 13 25.92 -12.28 24.70
CA VAL B 13 27.26 -11.72 24.79
C VAL B 13 27.24 -10.54 25.76
N ALA B 14 28.28 -10.49 26.58
CA ALA B 14 28.50 -9.38 27.48
C ALA B 14 29.87 -8.79 27.18
N ASP B 15 29.98 -7.47 27.25
CA ASP B 15 31.27 -6.81 27.02
C ASP B 15 32.10 -6.65 28.30
N ASP B 16 33.34 -6.20 28.14
CA ASP B 16 34.25 -5.90 29.25
C ASP B 16 33.62 -5.01 30.32
N LYS B 17 32.88 -4.00 29.88
CA LYS B 17 32.17 -3.06 30.76
C LYS B 17 31.11 -3.77 31.61
N MET B 18 30.45 -4.76 31.02
CA MET B 18 29.46 -5.58 31.71
C MET B 18 30.14 -6.48 32.73
N ALA B 19 31.32 -7.00 32.38
CA ALA B 19 32.10 -7.85 33.26
C ALA B 19 32.65 -7.05 34.44
N ALA B 20 33.08 -5.83 34.17
CA ALA B 20 33.66 -4.94 35.18
C ALA B 20 32.67 -4.65 36.28
N PHE B 21 31.44 -4.38 35.87
CA PHE B 21 30.35 -4.08 36.79
C PHE B 21 29.98 -5.30 37.65
N HIS B 22 29.77 -6.45 36.99
CA HIS B 22 29.18 -7.61 37.65
C HIS B 22 30.16 -8.57 38.32
N GLY B 23 31.35 -8.68 37.75
CA GLY B 23 32.35 -9.61 38.27
C GLY B 23 31.85 -11.04 38.22
N ALA B 24 32.14 -11.79 39.27
CA ALA B 24 31.79 -13.22 39.35
C ALA B 24 30.31 -13.47 39.06
N GLY B 25 29.44 -12.62 39.61
CA GLY B 25 28.00 -12.80 39.49
C GLY B 25 27.36 -12.48 38.15
N LEU B 26 28.18 -12.37 37.10
CA LEU B 26 27.67 -12.02 35.76
C LEU B 26 26.88 -13.13 35.11
N LYS B 27 27.48 -14.31 34.93
CA LYS B 27 26.80 -15.44 34.33
C LYS B 27 25.42 -15.64 34.95
N ARG B 28 25.37 -15.65 36.27
CA ARG B 28 24.13 -15.88 37.00
C ARG B 28 23.12 -14.77 36.71
N TYR B 29 23.62 -13.54 36.55
CA TYR B 29 22.81 -12.38 36.22
C TYR B 29 22.28 -12.46 34.79
N LEU B 30 23.20 -12.63 33.83
CA LEU B 30 22.82 -12.77 32.43
C LEU B 30 21.72 -13.80 32.28
N LEU B 31 21.83 -14.91 33.02
CA LEU B 31 20.82 -15.96 32.98
C LEU B 31 19.54 -15.61 33.74
N THR B 32 19.63 -14.64 34.65
CA THR B 32 18.47 -14.19 35.40
C THR B 32 17.59 -13.34 34.49
N VAL B 33 18.21 -12.34 33.86
CA VAL B 33 17.56 -11.45 32.91
C VAL B 33 16.87 -12.27 31.81
N MET B 34 17.58 -13.27 31.29
CA MET B 34 17.09 -14.09 30.18
C MET B 34 15.87 -14.90 30.56
N ALA B 35 15.85 -15.39 31.80
CA ALA B 35 14.74 -16.16 32.33
C ALA B 35 13.46 -15.34 32.33
N ALA B 36 13.62 -14.03 32.44
CA ALA B 36 12.51 -13.11 32.54
C ALA B 36 11.95 -12.77 31.17
N ALA B 37 12.82 -12.75 30.16
CA ALA B 37 12.40 -12.53 28.79
C ALA B 37 11.85 -13.82 28.20
N ALA B 38 12.31 -14.97 28.69
CA ALA B 38 11.75 -16.24 28.26
C ALA B 38 10.31 -16.35 28.74
N LYS B 39 10.05 -15.89 29.96
CA LYS B 39 8.70 -15.99 30.53
C LYS B 39 7.75 -15.04 29.83
N ALA B 40 8.31 -13.97 29.24
CA ALA B 40 7.53 -13.04 28.43
C ALA B 40 6.99 -13.76 27.21
N PHE B 41 7.89 -14.42 26.47
CA PHE B 41 7.54 -15.12 25.24
C PHE B 41 6.68 -16.39 25.41
N LYS B 42 6.70 -16.97 26.61
CA LYS B 42 5.84 -18.13 26.86
C LYS B 42 4.36 -17.76 27.09
N HIS B 43 4.09 -16.50 27.37
CA HIS B 43 2.73 -16.06 27.72
C HIS B 43 1.75 -16.18 26.57
N PRO B 44 0.55 -16.76 26.82
CA PRO B 44 -0.48 -16.94 25.78
C PRO B 44 -0.88 -15.67 25.00
N SER B 45 -0.46 -14.50 25.49
CA SER B 45 -0.75 -13.20 24.84
C SER B 45 -0.08 -13.02 23.49
N ILE B 46 1.05 -13.65 23.30
CA ILE B 46 1.77 -13.58 22.04
C ILE B 46 1.13 -14.54 21.00
N ARG B 47 0.17 -15.34 21.47
CA ARG B 47 -0.63 -16.22 20.60
C ARG B 47 0.20 -17.30 19.90
N ASN B 48 1.48 -17.40 20.27
CA ASN B 48 2.38 -18.39 19.71
C ASN B 48 3.28 -19.08 20.75
N PRO B 49 3.60 -20.37 20.55
CA PRO B 49 4.56 -20.99 21.46
C PRO B 49 5.98 -20.66 21.02
N VAL B 50 6.68 -19.82 21.79
CA VAL B 50 8.07 -19.45 21.47
C VAL B 50 8.97 -19.54 22.68
N SER B 51 9.84 -20.55 22.70
CA SER B 51 10.78 -20.78 23.79
C SER B 51 12.15 -20.13 23.61
N LEU B 52 12.38 -19.04 24.35
CA LEU B 52 13.71 -18.47 24.47
C LEU B 52 14.65 -19.41 25.22
N VAL B 53 15.77 -19.73 24.58
CA VAL B 53 16.70 -20.72 25.05
C VAL B 53 18.12 -20.22 24.79
N VAL B 54 18.91 -20.11 25.85
CA VAL B 54 20.30 -19.71 25.72
C VAL B 54 21.13 -20.98 25.44
N THR B 55 21.94 -20.94 24.38
CA THR B 55 22.77 -22.10 24.02
C THR B 55 24.25 -21.78 24.12
N ARG B 56 24.59 -20.50 24.09
CA ARG B 56 25.96 -20.03 24.21
C ARG B 56 25.97 -18.66 24.88
N LEU B 57 26.63 -18.54 26.03
CA LEU B 57 26.85 -17.22 26.60
C LEU B 57 28.34 -17.01 26.80
N VAL B 58 28.88 -15.99 26.15
CA VAL B 58 30.30 -15.67 26.29
C VAL B 58 30.52 -14.28 26.83
N ILE B 59 31.54 -14.16 27.68
CA ILE B 59 31.95 -12.90 28.26
C ILE B 59 33.29 -12.51 27.64
N LEU B 60 33.38 -11.25 27.23
CA LEU B 60 34.57 -10.75 26.53
C LEU B 60 35.59 -10.17 27.49
N GLY B 66 36.75 -8.75 20.15
CA GLY B 66 35.36 -8.35 20.34
C GLY B 66 34.90 -7.25 19.39
N PRO B 67 33.58 -6.97 19.37
CA PRO B 67 33.07 -5.84 18.60
C PRO B 67 33.26 -4.54 19.37
N GLN B 68 33.64 -3.48 18.68
CA GLN B 68 33.87 -2.24 19.38
C GLN B 68 32.57 -1.52 19.69
N VAL B 69 32.24 -1.53 20.98
CA VAL B 69 31.02 -0.91 21.50
C VAL B 69 31.15 0.61 21.59
N GLY B 70 30.14 1.29 21.06
CA GLY B 70 30.15 2.75 20.97
C GLY B 70 30.84 3.26 19.72
N PRO B 71 30.88 4.59 19.53
CA PRO B 71 30.20 5.55 20.41
C PRO B 71 28.66 5.54 20.28
N SER B 72 28.16 5.40 19.06
CA SER B 72 26.72 5.39 18.81
C SER B 72 26.09 4.03 19.13
N ALA B 73 24.77 4.03 19.32
CA ALA B 73 24.02 2.79 19.53
C ALA B 73 23.86 2.06 18.21
N ALA B 74 23.60 2.82 17.16
CA ALA B 74 23.47 2.31 15.81
C ALA B 74 24.78 1.68 15.33
N GLN B 75 25.90 2.34 15.63
CA GLN B 75 27.24 1.83 15.31
C GLN B 75 27.54 0.52 16.04
N THR B 76 27.12 0.45 17.30
CA THR B 76 27.37 -0.72 18.15
C THR B 76 26.69 -1.97 17.59
N LEU B 77 25.49 -1.78 17.06
CA LEU B 77 24.72 -2.86 16.43
C LEU B 77 25.42 -3.39 15.17
N ARG B 78 25.64 -2.51 14.19
CA ARG B 78 26.31 -2.89 12.95
C ARG B 78 27.65 -3.61 13.21
N SER B 79 28.44 -3.05 14.12
CA SER B 79 29.71 -3.67 14.53
C SER B 79 29.50 -5.06 15.14
N PHE B 80 28.55 -5.16 16.06
CA PHE B 80 28.27 -6.43 16.74
C PHE B 80 27.69 -7.46 15.78
N CYS B 81 26.78 -7.00 14.90
CA CYS B 81 26.10 -7.89 13.96
C CYS B 81 27.08 -8.61 13.05
N ALA B 82 28.02 -7.85 12.51
CA ALA B 82 29.06 -8.37 11.61
C ALA B 82 30.11 -9.21 12.33
N TRP B 83 30.28 -8.96 13.62
CA TRP B 83 31.22 -9.72 14.46
C TRP B 83 30.60 -11.05 14.91
N GLN B 84 29.30 -11.00 15.20
CA GLN B 84 28.56 -12.18 15.64
C GLN B 84 28.70 -13.33 14.64
N ARG B 85 28.79 -12.98 13.35
CA ARG B 85 28.88 -13.94 12.25
C ARG B 85 30.03 -14.95 12.39
N GLY B 86 31.21 -14.45 12.76
CA GLY B 86 32.40 -15.29 12.93
C GLY B 86 32.27 -16.34 14.01
N LEU B 87 31.20 -16.23 14.80
CA LEU B 87 30.94 -17.17 15.89
C LEU B 87 29.87 -18.19 15.55
N ASN B 88 29.20 -18.03 14.42
CA ASN B 88 28.12 -18.93 14.03
C ASN B 88 28.53 -20.01 13.03
N THR B 89 28.13 -21.25 13.31
CA THR B 89 28.47 -22.40 12.50
C THR B 89 27.61 -22.44 11.24
N PRO B 90 28.18 -22.91 10.11
CA PRO B 90 27.47 -22.95 8.82
C PRO B 90 26.11 -23.66 8.82
N GLU B 91 25.98 -24.75 9.57
CA GLU B 91 24.74 -25.54 9.54
C GLU B 91 23.91 -25.45 10.83
N ASP B 92 22.59 -25.55 10.66
CA ASP B 92 21.60 -25.46 11.74
C ASP B 92 21.70 -26.51 12.85
N SER B 93 22.39 -27.61 12.57
CA SER B 93 22.38 -28.77 13.45
C SER B 93 23.55 -28.82 14.42
N ASP B 94 24.69 -28.28 14.00
CA ASP B 94 25.88 -28.24 14.85
C ASP B 94 25.50 -27.59 16.19
N PRO B 95 25.82 -28.26 17.32
CA PRO B 95 25.36 -27.80 18.63
C PRO B 95 25.72 -26.34 18.97
N ASP B 96 26.65 -25.76 18.21
CA ASP B 96 27.12 -24.40 18.47
C ASP B 96 26.49 -23.33 17.55
N HIS B 97 25.56 -23.75 16.69
CA HIS B 97 24.80 -22.81 15.85
C HIS B 97 23.81 -22.04 16.73
N PHE B 98 23.47 -20.81 16.31
CA PHE B 98 22.45 -20.03 17.01
C PHE B 98 21.54 -19.25 16.06
N ASP B 99 20.30 -19.05 16.48
CA ASP B 99 19.29 -18.35 15.71
C ASP B 99 19.27 -16.85 15.97
N THR B 100 19.85 -16.40 17.09
CA THR B 100 20.02 -14.97 17.36
C THR B 100 21.08 -14.67 18.41
N ALA B 101 21.64 -13.47 18.36
CA ALA B 101 22.63 -13.02 19.33
C ALA B 101 22.19 -11.72 20.00
N ILE B 102 22.39 -11.63 21.30
CA ILE B 102 22.20 -10.38 22.05
C ILE B 102 23.49 -9.98 22.76
N LEU B 103 23.85 -8.70 22.64
CA LEU B 103 24.98 -8.12 23.36
C LEU B 103 24.51 -7.18 24.46
N PHE B 104 24.90 -7.48 25.70
CA PHE B 104 24.67 -6.58 26.83
C PHE B 104 25.89 -5.73 27.10
N THR B 105 25.69 -4.43 27.16
CA THR B 105 26.78 -3.51 27.45
C THR B 105 26.47 -2.69 28.70
N ARG B 106 27.50 -2.04 29.24
CA ARG B 106 27.33 -1.13 30.36
C ARG B 106 27.53 0.32 29.95
N GLN B 107 28.11 0.52 28.77
CA GLN B 107 28.37 1.87 28.26
C GLN B 107 27.08 2.69 28.17
N ASP B 108 27.21 3.98 28.44
CA ASP B 108 26.12 4.93 28.30
C ASP B 108 25.80 5.19 26.82
N LEU B 109 25.35 4.14 26.13
CA LEU B 109 24.98 4.26 24.72
C LEU B 109 23.74 5.10 24.55
N CYS B 110 22.89 5.11 25.58
CA CYS B 110 21.62 5.82 25.54
C CYS B 110 21.68 7.23 26.09
N GLY B 111 22.79 7.56 26.74
CA GLY B 111 23.01 8.90 27.27
C GLY B 111 23.83 9.79 26.36
N VAL B 112 24.36 9.21 25.29
CA VAL B 112 25.17 9.96 24.33
C VAL B 112 24.59 9.89 22.90
N SER B 113 23.81 8.84 22.64
CA SER B 113 23.13 8.71 21.35
C SER B 113 21.63 8.40 21.55
N THR B 114 20.89 8.43 20.44
CA THR B 114 19.48 8.04 20.44
C THR B 114 19.39 6.51 20.38
N CYS B 115 18.51 5.93 21.20
CA CYS B 115 18.27 4.48 21.22
C CYS B 115 16.76 4.14 21.31
N ASP B 116 16.43 2.86 21.09
CA ASP B 116 15.03 2.40 20.95
C ASP B 116 14.21 2.39 22.25
N THR B 117 14.68 1.64 23.24
CA THR B 117 14.24 1.79 24.61
C THR B 117 15.51 2.08 25.39
N LEU B 118 16.32 1.04 25.58
CA LEU B 118 17.71 1.15 26.03
C LEU B 118 18.51 0.13 25.22
N GLY B 119 17.97 -0.22 24.05
CA GLY B 119 18.60 -1.15 23.14
C GLY B 119 18.37 -0.79 21.68
N MET B 120 18.80 -1.67 20.79
CA MET B 120 18.72 -1.44 19.34
C MET B 120 18.63 -2.77 18.60
N ALA B 121 17.78 -2.81 17.57
CA ALA B 121 17.60 -4.00 16.72
C ALA B 121 17.08 -3.66 15.32
N ASP B 122 17.33 -4.54 14.36
CA ASP B 122 16.68 -4.44 13.06
C ASP B 122 15.34 -5.18 13.12
N VAL B 123 14.36 -4.71 12.37
CA VAL B 123 13.03 -5.34 12.33
C VAL B 123 13.02 -6.55 11.40
N GLY B 124 12.51 -7.68 11.90
CA GLY B 124 12.24 -8.87 11.07
C GLY B 124 13.48 -9.54 10.54
N THR B 125 14.26 -10.14 11.44
CA THR B 125 15.55 -10.70 11.10
C THR B 125 15.83 -12.08 11.70
N VAL B 126 14.88 -12.65 12.44
CA VAL B 126 15.16 -13.80 13.31
C VAL B 126 16.02 -14.91 12.67
N CYS B 127 15.66 -15.34 11.46
CA CYS B 127 16.34 -16.47 10.81
C CYS B 127 17.31 -16.06 9.71
N ASP B 128 17.66 -14.78 9.68
CA ASP B 128 18.73 -14.28 8.85
C ASP B 128 19.93 -14.13 9.78
N PRO B 129 20.83 -15.14 9.82
CA PRO B 129 21.97 -15.11 10.74
C PRO B 129 22.99 -14.02 10.43
N ALA B 130 22.66 -13.17 9.47
CA ALA B 130 23.47 -12.00 9.16
C ALA B 130 22.95 -10.76 9.90
N ARG B 131 21.63 -10.60 9.95
CA ARG B 131 21.01 -9.43 10.57
C ARG B 131 20.39 -9.72 11.95
N SER B 132 20.34 -10.98 12.35
CA SER B 132 19.67 -11.42 13.59
C SER B 132 20.45 -11.08 14.87
N CYS B 133 20.46 -9.78 15.20
CA CYS B 133 21.24 -9.25 16.32
C CYS B 133 20.38 -8.35 17.19
N ALA B 134 20.89 -8.05 18.38
CA ALA B 134 20.30 -7.06 19.27
C ALA B 134 21.34 -6.56 20.26
N ILE B 135 21.33 -5.25 20.48
CA ILE B 135 22.19 -4.55 21.44
C ILE B 135 21.32 -4.15 22.63
N VAL B 136 21.82 -4.39 23.85
CA VAL B 136 21.08 -3.98 25.03
C VAL B 136 22.00 -3.30 26.02
N GLU B 137 21.56 -2.18 26.56
CA GLU B 137 22.27 -1.50 27.65
C GLU B 137 21.65 -1.91 28.97
N ASP B 138 22.47 -2.49 29.85
CA ASP B 138 21.98 -2.98 31.13
C ASP B 138 21.85 -1.85 32.13
N ASP B 139 20.68 -1.77 32.77
CA ASP B 139 20.39 -0.74 33.76
C ASP B 139 19.66 -1.32 34.98
N GLY B 140 19.96 -2.58 35.29
CA GLY B 140 19.25 -3.28 36.35
C GLY B 140 18.52 -4.52 35.83
N LEU B 141 17.54 -5.00 36.59
CA LEU B 141 16.81 -6.18 36.22
C LEU B 141 15.77 -5.91 35.13
N GLN B 142 15.39 -4.66 34.97
CA GLN B 142 14.37 -4.32 33.99
C GLN B 142 14.89 -4.42 32.56
N SER B 143 16.21 -4.50 32.42
CA SER B 143 16.81 -4.67 31.11
C SER B 143 16.40 -6.01 30.49
N ALA B 144 15.71 -6.84 31.26
CA ALA B 144 15.05 -8.04 30.73
C ALA B 144 13.98 -7.62 29.72
N PHE B 145 13.10 -6.72 30.16
CA PHE B 145 12.07 -6.14 29.31
C PHE B 145 12.65 -5.48 28.07
N THR B 146 13.76 -4.76 28.24
CA THR B 146 14.39 -4.12 27.09
C THR B 146 14.98 -5.13 26.08
N ALA B 147 15.34 -6.31 26.55
CA ALA B 147 15.76 -7.38 25.64
C ALA B 147 14.52 -8.05 25.01
N ALA B 148 13.47 -8.20 25.80
CA ALA B 148 12.19 -8.70 25.30
C ALA B 148 11.64 -7.75 24.23
N HIS B 149 12.02 -6.48 24.33
CA HIS B 149 11.53 -5.47 23.40
C HIS B 149 12.22 -5.59 22.07
N GLN B 150 13.54 -5.77 22.11
CA GLN B 150 14.34 -5.85 20.90
C GLN B 150 14.11 -7.17 20.19
N LEU B 151 13.85 -8.22 20.95
CA LEU B 151 13.46 -9.49 20.36
C LEU B 151 12.11 -9.36 19.68
N GLY B 152 11.21 -8.63 20.30
CA GLY B 152 9.93 -8.30 19.67
C GLY B 152 10.12 -7.77 18.27
N HIS B 153 10.94 -6.73 18.14
CA HIS B 153 11.32 -6.19 16.84
C HIS B 153 11.90 -7.28 15.95
N VAL B 154 12.88 -8.02 16.47
CA VAL B 154 13.54 -9.09 15.72
C VAL B 154 12.49 -10.03 15.08
N PHE B 155 11.39 -10.24 15.79
CA PHE B 155 10.28 -11.06 15.30
C PHE B 155 9.26 -10.27 14.46
N ASN B 156 9.71 -9.17 13.85
CA ASN B 156 8.90 -8.35 12.93
C ASN B 156 7.82 -7.45 13.57
N MET B 157 7.87 -7.29 14.90
CA MET B 157 6.86 -6.49 15.61
C MET B 157 7.18 -5.02 15.53
N LEU B 158 6.13 -4.20 15.61
CA LEU B 158 6.31 -2.76 15.62
C LEU B 158 5.91 -2.17 16.97
N HIS B 159 6.10 -0.86 17.13
CA HIS B 159 5.74 -0.15 18.36
C HIS B 159 4.23 0.06 18.44
N ASP B 160 3.67 -0.16 19.62
CA ASP B 160 2.23 -0.12 19.84
C ASP B 160 1.53 1.19 19.44
N ASN B 161 2.30 2.26 19.30
CA ASN B 161 1.71 3.57 18.98
C ASN B 161 1.74 3.89 17.48
N SER B 162 2.33 2.98 16.69
CA SER B 162 2.52 3.19 15.25
C SER B 162 1.23 3.00 14.46
N LYS B 163 1.26 3.49 13.23
CA LYS B 163 0.12 3.45 12.33
C LYS B 163 -0.59 2.09 12.27
N PRO B 164 0.14 1.00 11.92
CA PRO B 164 -0.55 -0.30 11.87
C PRO B 164 -1.16 -0.71 13.21
N CYS B 165 -0.41 -0.55 14.29
CA CYS B 165 -0.85 -1.02 15.59
C CYS B 165 -2.07 -0.29 16.15
N ILE B 166 -2.14 1.01 15.90
CA ILE B 166 -3.26 1.82 16.35
C ILE B 166 -4.59 1.23 15.88
N SER B 167 -4.63 0.81 14.61
CA SER B 167 -5.80 0.18 14.04
C SER B 167 -6.13 -1.15 14.73
N LEU B 168 -5.09 -1.90 15.07
CA LEU B 168 -5.26 -3.27 15.58
C LEU B 168 -5.55 -3.40 17.08
N ASN B 169 -5.09 -2.44 17.88
CA ASN B 169 -5.35 -2.50 19.31
C ASN B 169 -6.05 -1.30 19.95
N GLY B 170 -6.67 -0.44 19.13
CA GLY B 170 -7.49 0.67 19.62
C GLY B 170 -6.81 2.03 19.60
N PRO B 171 -7.57 3.12 19.38
CA PRO B 171 -6.99 4.46 19.42
C PRO B 171 -6.68 4.94 20.84
N LEU B 172 -7.52 4.55 21.79
CA LEU B 172 -7.39 4.96 23.19
C LEU B 172 -6.48 4.01 23.96
N SER B 173 -5.38 3.61 23.33
CA SER B 173 -4.53 2.53 23.84
C SER B 173 -3.29 3.05 24.57
N THR B 174 -2.82 2.26 25.53
CA THR B 174 -1.84 2.69 26.53
C THR B 174 -0.53 1.89 26.51
N SER B 175 0.52 2.51 27.04
CA SER B 175 1.78 1.82 27.29
C SER B 175 1.62 0.89 28.50
N ARG B 176 1.32 -0.37 28.19
CA ARG B 176 1.16 -1.40 29.20
C ARG B 176 1.65 -2.72 28.61
N HIS B 177 2.21 -2.64 27.42
CA HIS B 177 2.68 -3.81 26.71
C HIS B 177 4.18 -3.68 26.36
N VAL B 178 4.82 -4.81 26.09
CA VAL B 178 6.26 -4.85 25.84
C VAL B 178 6.71 -3.96 24.67
N MET B 179 5.91 -3.90 23.61
CA MET B 179 6.25 -3.12 22.43
C MET B 179 5.74 -1.68 22.48
N ALA B 180 5.64 -1.12 23.69
CA ALA B 180 5.40 0.31 23.83
C ALA B 180 6.71 1.03 23.50
N PRO B 181 6.62 2.26 22.96
CA PRO B 181 7.85 2.98 22.58
C PRO B 181 8.74 3.35 23.78
N VAL B 182 8.22 3.12 24.98
CA VAL B 182 8.85 3.55 26.22
C VAL B 182 8.65 2.51 27.31
N MET B 183 9.64 2.39 28.19
CA MET B 183 9.62 1.38 29.24
C MET B 183 8.52 1.67 30.29
N ALA B 184 7.34 1.07 30.10
CA ALA B 184 6.20 1.31 31.01
C ALA B 184 6.05 0.17 31.99
N HIS B 185 4.99 0.22 32.82
CA HIS B 185 4.64 -0.95 33.62
C HIS B 185 3.84 -1.94 32.77
N VAL B 186 4.57 -2.86 32.15
CA VAL B 186 4.01 -3.92 31.32
C VAL B 186 3.02 -4.75 32.13
N ASP B 187 1.78 -4.83 31.66
CA ASP B 187 0.76 -5.65 32.29
C ASP B 187 1.22 -7.11 32.30
N PRO B 188 1.46 -7.67 33.50
CA PRO B 188 1.97 -9.04 33.60
C PRO B 188 0.96 -10.05 33.09
N GLU B 189 -0.33 -9.74 33.24
CA GLU B 189 -1.42 -10.58 32.75
C GLU B 189 -1.53 -10.61 31.21
N GLU B 190 -1.09 -9.52 30.56
CA GLU B 190 -1.12 -9.43 29.09
C GLU B 190 0.07 -8.62 28.55
N PRO B 191 1.28 -9.20 28.56
CA PRO B 191 2.50 -8.47 28.18
C PRO B 191 2.54 -8.01 26.73
N TRP B 192 1.94 -8.78 25.83
CA TRP B 192 1.97 -8.42 24.41
C TRP B 192 0.63 -7.88 23.94
N SER B 193 0.69 -6.81 23.15
CA SER B 193 -0.49 -6.15 22.63
C SER B 193 -1.04 -6.93 21.45
N PRO B 194 -2.37 -6.87 21.24
CA PRO B 194 -3.01 -7.51 20.08
C PRO B 194 -2.28 -7.28 18.75
N CYS B 195 -1.61 -6.15 18.59
CA CYS B 195 -0.83 -5.86 17.39
C CYS B 195 0.41 -6.73 17.32
N SER B 196 1.16 -6.80 18.41
CA SER B 196 2.37 -7.61 18.47
C SER B 196 2.06 -9.07 18.20
N ALA B 197 0.97 -9.56 18.79
CA ALA B 197 0.52 -10.93 18.59
C ALA B 197 0.21 -11.17 17.12
N ARG B 198 -0.43 -10.18 16.49
CA ARG B 198 -0.80 -10.28 15.08
C ARG B 198 0.43 -10.27 14.17
N PHE B 199 1.33 -9.30 14.39
CA PHE B 199 2.53 -9.19 13.59
C PHE B 199 3.46 -10.41 13.67
N ILE B 200 3.57 -11.03 14.85
CA ILE B 200 4.44 -12.20 14.98
C ILE B 200 3.86 -13.44 14.31
N THR B 201 2.53 -13.60 14.41
CA THR B 201 1.83 -14.73 13.79
C THR B 201 2.08 -14.76 12.28
N ASP B 202 1.86 -13.62 11.61
CA ASP B 202 2.11 -13.48 10.18
C ASP B 202 3.57 -13.73 9.79
N PHE B 203 4.50 -13.39 10.67
CA PHE B 203 5.92 -13.61 10.42
C PHE B 203 6.25 -15.10 10.41
N LEU B 204 5.55 -15.84 11.28
CA LEU B 204 5.79 -17.27 11.42
C LEU B 204 5.04 -18.04 10.36
N ASP B 205 3.78 -17.66 10.13
CA ASP B 205 2.95 -18.27 9.10
C ASP B 205 3.62 -18.15 7.75
N ASN B 206 4.18 -16.97 7.46
CA ASN B 206 4.87 -16.73 6.20
C ASN B 206 6.27 -17.33 6.14
N GLY B 207 6.63 -18.09 7.16
CA GLY B 207 7.86 -18.87 7.17
C GLY B 207 9.13 -18.04 7.22
N TYR B 208 9.20 -17.12 8.17
CA TYR B 208 10.44 -16.42 8.42
C TYR B 208 11.10 -16.99 9.69
N GLY B 209 10.43 -17.94 10.33
CA GLY B 209 10.95 -18.65 11.49
C GLY B 209 11.34 -20.09 11.19
N HIS B 210 11.68 -20.36 9.93
CA HIS B 210 12.10 -21.68 9.50
C HIS B 210 13.24 -22.28 10.34
N CYS B 211 14.03 -21.40 10.98
CA CYS B 211 15.20 -21.83 11.71
C CYS B 211 14.91 -22.14 13.18
N LEU B 212 13.66 -21.94 13.59
CA LEU B 212 13.29 -22.04 15.00
C LEU B 212 12.58 -23.34 15.34
N LEU B 213 12.79 -24.37 14.51
CA LEU B 213 12.05 -25.63 14.67
C LEU B 213 12.85 -26.76 15.29
N ASP B 214 14.17 -26.71 15.15
CA ASP B 214 15.05 -27.69 15.79
C ASP B 214 15.24 -27.38 17.28
N LYS B 215 14.89 -28.35 18.11
CA LYS B 215 15.11 -28.25 19.55
C LYS B 215 16.62 -28.43 19.77
N PRO B 216 17.24 -27.56 20.61
CA PRO B 216 18.68 -27.60 20.79
C PRO B 216 19.11 -28.70 21.76
N GLU B 217 20.36 -29.16 21.63
CA GLU B 217 20.86 -30.31 22.38
C GLU B 217 21.04 -30.04 23.87
N ALA B 218 22.07 -29.24 24.19
CA ALA B 218 22.42 -28.93 25.56
C ALA B 218 22.27 -27.43 25.79
N PRO B 219 21.11 -27.02 26.30
CA PRO B 219 20.90 -25.60 26.61
C PRO B 219 21.50 -25.29 27.97
N LEU B 220 21.30 -24.06 28.45
CA LEU B 220 21.71 -23.67 29.79
C LEU B 220 20.51 -23.57 30.73
N HIS B 221 20.70 -24.00 31.97
CA HIS B 221 19.69 -23.90 33.02
C HIS B 221 19.28 -22.44 33.27
N LEU B 222 18.02 -22.11 33.00
CA LEU B 222 17.44 -20.84 33.43
C LEU B 222 16.94 -21.00 34.85
N PRO B 223 17.12 -19.96 35.68
CA PRO B 223 16.46 -19.99 36.99
C PRO B 223 14.94 -20.08 36.86
N VAL B 224 14.33 -20.96 37.66
CA VAL B 224 12.89 -20.98 37.84
C VAL B 224 12.48 -20.12 39.05
N THR B 225 13.47 -19.81 39.89
CA THR B 225 13.26 -19.03 41.12
C THR B 225 13.06 -17.54 40.84
N PHE B 226 12.31 -16.87 41.70
CA PHE B 226 11.93 -15.46 41.52
C PHE B 226 13.10 -14.49 41.70
N PRO B 227 13.20 -13.48 40.81
CA PRO B 227 14.34 -12.55 40.77
C PRO B 227 14.51 -11.75 42.07
N GLY B 228 13.39 -11.42 42.72
CA GLY B 228 13.42 -10.70 43.99
C GLY B 228 14.05 -11.50 45.11
N LYS B 229 13.98 -12.82 45.00
CA LYS B 229 14.61 -13.72 45.97
C LYS B 229 16.11 -13.86 45.70
N ASP B 230 16.48 -13.83 44.42
CA ASP B 230 17.87 -13.89 44.00
C ASP B 230 18.62 -12.57 44.29
N TYR B 231 17.93 -11.45 44.09
CA TYR B 231 18.51 -10.13 44.34
C TYR B 231 17.57 -9.29 45.18
N ASP B 232 17.97 -9.01 46.43
CA ASP B 232 17.12 -8.25 47.35
C ASP B 232 16.97 -6.79 46.95
N ALA B 233 16.12 -6.06 47.68
CA ALA B 233 15.83 -4.65 47.38
C ALA B 233 17.10 -3.80 47.30
N ASP B 234 18.07 -4.10 48.16
CA ASP B 234 19.36 -3.40 48.15
C ASP B 234 20.17 -3.74 46.90
N ARG B 235 20.22 -5.03 46.55
CA ARG B 235 20.93 -5.52 45.36
C ARG B 235 20.36 -4.93 44.07
N GLN B 236 19.04 -4.83 43.99
CA GLN B 236 18.38 -4.27 42.81
C GLN B 236 18.86 -2.85 42.55
N CYS B 237 18.96 -2.06 43.62
CA CYS B 237 19.46 -0.70 43.51
C CYS B 237 20.87 -0.62 42.98
N GLN B 238 21.77 -1.40 43.57
CA GLN B 238 23.16 -1.44 43.12
C GLN B 238 23.26 -1.73 41.62
N LEU B 239 22.41 -2.62 41.13
CA LEU B 239 22.41 -3.00 39.71
C LEU B 239 22.02 -1.84 38.81
N THR B 240 21.20 -0.95 39.36
CA THR B 240 20.70 0.18 38.60
C THR B 240 21.63 1.38 38.74
N PHE B 241 22.02 1.68 39.98
CA PHE B 241 22.79 2.89 40.31
C PHE B 241 24.15 2.61 40.96
N GLY B 242 24.82 1.55 40.53
CA GLY B 242 26.19 1.27 40.97
C GLY B 242 26.36 0.81 42.42
N PRO B 243 27.62 0.62 42.85
CA PRO B 243 27.92 -0.10 44.09
C PRO B 243 27.56 0.64 45.37
N ASP B 244 27.29 1.94 45.26
CA ASP B 244 27.05 2.76 46.46
C ASP B 244 25.58 2.90 46.86
N SER B 245 24.67 2.67 45.92
CA SER B 245 23.24 2.91 46.16
C SER B 245 22.64 1.89 47.12
N ARG B 246 21.59 2.29 47.85
CA ARG B 246 20.84 1.40 48.73
C ARG B 246 19.35 1.66 48.61
N HIS B 247 18.55 0.71 49.08
CA HIS B 247 17.08 0.79 49.02
C HIS B 247 16.49 1.84 49.96
N CYS B 248 15.58 2.68 49.42
CA CYS B 248 14.77 3.61 50.23
C CYS B 248 13.39 2.98 50.52
N PRO B 249 13.28 2.19 51.61
CA PRO B 249 12.07 1.39 51.81
C PRO B 249 10.84 2.20 52.17
N GLN B 250 11.03 3.30 52.89
CA GLN B 250 9.94 4.06 53.51
C GLN B 250 9.07 4.85 52.52
N LEU B 251 8.92 4.35 51.29
CA LEU B 251 8.18 5.07 50.26
C LEU B 251 6.92 4.37 49.75
N PRO B 252 5.81 4.45 50.53
CA PRO B 252 4.55 3.84 50.13
C PRO B 252 4.02 4.47 48.82
N PRO B 253 3.38 3.67 47.96
CA PRO B 253 3.09 2.23 48.11
C PRO B 253 4.32 1.35 47.86
N PRO B 254 4.53 0.33 48.70
CA PRO B 254 5.62 -0.63 48.50
C PRO B 254 5.42 -1.45 47.22
N CYS B 255 6.51 -2.03 46.71
CA CYS B 255 6.49 -2.84 45.50
C CYS B 255 6.21 -2.04 44.21
N ALA B 256 5.65 -0.84 44.36
CA ALA B 256 5.20 -0.04 43.21
C ALA B 256 6.35 0.58 42.42
N ALA B 257 7.29 1.21 43.13
CA ALA B 257 8.46 1.82 42.50
C ALA B 257 9.73 1.66 43.34
N LEU B 258 10.81 1.26 42.68
CA LEU B 258 12.08 1.04 43.35
C LEU B 258 12.81 2.36 43.56
N TRP B 259 12.88 2.80 44.81
CA TRP B 259 13.57 4.02 45.16
C TRP B 259 14.95 3.70 45.73
N CYS B 260 15.97 4.33 45.16
CA CYS B 260 17.36 4.07 45.55
C CYS B 260 18.07 5.32 46.02
N SER B 261 18.88 5.18 47.06
CA SER B 261 19.61 6.30 47.67
C SER B 261 20.73 6.85 46.79
N GLY B 262 21.19 8.05 47.13
CA GLY B 262 22.25 8.74 46.42
C GLY B 262 22.39 10.13 46.98
N HIS B 263 23.42 10.85 46.53
CA HIS B 263 23.57 12.25 46.88
C HIS B 263 23.68 13.10 45.62
N LEU B 264 23.35 14.38 45.73
CA LEU B 264 23.39 15.29 44.58
C LEU B 264 24.31 16.50 44.82
N ASN B 265 24.19 17.13 45.99
CA ASN B 265 25.15 18.16 46.39
C ASN B 265 25.68 17.89 47.79
N GLY B 266 25.29 18.72 48.75
CA GLY B 266 25.55 18.42 50.15
C GLY B 266 24.55 17.42 50.70
N HIS B 267 23.41 17.28 50.02
CA HIS B 267 22.25 16.58 50.59
C HIS B 267 21.85 15.26 49.93
N ALA B 268 21.16 14.43 50.70
CA ALA B 268 20.74 13.10 50.28
C ALA B 268 19.59 13.14 49.28
N MET B 269 19.37 12.01 48.60
CA MET B 269 18.28 11.83 47.65
C MET B 269 17.82 10.37 47.57
N CYS B 270 16.58 10.17 47.13
CA CYS B 270 16.10 8.85 46.73
C CYS B 270 15.74 8.92 45.25
N GLN B 271 16.51 8.22 44.43
CA GLN B 271 16.32 8.13 42.99
C GLN B 271 15.30 7.05 42.65
N THR B 272 14.86 7.04 41.40
CA THR B 272 14.08 5.94 40.85
C THR B 272 14.02 6.03 39.33
N LYS B 273 14.06 4.87 38.67
CA LYS B 273 13.74 4.76 37.25
C LYS B 273 12.23 4.54 37.09
N HIS B 274 11.54 4.34 38.22
CA HIS B 274 10.08 4.19 38.26
C HIS B 274 9.53 2.84 37.78
N SER B 275 10.40 1.92 37.37
CA SER B 275 9.96 0.53 37.18
C SER B 275 9.85 -0.11 38.57
N PRO B 276 9.03 -1.17 38.72
CA PRO B 276 8.69 -1.58 40.08
C PRO B 276 9.77 -2.47 40.71
N TRP B 277 9.54 -2.93 41.93
CA TRP B 277 10.44 -3.88 42.58
C TRP B 277 10.42 -5.18 41.78
N ALA B 278 11.43 -6.03 41.98
CA ALA B 278 11.45 -7.32 41.28
C ALA B 278 10.36 -8.21 41.84
N ASP B 279 9.79 -9.04 40.97
CA ASP B 279 8.86 -10.08 41.39
C ASP B 279 9.59 -11.01 42.37
N GLY B 280 8.95 -11.30 43.50
CA GLY B 280 9.53 -12.17 44.50
C GLY B 280 10.28 -11.47 45.62
N THR B 281 10.41 -10.14 45.51
CA THR B 281 11.10 -9.33 46.54
C THR B 281 10.30 -9.31 47.85
N PRO B 282 10.92 -9.74 48.96
CA PRO B 282 10.26 -9.63 50.26
C PRO B 282 9.96 -8.16 50.61
N CYS B 283 8.75 -7.91 51.09
CA CYS B 283 8.31 -6.57 51.48
C CYS B 283 7.76 -6.51 52.91
N GLY B 284 6.65 -7.21 53.15
CA GLY B 284 6.05 -7.26 54.49
C GLY B 284 6.57 -8.42 55.33
N PRO B 285 5.80 -8.84 56.36
CA PRO B 285 6.16 -9.98 57.22
C PRO B 285 6.35 -11.29 56.44
N ALA B 286 5.31 -11.74 55.73
CA ALA B 286 5.38 -12.96 54.92
C ALA B 286 4.81 -12.75 53.52
N GLN B 287 4.68 -11.50 53.11
CA GLN B 287 4.26 -11.17 51.75
C GLN B 287 5.48 -10.86 50.88
N ALA B 288 5.23 -10.66 49.57
CA ALA B 288 6.27 -10.31 48.61
C ALA B 288 5.67 -9.61 47.40
N CYS B 289 6.52 -8.99 46.57
CA CYS B 289 6.06 -8.28 45.37
C CYS B 289 5.69 -9.24 44.25
N MET B 290 4.46 -9.09 43.76
CA MET B 290 4.02 -9.83 42.58
C MET B 290 3.59 -8.84 41.50
N GLY B 291 4.58 -8.30 40.78
CA GLY B 291 4.35 -7.29 39.75
C GLY B 291 3.34 -6.24 40.16
N GLY B 292 3.68 -5.47 41.19
CA GLY B 292 2.77 -4.41 41.63
C GLY B 292 2.80 -4.19 43.12
N ARG B 293 2.22 -5.12 43.88
CA ARG B 293 2.06 -4.95 45.33
C ARG B 293 2.26 -6.23 46.15
N CYS B 294 2.39 -6.09 47.48
CA CYS B 294 2.58 -7.21 48.40
C CYS B 294 1.39 -8.15 48.44
N LEU B 295 1.68 -9.45 48.38
CA LEU B 295 0.64 -10.49 48.43
C LEU B 295 1.07 -11.67 49.29
N SER C 3 3.25 -22.17 -43.23
CA SER C 3 3.02 -22.52 -41.79
C SER C 3 2.35 -21.34 -41.07
N LEU C 4 1.02 -21.42 -40.92
CA LEU C 4 0.20 -20.36 -40.30
C LEU C 4 0.40 -20.33 -38.78
N SER C 5 0.47 -19.13 -38.21
CA SER C 5 0.66 -19.00 -36.77
C SER C 5 -0.66 -19.01 -35.98
N ARG C 6 -0.64 -19.65 -34.81
CA ARG C 6 -1.87 -19.93 -34.06
C ARG C 6 -1.81 -19.46 -32.61
N PHE C 7 -2.97 -19.09 -32.06
CA PHE C 7 -3.05 -18.59 -30.69
C PHE C 7 -4.06 -19.40 -29.88
N VAL C 8 -3.67 -19.80 -28.67
CA VAL C 8 -4.56 -20.52 -27.77
C VAL C 8 -4.99 -19.59 -26.65
N GLU C 9 -6.11 -18.90 -26.86
CA GLU C 9 -6.68 -18.03 -25.85
C GLU C 9 -7.13 -18.89 -24.65
N THR C 10 -6.38 -18.76 -23.55
CA THR C 10 -6.50 -19.62 -22.39
C THR C 10 -7.08 -18.86 -21.22
N LEU C 11 -8.13 -19.44 -20.63
CA LEU C 11 -8.61 -19.03 -19.33
C LEU C 11 -7.80 -19.83 -18.33
N VAL C 12 -7.33 -19.18 -17.28
CA VAL C 12 -6.62 -19.90 -16.21
C VAL C 12 -7.40 -19.75 -14.92
N VAL C 13 -7.74 -20.86 -14.30
CA VAL C 13 -8.52 -20.80 -13.06
C VAL C 13 -7.74 -21.35 -11.88
N ALA C 14 -7.78 -20.61 -10.78
CA ALA C 14 -7.20 -21.08 -9.53
C ALA C 14 -8.29 -21.22 -8.47
N ASP C 15 -8.23 -22.31 -7.70
CA ASP C 15 -9.22 -22.53 -6.64
C ASP C 15 -8.78 -21.94 -5.29
N ASP C 16 -9.58 -22.18 -4.24
CA ASP C 16 -9.35 -21.52 -2.96
C ASP C 16 -8.13 -22.01 -2.17
N LYS C 17 -7.86 -23.32 -2.22
CA LYS C 17 -6.65 -23.88 -1.62
C LYS C 17 -5.44 -23.21 -2.28
N MET C 18 -5.53 -23.09 -3.60
CA MET C 18 -4.55 -22.36 -4.40
C MET C 18 -4.34 -20.93 -3.86
N ALA C 19 -5.44 -20.27 -3.48
CA ALA C 19 -5.40 -18.89 -3.00
C ALA C 19 -4.94 -18.79 -1.55
N ALA C 20 -5.20 -19.83 -0.78
CA ALA C 20 -4.73 -19.91 0.59
C ALA C 20 -3.23 -20.13 0.57
N PHE C 21 -2.76 -20.97 -0.35
CA PHE C 21 -1.34 -21.32 -0.38
C PHE C 21 -0.43 -20.17 -0.81
N HIS C 22 -0.85 -19.45 -1.85
CA HIS C 22 0.01 -18.43 -2.49
C HIS C 22 -0.31 -17.00 -2.05
N GLY C 23 -1.50 -16.83 -1.48
CA GLY C 23 -1.97 -15.51 -1.05
C GLY C 23 -1.88 -14.49 -2.16
N ALA C 24 -1.36 -13.30 -1.83
CA ALA C 24 -1.17 -12.25 -2.81
C ALA C 24 -0.25 -12.67 -3.97
N GLY C 25 0.69 -13.57 -3.71
CA GLY C 25 1.67 -13.95 -4.73
C GLY C 25 1.15 -14.84 -5.84
N LEU C 26 -0.16 -15.11 -5.82
CA LEU C 26 -0.78 -16.10 -6.69
C LEU C 26 -0.71 -15.74 -8.17
N LYS C 27 -1.34 -14.63 -8.57
CA LYS C 27 -1.36 -14.20 -9.96
C LYS C 27 0.03 -14.24 -10.58
N ARG C 28 1.00 -13.59 -9.94
CA ARG C 28 2.33 -13.52 -10.52
C ARG C 28 2.90 -14.94 -10.70
N TYR C 29 2.51 -15.84 -9.80
CA TYR C 29 2.99 -17.23 -9.82
C TYR C 29 2.45 -17.96 -11.05
N LEU C 30 1.16 -17.79 -11.31
CA LEU C 30 0.52 -18.39 -12.46
C LEU C 30 1.12 -17.89 -13.78
N LEU C 31 1.28 -16.57 -13.89
CA LEU C 31 1.90 -15.97 -15.08
C LEU C 31 3.29 -16.56 -15.36
N THR C 32 4.01 -16.91 -14.31
CA THR C 32 5.31 -17.57 -14.44
C THR C 32 5.18 -19.02 -14.94
N VAL C 33 4.21 -19.74 -14.36
CA VAL C 33 3.92 -21.12 -14.74
C VAL C 33 3.40 -21.18 -16.19
N MET C 34 2.35 -20.44 -16.50
CA MET C 34 1.85 -20.35 -17.87
C MET C 34 2.93 -19.93 -18.85
N ALA C 35 3.72 -18.92 -18.50
CA ALA C 35 4.82 -18.49 -19.36
C ALA C 35 5.75 -19.63 -19.67
N ALA C 36 5.88 -20.56 -18.71
CA ALA C 36 6.81 -21.67 -18.88
C ALA C 36 6.22 -22.74 -19.79
N ALA C 37 4.92 -22.97 -19.68
CA ALA C 37 4.21 -23.82 -20.61
C ALA C 37 4.30 -23.20 -21.99
N ALA C 38 3.98 -21.91 -22.08
CA ALA C 38 4.02 -21.18 -23.34
C ALA C 38 5.34 -21.34 -24.11
N LYS C 39 6.46 -21.26 -23.39
CA LYS C 39 7.79 -21.30 -24.02
C LYS C 39 8.07 -22.67 -24.60
N ALA C 40 7.43 -23.69 -24.03
CA ALA C 40 7.53 -25.04 -24.55
C ALA C 40 6.90 -25.10 -25.93
N PHE C 41 5.72 -24.50 -26.08
CA PHE C 41 4.98 -24.54 -27.33
C PHE C 41 5.59 -23.68 -28.43
N LYS C 42 6.53 -22.83 -28.06
CA LYS C 42 7.17 -21.97 -29.06
C LYS C 42 8.42 -22.61 -29.67
N HIS C 43 8.84 -23.75 -29.11
CA HIS C 43 10.09 -24.38 -29.49
C HIS C 43 10.02 -25.07 -30.84
N PRO C 44 11.03 -24.84 -31.71
CA PRO C 44 11.14 -25.43 -33.05
C PRO C 44 10.79 -26.93 -33.13
N SER C 45 10.98 -27.65 -32.02
CA SER C 45 10.82 -29.11 -32.01
C SER C 45 9.37 -29.53 -32.18
N ILE C 46 8.44 -28.66 -31.76
CA ILE C 46 7.01 -28.93 -31.93
C ILE C 46 6.60 -28.88 -33.40
N ARG C 47 7.44 -28.23 -34.21
CA ARG C 47 7.27 -28.07 -35.66
C ARG C 47 6.19 -27.07 -36.10
N ASN C 48 5.58 -26.38 -35.14
CA ASN C 48 4.51 -25.44 -35.43
C ASN C 48 4.55 -24.15 -34.61
N PRO C 49 4.30 -23.01 -35.27
CA PRO C 49 4.13 -21.76 -34.50
C PRO C 49 2.83 -21.73 -33.69
N VAL C 50 2.89 -22.20 -32.43
CA VAL C 50 1.74 -22.08 -31.52
C VAL C 50 2.06 -21.14 -30.36
N SER C 51 1.16 -20.18 -30.11
CA SER C 51 1.30 -19.25 -28.99
C SER C 51 0.28 -19.47 -27.86
N LEU C 52 0.77 -19.95 -26.72
CA LEU C 52 -0.04 -19.93 -25.51
C LEU C 52 -0.15 -18.52 -24.97
N VAL C 53 -1.40 -18.13 -24.72
CA VAL C 53 -1.73 -16.78 -24.32
C VAL C 53 -2.78 -16.88 -23.24
N VAL C 54 -2.61 -16.11 -22.18
CA VAL C 54 -3.59 -16.05 -21.12
C VAL C 54 -4.53 -14.91 -21.45
N THR C 55 -5.74 -15.26 -21.87
CA THR C 55 -6.73 -14.26 -22.27
C THR C 55 -7.38 -13.70 -21.01
N ARG C 56 -7.53 -14.55 -20.00
CA ARG C 56 -8.09 -14.12 -18.73
C ARG C 56 -7.98 -15.16 -17.60
N LEU C 57 -7.39 -14.76 -16.48
CA LEU C 57 -7.28 -15.67 -15.34
C LEU C 57 -8.18 -15.26 -14.18
N VAL C 58 -8.91 -16.22 -13.62
CA VAL C 58 -9.76 -15.94 -12.46
C VAL C 58 -9.25 -16.66 -11.21
N ILE C 59 -9.59 -16.09 -10.05
CA ILE C 59 -9.09 -16.54 -8.76
C ILE C 59 -10.26 -16.63 -7.79
N LEU C 60 -10.48 -17.81 -7.23
CA LEU C 60 -11.66 -18.04 -6.42
C LEU C 60 -11.37 -18.08 -4.92
N GLY C 61 -12.08 -17.24 -4.16
CA GLY C 61 -12.16 -17.40 -2.71
C GLY C 61 -13.38 -18.26 -2.44
N SER C 62 -13.65 -18.56 -1.17
CA SER C 62 -14.82 -19.39 -0.86
C SER C 62 -16.09 -18.53 -0.77
N GLY C 63 -15.95 -17.26 -1.13
CA GLY C 63 -17.09 -16.35 -1.33
C GLY C 63 -17.53 -16.40 -2.79
N GLU C 64 -17.10 -17.47 -3.46
CA GLU C 64 -17.43 -17.74 -4.87
C GLU C 64 -17.75 -19.23 -4.94
N GLU C 65 -18.68 -19.63 -5.80
CA GLU C 65 -18.97 -21.04 -5.96
C GLU C 65 -18.30 -21.57 -7.21
N GLY C 66 -17.11 -22.15 -7.02
CA GLY C 66 -16.35 -22.69 -8.14
C GLY C 66 -16.83 -24.08 -8.49
N PRO C 67 -16.03 -24.83 -9.26
CA PRO C 67 -16.38 -26.21 -9.56
C PRO C 67 -16.13 -27.10 -8.35
N GLN C 68 -16.85 -28.22 -8.28
CA GLN C 68 -16.70 -29.19 -7.20
C GLN C 68 -15.36 -29.92 -7.36
N VAL C 69 -14.37 -29.50 -6.58
CA VAL C 69 -13.02 -30.06 -6.65
C VAL C 69 -12.92 -31.31 -5.77
N GLY C 70 -12.35 -32.37 -6.32
CA GLY C 70 -12.27 -33.65 -5.62
C GLY C 70 -13.59 -34.39 -5.69
N PRO C 71 -13.65 -35.62 -5.14
CA PRO C 71 -12.54 -36.36 -4.50
C PRO C 71 -11.44 -36.81 -5.47
N SER C 72 -11.82 -37.38 -6.62
CA SER C 72 -10.85 -37.93 -7.58
C SER C 72 -10.43 -36.98 -8.71
N ALA C 73 -9.37 -37.35 -9.42
CA ALA C 73 -8.81 -36.47 -10.46
C ALA C 73 -9.68 -36.37 -11.72
N ALA C 74 -10.32 -37.46 -12.13
CA ALA C 74 -11.23 -37.43 -13.28
C ALA C 74 -12.58 -36.86 -12.88
N GLN C 75 -12.93 -36.99 -11.60
CA GLN C 75 -14.15 -36.45 -11.03
C GLN C 75 -14.13 -34.92 -11.07
N THR C 76 -12.95 -34.34 -10.81
CA THR C 76 -12.76 -32.91 -10.86
C THR C 76 -12.82 -32.42 -12.29
N LEU C 77 -12.31 -33.23 -13.23
CA LEU C 77 -12.19 -32.81 -14.62
C LEU C 77 -13.53 -32.60 -15.27
N ARG C 78 -14.45 -33.53 -15.04
CA ARG C 78 -15.80 -33.42 -15.57
C ARG C 78 -16.53 -32.26 -14.92
N SER C 79 -16.41 -32.16 -13.60
CA SER C 79 -16.99 -31.07 -12.80
C SER C 79 -16.52 -29.69 -13.24
N PHE C 80 -15.21 -29.54 -13.48
CA PHE C 80 -14.63 -28.29 -13.95
C PHE C 80 -15.06 -28.00 -15.39
N CYS C 81 -15.16 -29.06 -16.18
CA CYS C 81 -15.39 -28.93 -17.60
C CYS C 81 -16.77 -28.38 -17.88
N ALA C 82 -17.74 -28.83 -17.09
CA ALA C 82 -19.11 -28.34 -17.17
C ALA C 82 -19.18 -26.94 -16.57
N TRP C 83 -18.43 -26.71 -15.50
CA TRP C 83 -18.40 -25.41 -14.86
C TRP C 83 -17.84 -24.35 -15.79
N GLN C 84 -16.71 -24.66 -16.42
CA GLN C 84 -16.04 -23.77 -17.35
C GLN C 84 -16.97 -23.16 -18.41
N ARG C 85 -17.80 -24.01 -19.03
CA ARG C 85 -18.70 -23.57 -20.10
C ARG C 85 -19.50 -22.32 -19.76
N GLY C 86 -20.05 -22.28 -18.55
CA GLY C 86 -20.85 -21.16 -18.06
C GLY C 86 -20.12 -19.82 -17.94
N LEU C 87 -18.82 -19.82 -18.25
CA LEU C 87 -18.01 -18.61 -18.30
C LEU C 87 -17.72 -18.21 -19.74
N ASN C 88 -17.94 -19.13 -20.67
CA ASN C 88 -17.64 -18.87 -22.07
C ASN C 88 -18.75 -18.12 -22.78
N THR C 89 -18.49 -17.74 -24.03
CA THR C 89 -19.46 -17.05 -24.88
C THR C 89 -19.61 -17.81 -26.21
N PRO C 90 -20.74 -17.61 -26.94
CA PRO C 90 -20.98 -18.30 -28.20
C PRO C 90 -19.94 -18.09 -29.30
N GLU C 91 -19.67 -16.83 -29.69
CA GLU C 91 -18.75 -16.54 -30.80
C GLU C 91 -17.34 -16.20 -30.30
N ASP C 92 -16.32 -16.67 -31.04
CA ASP C 92 -14.90 -16.42 -30.74
C ASP C 92 -14.49 -14.95 -30.96
N SER C 93 -15.40 -14.14 -31.48
CA SER C 93 -15.13 -12.71 -31.72
C SER C 93 -15.51 -11.84 -30.53
N ASP C 94 -15.87 -12.52 -29.44
CA ASP C 94 -16.02 -11.90 -28.14
C ASP C 94 -14.69 -12.04 -27.38
N PRO C 95 -14.19 -10.96 -26.77
CA PRO C 95 -12.96 -11.05 -26.00
C PRO C 95 -13.11 -12.00 -24.81
N ASP C 96 -14.32 -12.14 -24.28
CA ASP C 96 -14.59 -13.09 -23.21
C ASP C 96 -14.54 -14.56 -23.64
N HIS C 97 -14.44 -14.82 -24.95
CA HIS C 97 -14.35 -16.19 -25.43
C HIS C 97 -12.94 -16.73 -25.31
N PHE C 98 -12.84 -17.92 -24.72
CA PHE C 98 -11.58 -18.62 -24.61
C PHE C 98 -11.61 -19.96 -25.39
N ASP C 99 -10.45 -20.37 -25.89
CA ASP C 99 -10.35 -21.60 -26.63
C ASP C 99 -10.22 -22.79 -25.68
N THR C 100 -9.28 -22.73 -24.75
CA THR C 100 -9.08 -23.78 -23.76
C THR C 100 -9.13 -23.23 -22.35
N ALA C 101 -9.34 -24.10 -21.36
CA ALA C 101 -9.41 -23.70 -19.95
C ALA C 101 -8.64 -24.64 -19.01
N ILE C 102 -7.96 -24.05 -18.02
CA ILE C 102 -7.14 -24.82 -17.09
C ILE C 102 -7.47 -24.53 -15.62
N LEU C 103 -7.57 -25.58 -14.83
CA LEU C 103 -7.67 -25.44 -13.38
C LEU C 103 -6.34 -25.76 -12.72
N PHE C 104 -5.93 -24.93 -11.78
CA PHE C 104 -4.84 -25.29 -10.88
C PHE C 104 -5.42 -25.49 -9.49
N THR C 105 -5.03 -26.55 -8.81
CA THR C 105 -5.46 -26.77 -7.42
C THR C 105 -4.32 -27.28 -6.54
N ARG C 106 -4.40 -27.02 -5.24
CA ARG C 106 -3.45 -27.57 -4.27
C ARG C 106 -4.00 -28.77 -3.51
N GLN C 107 -5.21 -29.18 -3.89
CA GLN C 107 -5.79 -30.42 -3.39
C GLN C 107 -4.90 -31.56 -3.82
N ASP C 108 -4.60 -32.48 -2.91
CA ASP C 108 -3.87 -33.67 -3.29
C ASP C 108 -4.88 -34.65 -3.88
N LEU C 109 -4.85 -34.70 -5.21
CA LEU C 109 -5.72 -35.58 -5.96
C LEU C 109 -4.99 -36.89 -6.24
N CYS C 110 -3.69 -36.75 -6.50
CA CYS C 110 -2.83 -37.85 -6.93
C CYS C 110 -2.32 -38.75 -5.78
N GLY C 111 -2.80 -38.49 -4.58
CA GLY C 111 -2.55 -39.37 -3.42
C GLY C 111 -3.76 -40.21 -3.09
N VAL C 112 -4.94 -39.72 -3.47
CA VAL C 112 -6.20 -40.44 -3.26
C VAL C 112 -6.55 -41.25 -4.52
N SER C 113 -6.59 -40.56 -5.66
CA SER C 113 -6.98 -41.19 -6.92
C SER C 113 -5.84 -41.24 -7.93
N THR C 114 -6.05 -42.05 -8.98
CA THR C 114 -5.13 -42.08 -10.11
C THR C 114 -5.26 -40.81 -10.95
N CYS C 115 -4.12 -40.28 -11.37
CA CYS C 115 -4.08 -39.12 -12.27
C CYS C 115 -3.05 -39.33 -13.39
N ASP C 116 -2.98 -38.38 -14.32
CA ASP C 116 -2.21 -38.57 -15.56
C ASP C 116 -0.71 -38.31 -15.37
N THR C 117 -0.35 -37.08 -15.00
CA THR C 117 1.02 -36.77 -14.61
C THR C 117 0.93 -36.23 -13.20
N LEU C 118 0.56 -34.97 -13.08
CA LEU C 118 -0.04 -34.45 -11.86
C LEU C 118 -1.29 -33.70 -12.27
N GLY C 119 -1.81 -34.07 -13.45
CA GLY C 119 -3.00 -33.47 -14.01
C GLY C 119 -3.83 -34.46 -14.79
N MET C 120 -4.72 -33.95 -15.64
CA MET C 120 -5.75 -34.76 -16.29
C MET C 120 -6.42 -33.96 -17.41
N ALA C 121 -6.59 -34.59 -18.57
CA ALA C 121 -7.16 -33.92 -19.73
C ALA C 121 -7.74 -34.92 -20.72
N ASP C 122 -8.69 -34.47 -21.53
CA ASP C 122 -9.18 -35.26 -22.65
C ASP C 122 -8.28 -35.05 -23.85
N VAL C 123 -8.28 -36.02 -24.76
CA VAL C 123 -7.41 -35.97 -25.94
C VAL C 123 -8.12 -35.40 -27.16
N GLY C 124 -7.50 -34.41 -27.79
CA GLY C 124 -7.97 -33.84 -29.05
C GLY C 124 -9.26 -33.05 -28.95
N THR C 125 -9.22 -31.94 -28.22
CA THR C 125 -10.42 -31.16 -27.94
C THR C 125 -10.27 -29.66 -28.13
N VAL C 126 -9.08 -29.21 -28.53
CA VAL C 126 -8.74 -27.78 -28.44
C VAL C 126 -9.88 -26.83 -28.80
N CYS C 127 -10.55 -27.09 -29.92
CA CYS C 127 -11.61 -26.21 -30.40
C CYS C 127 -13.03 -26.75 -30.24
N ASP C 128 -13.21 -27.70 -29.34
CA ASP C 128 -14.53 -28.07 -28.84
C ASP C 128 -14.72 -27.34 -27.50
N PRO C 129 -15.52 -26.25 -27.49
CA PRO C 129 -15.76 -25.44 -26.27
C PRO C 129 -16.35 -26.19 -25.07
N ALA C 130 -16.94 -27.36 -25.31
CA ALA C 130 -17.58 -28.16 -24.26
C ALA C 130 -16.67 -29.23 -23.68
N ARG C 131 -15.50 -29.40 -24.29
CA ARG C 131 -14.57 -30.44 -23.87
C ARG C 131 -13.11 -29.98 -23.81
N SER C 132 -12.85 -28.69 -23.94
CA SER C 132 -11.47 -28.19 -23.96
C SER C 132 -10.93 -27.84 -22.56
N CYS C 133 -10.75 -28.88 -21.74
CA CYS C 133 -10.36 -28.73 -20.36
C CYS C 133 -9.06 -29.44 -20.02
N ALA C 134 -8.32 -28.87 -19.08
CA ALA C 134 -7.25 -29.57 -18.41
C ALA C 134 -7.25 -29.30 -16.91
N ILE C 135 -6.50 -30.09 -16.17
CA ILE C 135 -6.39 -29.94 -14.73
C ILE C 135 -4.95 -30.18 -14.25
N VAL C 136 -4.52 -29.39 -13.27
CA VAL C 136 -3.18 -29.51 -12.73
C VAL C 136 -3.21 -29.48 -11.21
N GLU C 137 -2.54 -30.44 -10.57
CA GLU C 137 -2.22 -30.34 -9.15
C GLU C 137 -0.95 -29.52 -9.06
N ASP C 138 -1.00 -28.43 -8.31
CA ASP C 138 0.13 -27.55 -8.16
C ASP C 138 1.05 -28.11 -7.07
N ASP C 139 2.35 -28.10 -7.34
CA ASP C 139 3.32 -28.67 -6.43
C ASP C 139 4.63 -27.92 -6.55
N GLY C 140 4.56 -26.70 -7.08
CA GLY C 140 5.75 -25.92 -7.40
C GLY C 140 5.82 -25.50 -8.88
N LEU C 141 6.89 -24.80 -9.23
CA LEU C 141 7.12 -24.32 -10.59
C LEU C 141 7.06 -25.43 -11.64
N GLN C 142 7.40 -26.64 -11.22
CA GLN C 142 7.33 -27.84 -12.08
C GLN C 142 5.98 -28.03 -12.75
N SER C 143 4.95 -27.43 -12.17
CA SER C 143 3.58 -27.60 -12.67
C SER C 143 3.38 -26.95 -14.05
N ALA C 144 4.37 -26.16 -14.46
CA ALA C 144 4.41 -25.60 -15.80
C ALA C 144 4.54 -26.72 -16.80
N PHE C 145 5.29 -27.76 -16.41
CA PHE C 145 5.49 -28.92 -17.25
C PHE C 145 4.32 -29.87 -17.16
N THR C 146 3.64 -29.91 -16.02
CA THR C 146 2.41 -30.67 -15.97
C THR C 146 1.43 -30.06 -16.96
N ALA C 147 1.28 -28.73 -16.92
CA ALA C 147 0.34 -27.99 -17.76
C ALA C 147 0.55 -28.29 -19.25
N ALA C 148 1.80 -28.24 -19.68
CA ALA C 148 2.17 -28.46 -21.07
C ALA C 148 1.87 -29.89 -21.48
N HIS C 149 2.05 -30.82 -20.55
CA HIS C 149 1.73 -32.22 -20.81
C HIS C 149 0.24 -32.36 -21.12
N GLN C 150 -0.60 -31.66 -20.37
CA GLN C 150 -2.04 -31.79 -20.51
C GLN C 150 -2.50 -31.09 -21.77
N LEU C 151 -1.96 -29.90 -22.00
CA LEU C 151 -2.24 -29.17 -23.22
C LEU C 151 -1.69 -29.94 -24.41
N GLY C 152 -0.61 -30.69 -24.19
CA GLY C 152 -0.18 -31.68 -25.17
C GLY C 152 -1.33 -32.58 -25.59
N HIS C 153 -1.93 -33.28 -24.62
CA HIS C 153 -3.08 -34.16 -24.87
C HIS C 153 -4.22 -33.37 -25.50
N VAL C 154 -4.39 -32.12 -25.10
CA VAL C 154 -5.44 -31.29 -25.70
C VAL C 154 -5.27 -31.18 -27.23
N PHE C 155 -4.03 -31.07 -27.69
CA PHE C 155 -3.71 -31.12 -29.11
C PHE C 155 -3.53 -32.55 -29.63
N ASN C 156 -4.31 -33.48 -29.09
CA ASN C 156 -4.36 -34.86 -29.57
C ASN C 156 -3.09 -35.70 -29.35
N MET C 157 -2.07 -35.13 -28.71
CA MET C 157 -0.80 -35.84 -28.48
C MET C 157 -0.99 -37.04 -27.55
N LEU C 158 -0.22 -38.11 -27.80
CA LEU C 158 -0.24 -39.28 -26.92
C LEU C 158 1.05 -39.39 -26.11
N HIS C 159 1.08 -40.34 -25.17
CA HIS C 159 2.27 -40.63 -24.39
C HIS C 159 3.38 -41.20 -25.26
N ASP C 160 4.61 -40.76 -25.00
CA ASP C 160 5.78 -41.15 -25.80
C ASP C 160 6.16 -42.63 -25.68
N ASN C 161 5.42 -43.39 -24.87
CA ASN C 161 5.66 -44.83 -24.73
C ASN C 161 4.52 -45.67 -25.31
N SER C 162 3.53 -44.98 -25.86
CA SER C 162 2.42 -45.64 -26.56
C SER C 162 2.92 -46.27 -27.86
N LYS C 163 2.21 -47.30 -28.31
CA LYS C 163 2.57 -48.06 -29.51
C LYS C 163 3.01 -47.18 -30.70
N PRO C 164 2.15 -46.26 -31.14
CA PRO C 164 2.50 -45.48 -32.33
C PRO C 164 3.65 -44.48 -32.16
N CYS C 165 4.01 -44.14 -30.91
CA CYS C 165 5.14 -43.23 -30.65
C CYS C 165 6.52 -43.93 -30.62
N ILE C 166 6.55 -45.23 -30.32
CA ILE C 166 7.80 -46.00 -30.38
C ILE C 166 8.18 -46.18 -31.84
N SER C 167 7.17 -46.26 -32.68
CA SER C 167 7.35 -46.27 -34.13
C SER C 167 8.04 -44.98 -34.60
N LEU C 168 7.59 -43.83 -34.08
CA LEU C 168 8.04 -42.50 -34.52
C LEU C 168 9.29 -41.94 -33.84
N ASN C 169 9.43 -42.18 -32.53
CA ASN C 169 10.54 -41.60 -31.76
C ASN C 169 11.85 -42.33 -31.92
N GLY C 170 11.78 -43.57 -32.37
CA GLY C 170 12.96 -44.34 -32.63
C GLY C 170 13.29 -45.21 -31.44
N PRO C 171 14.15 -46.22 -31.66
CA PRO C 171 14.50 -47.17 -30.60
C PRO C 171 15.27 -46.53 -29.45
N LEU C 172 16.14 -45.58 -29.77
CA LEU C 172 17.05 -44.98 -28.78
C LEU C 172 16.45 -43.78 -28.06
N SER C 173 15.16 -43.54 -28.25
CA SER C 173 14.49 -42.42 -27.59
C SER C 173 14.66 -42.44 -26.07
N THR C 174 14.76 -41.26 -25.48
CA THR C 174 14.83 -41.06 -24.04
C THR C 174 13.48 -40.53 -23.58
N SER C 175 13.22 -40.54 -22.27
CA SER C 175 11.97 -39.96 -21.78
C SER C 175 12.15 -38.55 -21.22
N ARG C 176 12.94 -37.75 -21.95
CA ARG C 176 13.18 -36.36 -21.58
C ARG C 176 12.34 -35.43 -22.44
N HIS C 177 11.05 -35.73 -22.56
CA HIS C 177 10.13 -34.92 -23.36
C HIS C 177 8.77 -34.78 -22.67
N VAL C 178 8.05 -33.72 -23.03
CA VAL C 178 6.83 -33.32 -22.32
C VAL C 178 5.77 -34.41 -22.20
N MET C 179 5.75 -35.32 -23.18
CA MET C 179 4.73 -36.35 -23.27
C MET C 179 5.24 -37.73 -22.84
N ALA C 180 6.15 -37.75 -21.86
CA ALA C 180 6.53 -38.98 -21.20
C ALA C 180 5.55 -39.25 -20.05
N PRO C 181 5.09 -40.50 -19.90
CA PRO C 181 4.06 -40.80 -18.91
C PRO C 181 4.58 -40.64 -17.48
N VAL C 182 5.89 -40.76 -17.33
CA VAL C 182 6.54 -40.51 -16.06
C VAL C 182 7.33 -39.22 -16.20
N MET C 183 6.80 -38.15 -15.63
CA MET C 183 7.47 -36.86 -15.64
C MET C 183 8.60 -36.82 -14.60
N ALA C 184 9.55 -35.88 -14.69
CA ALA C 184 9.72 -34.92 -15.79
C ALA C 184 11.13 -34.40 -15.74
N HIS C 185 11.87 -34.57 -16.83
CA HIS C 185 13.22 -34.04 -16.96
C HIS C 185 13.42 -33.58 -18.41
N VAL C 186 12.55 -32.66 -18.80
CA VAL C 186 12.40 -32.24 -20.19
C VAL C 186 13.61 -31.51 -20.76
N ASP C 187 14.24 -32.13 -21.76
CA ASP C 187 15.38 -31.55 -22.48
C ASP C 187 14.98 -30.21 -23.08
N PRO C 188 15.58 -29.10 -22.60
CA PRO C 188 15.17 -27.78 -23.09
C PRO C 188 15.54 -27.60 -24.56
N GLU C 189 16.52 -28.37 -25.02
CA GLU C 189 16.93 -28.37 -26.43
C GLU C 189 15.94 -29.11 -27.33
N GLU C 190 15.20 -30.05 -26.76
CA GLU C 190 14.22 -30.83 -27.50
C GLU C 190 13.02 -31.21 -26.62
N PRO C 191 12.23 -30.19 -26.21
CA PRO C 191 11.08 -30.44 -25.32
C PRO C 191 10.06 -31.42 -25.87
N TRP C 192 9.73 -31.33 -27.16
CA TRP C 192 8.77 -32.25 -27.75
C TRP C 192 9.46 -33.32 -28.60
N SER C 193 8.97 -34.55 -28.49
CA SER C 193 9.46 -35.66 -29.31
C SER C 193 8.97 -35.53 -30.75
N PRO C 194 9.64 -36.24 -31.70
CA PRO C 194 9.09 -36.40 -33.05
C PRO C 194 7.64 -36.88 -33.09
N CYS C 195 7.27 -37.79 -32.20
CA CYS C 195 5.89 -38.27 -32.12
C CYS C 195 4.93 -37.15 -31.80
N SER C 196 5.23 -36.38 -30.76
CA SER C 196 4.40 -35.25 -30.36
C SER C 196 4.20 -34.30 -31.53
N ALA C 197 5.27 -34.04 -32.27
CA ALA C 197 5.24 -33.18 -33.45
C ALA C 197 4.24 -33.66 -34.50
N ARG C 198 4.29 -34.93 -34.88
CA ARG C 198 3.41 -35.42 -35.93
C ARG C 198 1.95 -35.32 -35.52
N PHE C 199 1.63 -35.87 -34.34
CA PHE C 199 0.27 -35.88 -33.86
C PHE C 199 -0.39 -34.51 -33.84
N ILE C 200 0.33 -33.48 -33.36
CA ILE C 200 -0.19 -32.11 -33.39
C ILE C 200 -0.25 -31.56 -34.82
N THR C 201 0.74 -31.90 -35.64
CA THR C 201 0.74 -31.48 -37.04
C THR C 201 -0.48 -32.05 -37.77
N ASP C 202 -0.68 -33.37 -37.69
CA ASP C 202 -1.89 -34.01 -38.23
C ASP C 202 -3.14 -33.26 -37.79
N PHE C 203 -3.34 -33.22 -36.48
CA PHE C 203 -4.44 -32.52 -35.82
C PHE C 203 -4.78 -31.17 -36.46
N LEU C 204 -3.79 -30.27 -36.49
CA LEU C 204 -3.98 -28.92 -37.00
C LEU C 204 -4.21 -28.87 -38.52
N ASP C 205 -3.57 -29.78 -39.24
CA ASP C 205 -3.70 -29.87 -40.68
C ASP C 205 -5.07 -30.37 -41.09
N ASN C 206 -5.60 -31.34 -40.34
CA ASN C 206 -6.98 -31.78 -40.53
C ASN C 206 -7.98 -30.77 -39.96
N GLY C 207 -7.48 -29.57 -39.70
CA GLY C 207 -8.29 -28.42 -39.33
C GLY C 207 -8.97 -28.46 -37.98
N TYR C 208 -8.39 -29.17 -37.03
CA TYR C 208 -8.99 -29.22 -35.70
C TYR C 208 -8.63 -27.99 -34.86
N GLY C 209 -7.70 -27.19 -35.36
CA GLY C 209 -7.33 -25.92 -34.74
C GLY C 209 -7.99 -24.74 -35.42
N HIS C 210 -9.25 -24.91 -35.79
CA HIS C 210 -9.99 -23.94 -36.59
C HIS C 210 -10.41 -22.71 -35.79
N CYS C 211 -10.08 -22.72 -34.51
CA CYS C 211 -10.52 -21.64 -33.61
C CYS C 211 -9.32 -20.91 -33.01
N LEU C 212 -8.14 -21.32 -33.42
CA LEU C 212 -6.88 -20.83 -32.88
C LEU C 212 -6.23 -19.80 -33.79
N LEU C 213 -7.01 -19.27 -34.73
CA LEU C 213 -6.47 -18.49 -35.84
C LEU C 213 -6.61 -16.99 -35.66
N ASP C 214 -7.59 -16.58 -34.85
CA ASP C 214 -7.78 -15.16 -34.46
C ASP C 214 -6.85 -14.77 -33.31
N LYS C 215 -6.28 -13.57 -33.40
CA LYS C 215 -5.34 -13.06 -32.39
C LYS C 215 -6.07 -12.24 -31.32
N PRO C 216 -5.79 -12.50 -30.02
CA PRO C 216 -6.51 -11.80 -28.94
C PRO C 216 -6.00 -10.37 -28.81
N GLU C 217 -6.90 -9.44 -28.50
CA GLU C 217 -6.56 -8.03 -28.57
C GLU C 217 -5.75 -7.54 -27.36
N ALA C 218 -5.95 -8.18 -26.20
CA ALA C 218 -5.20 -7.80 -24.99
C ALA C 218 -4.93 -8.97 -24.01
N PRO C 219 -3.94 -9.83 -24.35
CA PRO C 219 -3.59 -10.89 -23.40
C PRO C 219 -2.91 -10.32 -22.16
N LEU C 220 -2.78 -11.13 -21.11
CA LEU C 220 -2.04 -10.70 -19.92
C LEU C 220 -0.55 -10.87 -20.19
N HIS C 221 0.26 -9.92 -19.73
CA HIS C 221 1.69 -10.00 -19.99
C HIS C 221 2.27 -11.17 -19.22
N LEU C 222 2.85 -12.11 -19.95
CA LEU C 222 3.62 -13.19 -19.36
C LEU C 222 5.07 -12.76 -19.20
N PRO C 223 5.67 -13.00 -18.02
CA PRO C 223 7.08 -12.68 -17.75
C PRO C 223 8.02 -13.31 -18.75
N VAL C 224 9.14 -12.64 -19.00
CA VAL C 224 10.08 -13.01 -20.05
C VAL C 224 11.42 -13.45 -19.45
N THR C 225 11.41 -13.68 -18.14
CA THR C 225 12.59 -14.11 -17.41
C THR C 225 12.47 -15.55 -16.97
N PHE C 226 13.61 -16.20 -16.79
CA PHE C 226 13.66 -17.57 -16.28
C PHE C 226 12.97 -17.69 -14.91
N PRO C 227 12.19 -18.76 -14.71
CA PRO C 227 11.49 -18.89 -13.43
C PRO C 227 12.46 -19.11 -12.28
N GLY C 228 13.70 -19.50 -12.61
CA GLY C 228 14.75 -19.70 -11.62
C GLY C 228 15.40 -18.41 -11.17
N LYS C 229 14.86 -17.29 -11.62
CA LYS C 229 15.36 -15.98 -11.21
C LYS C 229 14.23 -15.13 -10.67
N ASP C 230 13.01 -15.53 -10.99
CA ASP C 230 11.82 -14.95 -10.39
C ASP C 230 11.75 -15.47 -8.97
N TYR C 231 11.95 -16.78 -8.84
CA TYR C 231 11.94 -17.48 -7.57
C TYR C 231 13.24 -18.26 -7.45
N ASP C 232 13.98 -18.00 -6.38
CA ASP C 232 15.22 -18.73 -6.13
C ASP C 232 14.95 -20.08 -5.47
N ALA C 233 16.02 -20.84 -5.28
CA ALA C 233 15.98 -22.17 -4.67
C ALA C 233 15.14 -22.24 -3.40
N ASP C 234 15.36 -21.31 -2.47
CA ASP C 234 14.59 -21.30 -1.25
C ASP C 234 13.10 -21.14 -1.53
N ARG C 235 12.76 -20.15 -2.34
CA ARG C 235 11.37 -19.89 -2.69
C ARG C 235 10.69 -21.06 -3.41
N GLN C 236 11.45 -21.69 -4.31
CA GLN C 236 11.01 -22.89 -5.03
C GLN C 236 10.73 -23.99 -4.05
N CYS C 237 11.60 -24.14 -3.06
CA CYS C 237 11.36 -25.08 -1.98
C CYS C 237 10.09 -24.72 -1.22
N GLN C 238 9.88 -23.44 -1.00
CA GLN C 238 8.67 -22.98 -0.31
C GLN C 238 7.40 -23.33 -1.09
N LEU C 239 7.47 -23.23 -2.41
CA LEU C 239 6.34 -23.48 -3.30
C LEU C 239 5.87 -24.93 -3.36
N THR C 240 6.80 -25.86 -3.12
CA THR C 240 6.45 -27.28 -3.04
C THR C 240 6.01 -27.67 -1.63
N PHE C 241 6.91 -27.47 -0.66
CA PHE C 241 6.78 -28.09 0.66
C PHE C 241 6.30 -27.18 1.77
N GLY C 242 5.93 -25.95 1.46
CA GLY C 242 5.40 -25.04 2.49
C GLY C 242 6.34 -23.92 2.91
N PRO C 243 5.82 -22.94 3.67
CA PRO C 243 6.52 -21.70 4.01
C PRO C 243 7.82 -21.85 4.84
N ASP C 244 7.89 -22.90 5.66
CA ASP C 244 9.07 -23.17 6.50
C ASP C 244 10.19 -23.92 5.78
N SER C 245 9.99 -24.28 4.52
CA SER C 245 10.94 -25.12 3.79
C SER C 245 12.07 -24.34 3.10
N ARG C 246 13.31 -24.79 3.28
CA ARG C 246 14.47 -24.15 2.68
C ARG C 246 15.23 -25.11 1.77
N HIS C 247 16.08 -24.56 0.92
CA HIS C 247 16.84 -25.36 -0.03
C HIS C 247 18.03 -26.04 0.65
N CYS C 248 18.14 -27.36 0.44
CA CYS C 248 19.37 -28.08 0.75
C CYS C 248 20.18 -28.10 -0.54
N PRO C 249 21.14 -27.16 -0.70
CA PRO C 249 21.93 -27.11 -1.94
C PRO C 249 23.02 -28.18 -2.05
N GLN C 250 23.35 -28.82 -0.94
CA GLN C 250 24.56 -29.64 -0.84
C GLN C 250 24.52 -30.98 -1.60
N LEU C 251 23.33 -31.38 -2.04
CA LEU C 251 23.17 -32.68 -2.70
C LEU C 251 23.58 -32.64 -4.18
N PRO C 252 24.58 -33.46 -4.58
CA PRO C 252 25.03 -33.54 -5.96
C PRO C 252 24.08 -34.39 -6.80
N PRO C 253 24.00 -34.11 -8.11
CA PRO C 253 24.63 -32.96 -8.76
C PRO C 253 23.69 -31.76 -8.68
N PRO C 254 24.23 -30.54 -8.89
CA PRO C 254 23.36 -29.37 -8.89
C PRO C 254 22.26 -29.51 -9.94
N CYS C 255 21.12 -28.86 -9.72
CA CYS C 255 20.05 -28.73 -10.73
C CYS C 255 19.15 -29.95 -10.89
N ALA C 256 19.70 -31.15 -10.70
CA ALA C 256 19.00 -32.40 -11.02
C ALA C 256 17.75 -32.67 -10.18
N ALA C 257 17.80 -32.36 -8.89
CA ALA C 257 16.63 -32.52 -8.01
C ALA C 257 16.58 -31.42 -6.97
N LEU C 258 15.42 -30.79 -6.83
CA LEU C 258 15.23 -29.78 -5.79
C LEU C 258 14.96 -30.47 -4.47
N TRP C 259 15.94 -30.38 -3.56
CA TRP C 259 15.83 -30.93 -2.22
C TRP C 259 15.54 -29.81 -1.24
N CYS C 260 14.68 -30.09 -0.27
CA CYS C 260 14.22 -29.07 0.66
C CYS C 260 14.13 -29.60 2.09
N SER C 261 14.22 -28.68 3.04
CA SER C 261 14.26 -29.02 4.47
C SER C 261 12.87 -29.34 5.02
N GLY C 262 12.85 -30.11 6.11
CA GLY C 262 11.63 -30.53 6.77
C GLY C 262 11.93 -30.98 8.19
N HIS C 263 10.89 -31.01 9.03
CA HIS C 263 11.05 -31.40 10.43
C HIS C 263 9.95 -32.34 10.86
N ALA C 268 15.66 -32.67 12.04
CA ALA C 268 15.68 -32.04 10.73
C ALA C 268 16.01 -33.04 9.61
N MET C 269 15.60 -32.70 8.38
CA MET C 269 15.61 -33.63 7.25
C MET C 269 15.68 -32.89 5.90
N CYS C 270 16.06 -33.59 4.83
CA CYS C 270 15.87 -33.08 3.46
C CYS C 270 14.97 -33.98 2.63
N GLN C 271 13.94 -33.40 2.03
CA GLN C 271 12.96 -34.13 1.21
C GLN C 271 12.96 -33.66 -0.24
N THR C 272 12.38 -34.45 -1.14
CA THR C 272 12.33 -34.13 -2.57
C THR C 272 11.13 -34.71 -3.30
N LYS C 273 10.74 -34.09 -4.40
CA LYS C 273 9.74 -34.65 -5.27
C LYS C 273 10.39 -35.07 -6.58
N HIS C 274 11.73 -35.03 -6.56
CA HIS C 274 12.57 -35.49 -7.67
C HIS C 274 12.43 -34.70 -8.96
N SER C 275 11.60 -33.67 -8.96
CA SER C 275 11.53 -32.76 -10.10
C SER C 275 12.71 -31.80 -9.99
N PRO C 276 13.25 -31.32 -11.12
CA PRO C 276 14.48 -30.52 -11.03
C PRO C 276 14.24 -29.10 -10.52
N TRP C 277 15.34 -28.34 -10.42
CA TRP C 277 15.29 -26.92 -10.08
C TRP C 277 14.69 -26.20 -11.28
N ALA C 278 14.11 -25.03 -11.07
CA ALA C 278 13.55 -24.26 -12.17
C ALA C 278 14.68 -23.80 -13.08
N ASP C 279 14.42 -23.73 -14.38
CA ASP C 279 15.44 -23.31 -15.34
C ASP C 279 15.88 -21.87 -15.06
N GLY C 280 17.20 -21.67 -15.00
CA GLY C 280 17.76 -20.36 -14.70
C GLY C 280 18.21 -20.18 -13.27
N THR C 281 17.89 -21.15 -12.41
CA THR C 281 18.33 -21.12 -11.02
C THR C 281 19.86 -21.13 -10.99
N PRO C 282 20.45 -20.15 -10.30
CA PRO C 282 21.90 -20.11 -10.15
C PRO C 282 22.42 -21.36 -9.46
N CYS C 283 23.56 -21.88 -9.95
CA CYS C 283 24.16 -23.11 -9.41
C CYS C 283 25.69 -23.09 -9.44
N GLY C 284 26.26 -22.07 -10.06
CA GLY C 284 27.70 -21.92 -10.13
C GLY C 284 28.08 -20.45 -10.07
N PRO C 285 29.38 -20.15 -10.19
CA PRO C 285 29.80 -18.74 -10.32
C PRO C 285 29.11 -18.01 -11.49
N ALA C 286 29.03 -18.67 -12.65
CA ALA C 286 28.40 -18.11 -13.85
C ALA C 286 27.41 -19.08 -14.47
N GLN C 287 27.33 -20.28 -13.90
CA GLN C 287 26.46 -21.32 -14.41
C GLN C 287 25.05 -21.18 -13.82
N ALA C 288 24.08 -21.73 -14.54
CA ALA C 288 22.69 -21.84 -14.08
C ALA C 288 22.05 -23.10 -14.66
N CYS C 289 20.92 -23.53 -14.09
CA CYS C 289 20.30 -24.80 -14.47
C CYS C 289 19.48 -24.73 -15.74
N MET C 290 19.74 -25.68 -16.65
CA MET C 290 18.95 -25.82 -17.87
C MET C 290 18.59 -27.28 -18.06
N GLY C 291 17.31 -27.59 -17.88
CA GLY C 291 16.80 -28.96 -17.99
C GLY C 291 17.40 -29.91 -16.99
N GLY C 292 17.95 -29.35 -15.91
CA GLY C 292 18.47 -30.12 -14.79
C GLY C 292 19.98 -30.33 -14.78
N ARG C 293 20.73 -29.38 -15.33
CA ARG C 293 22.19 -29.42 -15.30
C ARG C 293 22.81 -28.02 -15.18
N CYS C 294 23.87 -27.92 -14.38
CA CYS C 294 24.61 -26.68 -14.24
C CYS C 294 25.40 -26.46 -15.54
N LEU C 295 25.14 -25.32 -16.20
CA LEU C 295 25.74 -25.00 -17.50
C LEU C 295 26.18 -23.53 -17.57
N LEU D 4 -23.74 16.90 -7.07
CA LEU D 4 -23.32 18.18 -7.73
C LEU D 4 -23.12 18.04 -9.23
N SER D 5 -23.97 18.72 -10.00
CA SER D 5 -23.85 18.76 -11.44
C SER D 5 -22.41 19.05 -11.84
N ARG D 6 -21.93 18.37 -12.87
CA ARG D 6 -20.60 18.61 -13.38
C ARG D 6 -20.60 18.71 -14.90
N PHE D 7 -19.73 19.57 -15.42
CA PHE D 7 -19.77 19.94 -16.82
C PHE D 7 -18.35 19.91 -17.34
N VAL D 8 -18.14 19.06 -18.33
CA VAL D 8 -16.81 18.82 -18.87
C VAL D 8 -16.69 19.55 -20.20
N GLU D 9 -16.31 20.82 -20.12
CA GLU D 9 -16.11 21.65 -21.29
C GLU D 9 -15.04 21.04 -22.18
N THR D 10 -15.50 20.34 -23.21
CA THR D 10 -14.61 19.56 -24.07
C THR D 10 -14.29 20.28 -25.38
N LEU D 11 -13.00 20.30 -25.72
CA LEU D 11 -12.54 20.69 -27.04
C LEU D 11 -12.44 19.43 -27.90
N VAL D 12 -12.94 19.52 -29.13
CA VAL D 12 -12.90 18.41 -30.06
C VAL D 12 -12.01 18.80 -31.22
N VAL D 13 -11.01 17.98 -31.50
CA VAL D 13 -10.09 18.23 -32.59
C VAL D 13 -10.11 17.04 -33.56
N ALA D 14 -10.33 17.33 -34.82
CA ALA D 14 -10.21 16.32 -35.87
C ALA D 14 -9.04 16.74 -36.77
N ASP D 15 -8.26 15.75 -37.23
CA ASP D 15 -7.05 16.01 -38.03
C ASP D 15 -7.31 15.90 -39.54
N ASP D 16 -6.33 16.31 -40.34
CA ASP D 16 -6.48 16.31 -41.80
C ASP D 16 -7.12 15.03 -42.34
N LYS D 17 -6.57 13.88 -41.97
CA LYS D 17 -7.01 12.58 -42.46
C LYS D 17 -8.47 12.33 -42.14
N MET D 18 -8.92 12.95 -41.05
CA MET D 18 -10.26 12.80 -40.58
C MET D 18 -11.23 13.58 -41.47
N ALA D 19 -10.80 14.75 -41.94
CA ALA D 19 -11.61 15.57 -42.84
C ALA D 19 -11.61 15.00 -44.25
N ALA D 20 -10.43 14.70 -44.76
CA ALA D 20 -10.26 14.07 -46.08
C ALA D 20 -11.15 12.84 -46.22
N PHE D 21 -11.29 12.09 -45.13
CA PHE D 21 -12.22 10.97 -45.10
C PHE D 21 -13.66 11.49 -45.08
N HIS D 22 -13.99 12.32 -44.09
CA HIS D 22 -15.39 12.66 -43.80
C HIS D 22 -16.01 13.73 -44.70
N GLY D 23 -15.19 14.69 -45.15
CA GLY D 23 -15.67 15.79 -45.97
C GLY D 23 -16.66 16.67 -45.26
N ALA D 24 -17.67 17.14 -45.99
CA ALA D 24 -18.71 18.04 -45.46
C ALA D 24 -19.33 17.57 -44.14
N GLY D 25 -19.56 16.28 -44.00
CA GLY D 25 -20.30 15.76 -42.87
C GLY D 25 -19.48 15.53 -41.61
N LEU D 26 -18.29 16.13 -41.53
CA LEU D 26 -17.37 15.93 -40.39
C LEU D 26 -17.92 16.47 -39.07
N LYS D 27 -18.26 17.75 -39.05
CA LYS D 27 -18.85 18.35 -37.88
C LYS D 27 -20.04 17.50 -37.43
N ARG D 28 -21.00 17.31 -38.33
CA ARG D 28 -22.25 16.61 -38.01
C ARG D 28 -21.97 15.22 -37.41
N TYR D 29 -20.88 14.61 -37.82
CA TYR D 29 -20.46 13.29 -37.34
C TYR D 29 -19.80 13.43 -35.97
N LEU D 30 -18.82 14.32 -35.88
CA LEU D 30 -18.10 14.54 -34.62
C LEU D 30 -19.10 14.72 -33.53
N LEU D 31 -20.13 15.53 -33.79
CA LEU D 31 -21.19 15.81 -32.83
C LEU D 31 -22.09 14.61 -32.53
N THR D 32 -22.08 13.62 -33.42
CA THR D 32 -22.89 12.41 -33.25
C THR D 32 -22.17 11.46 -32.28
N VAL D 33 -20.90 11.17 -32.61
CA VAL D 33 -19.99 10.41 -31.77
C VAL D 33 -19.98 11.00 -30.35
N MET D 34 -19.83 12.31 -30.28
CA MET D 34 -19.79 13.02 -29.00
C MET D 34 -21.09 12.97 -28.20
N ALA D 35 -22.24 12.98 -28.89
CA ALA D 35 -23.52 12.88 -28.21
C ALA D 35 -23.74 11.48 -27.64
N ALA D 36 -23.05 10.49 -28.22
CA ALA D 36 -23.18 9.12 -27.74
C ALA D 36 -22.35 8.92 -26.47
N ALA D 37 -21.08 9.35 -26.51
CA ALA D 37 -20.29 9.42 -25.29
C ALA D 37 -21.05 10.19 -24.19
N ALA D 38 -21.56 11.37 -24.52
CA ALA D 38 -22.20 12.21 -23.53
C ALA D 38 -23.31 11.47 -22.80
N LYS D 39 -23.97 10.56 -23.50
CA LYS D 39 -25.17 9.85 -23.01
C LYS D 39 -24.79 8.69 -22.09
N ALA D 40 -23.56 8.21 -22.27
CA ALA D 40 -23.00 7.16 -21.42
C ALA D 40 -22.67 7.76 -20.08
N PHE D 41 -21.93 8.87 -20.10
CA PHE D 41 -21.54 9.57 -18.89
C PHE D 41 -22.73 10.12 -18.11
N LYS D 42 -23.92 10.00 -18.70
CA LYS D 42 -25.13 10.53 -18.08
C LYS D 42 -25.95 9.38 -17.48
N HIS D 43 -25.40 8.18 -17.53
CA HIS D 43 -26.11 7.01 -17.01
C HIS D 43 -25.90 6.80 -15.50
N PRO D 44 -26.97 6.49 -14.74
CA PRO D 44 -26.86 6.18 -13.31
C PRO D 44 -25.67 5.28 -12.91
N SER D 45 -25.39 4.23 -13.67
CA SER D 45 -24.32 3.28 -13.34
C SER D 45 -23.10 3.94 -12.75
N ILE D 46 -22.83 5.16 -13.21
CA ILE D 46 -21.67 5.96 -12.81
C ILE D 46 -21.88 6.67 -11.44
N ARG D 47 -23.08 6.53 -10.89
CA ARG D 47 -23.44 7.09 -9.57
C ARG D 47 -23.12 8.60 -9.41
N ASN D 48 -22.83 9.27 -10.52
CA ASN D 48 -22.53 10.70 -10.54
C ASN D 48 -23.16 11.47 -11.70
N PRO D 49 -23.70 12.67 -11.45
CA PRO D 49 -24.13 13.48 -12.59
C PRO D 49 -22.92 14.13 -13.31
N VAL D 50 -22.60 13.63 -14.51
CA VAL D 50 -21.58 14.25 -15.38
C VAL D 50 -22.12 14.53 -16.80
N SER D 51 -21.95 15.77 -17.25
CA SER D 51 -22.43 16.19 -18.57
C SER D 51 -21.28 16.58 -19.48
N LEU D 52 -20.99 15.71 -20.45
CA LEU D 52 -20.07 16.06 -21.53
C LEU D 52 -20.71 17.09 -22.44
N VAL D 53 -20.03 18.22 -22.59
CA VAL D 53 -20.48 19.27 -23.47
C VAL D 53 -19.31 19.66 -24.36
N VAL D 54 -19.56 19.73 -25.67
CA VAL D 54 -18.56 20.30 -26.56
C VAL D 54 -18.74 21.81 -26.52
N THR D 55 -17.65 22.52 -26.28
CA THR D 55 -17.70 23.97 -26.26
C THR D 55 -16.96 24.57 -27.45
N ARG D 56 -16.12 23.75 -28.08
CA ARG D 56 -15.52 24.09 -29.38
C ARG D 56 -14.99 22.88 -30.11
N LEU D 57 -15.08 22.89 -31.44
CA LEU D 57 -14.37 21.89 -32.21
C LEU D 57 -13.56 22.56 -33.30
N VAL D 58 -12.28 22.25 -33.35
CA VAL D 58 -11.44 22.76 -34.43
C VAL D 58 -11.11 21.62 -35.39
N ILE D 59 -11.29 21.89 -36.68
CA ILE D 59 -10.91 20.94 -37.73
C ILE D 59 -9.59 21.41 -38.33
N LEU D 60 -8.57 20.57 -38.18
CA LEU D 60 -7.22 20.86 -38.65
C LEU D 60 -7.11 20.93 -40.18
N GLY D 66 -0.14 22.80 -36.30
CA GLY D 66 -0.91 21.63 -35.85
C GLY D 66 -0.03 20.64 -35.11
N PRO D 67 -0.64 19.73 -34.33
CA PRO D 67 0.16 18.72 -33.65
C PRO D 67 0.56 17.60 -34.61
N GLN D 68 1.68 16.95 -34.30
CA GLN D 68 2.18 15.85 -35.13
C GLN D 68 1.44 14.57 -34.81
N VAL D 69 0.68 14.07 -35.76
CA VAL D 69 -0.30 13.01 -35.50
C VAL D 69 0.29 11.61 -35.68
N GLY D 70 1.61 11.49 -35.70
CA GLY D 70 2.25 10.22 -35.96
C GLY D 70 3.65 10.09 -35.36
N PRO D 71 4.17 8.86 -35.33
CA PRO D 71 3.47 7.62 -35.64
C PRO D 71 2.79 6.94 -34.45
N SER D 72 3.27 7.20 -33.24
CA SER D 72 2.88 6.45 -32.07
C SER D 72 1.53 6.87 -31.48
N ALA D 73 0.90 5.97 -30.75
CA ALA D 73 -0.24 6.38 -29.94
C ALA D 73 0.29 7.17 -28.75
N ALA D 74 1.57 6.97 -28.44
CA ALA D 74 2.17 7.61 -27.29
C ALA D 74 2.72 8.97 -27.67
N GLN D 75 3.10 9.11 -28.93
CA GLN D 75 3.68 10.35 -29.43
C GLN D 75 2.57 11.28 -29.92
N THR D 76 1.41 10.70 -30.25
CA THR D 76 0.28 11.51 -30.69
C THR D 76 -0.47 12.07 -29.48
N LEU D 77 -0.48 11.29 -28.40
CA LEU D 77 -0.97 11.78 -27.12
C LEU D 77 -0.17 12.99 -26.65
N ARG D 78 1.14 12.83 -26.57
CA ARG D 78 2.00 13.88 -26.05
C ARG D 78 2.00 15.09 -26.97
N SER D 79 2.05 14.83 -28.27
CA SER D 79 2.07 15.90 -29.26
C SER D 79 0.78 16.69 -29.17
N PHE D 80 -0.34 15.99 -29.03
CA PHE D 80 -1.63 16.66 -28.90
C PHE D 80 -1.66 17.39 -27.57
N CYS D 81 -1.15 16.74 -26.52
CA CYS D 81 -1.23 17.24 -25.15
C CYS D 81 -0.59 18.60 -25.02
N ALA D 82 0.63 18.70 -25.51
CA ALA D 82 1.38 19.95 -25.49
C ALA D 82 0.64 20.98 -26.34
N TRP D 83 0.23 20.57 -27.54
CA TRP D 83 -0.36 21.49 -28.51
C TRP D 83 -1.65 22.13 -28.03
N GLN D 84 -2.58 21.28 -27.58
CA GLN D 84 -3.84 21.67 -26.94
C GLN D 84 -3.69 22.90 -26.03
N ARG D 85 -2.80 22.79 -25.06
CA ARG D 85 -2.37 23.91 -24.20
C ARG D 85 -2.38 25.31 -24.82
N GLY D 86 -1.90 25.42 -26.05
CA GLY D 86 -1.82 26.70 -26.75
C GLY D 86 -3.14 27.28 -27.22
N LEU D 87 -4.20 26.48 -27.15
CA LEU D 87 -5.53 26.93 -27.56
C LEU D 87 -6.40 27.28 -26.36
N ASN D 88 -5.91 26.98 -25.15
CA ASN D 88 -6.65 27.30 -23.94
C ASN D 88 -6.40 28.71 -23.40
N THR D 89 -7.40 29.22 -22.67
CA THR D 89 -7.29 30.52 -21.97
C THR D 89 -7.03 30.29 -20.48
N PRO D 90 -6.31 31.21 -19.83
CA PRO D 90 -5.96 31.11 -18.40
C PRO D 90 -7.12 30.83 -17.43
N GLU D 91 -8.20 31.62 -17.51
CA GLU D 91 -9.32 31.52 -16.54
C GLU D 91 -10.51 30.72 -17.07
N ASP D 92 -11.02 29.78 -16.25
CA ASP D 92 -12.22 29.00 -16.61
C ASP D 92 -13.43 29.88 -16.96
N SER D 93 -13.29 31.18 -16.73
CA SER D 93 -14.38 32.12 -16.98
C SER D 93 -14.56 32.48 -18.46
N ASP D 94 -13.47 32.41 -19.24
CA ASP D 94 -13.52 32.63 -20.69
C ASP D 94 -14.50 31.68 -21.36
N PRO D 95 -15.20 32.14 -22.39
CA PRO D 95 -16.01 31.21 -23.20
C PRO D 95 -15.09 30.25 -23.95
N ASP D 96 -13.91 30.75 -24.33
CA ASP D 96 -12.90 29.96 -25.04
C ASP D 96 -12.13 28.95 -24.18
N HIS D 97 -12.17 29.07 -22.84
CA HIS D 97 -11.50 28.08 -21.99
C HIS D 97 -12.18 26.71 -22.09
N PHE D 98 -11.41 25.64 -21.95
CA PHE D 98 -11.96 24.27 -21.95
C PHE D 98 -11.28 23.39 -20.89
N ASP D 99 -11.98 22.36 -20.46
CA ASP D 99 -11.49 21.48 -19.42
C ASP D 99 -10.69 20.27 -19.97
N THR D 100 -11.07 19.80 -21.17
CA THR D 100 -10.28 18.76 -21.86
C THR D 100 -10.44 18.73 -23.39
N ALA D 101 -9.42 18.20 -24.05
CA ALA D 101 -9.35 18.14 -25.50
C ALA D 101 -9.27 16.70 -25.98
N ILE D 102 -10.14 16.31 -26.92
CA ILE D 102 -10.01 15.01 -27.58
C ILE D 102 -9.67 15.19 -29.04
N LEU D 103 -8.61 14.51 -29.48
CA LEU D 103 -8.23 14.46 -30.88
C LEU D 103 -8.70 13.17 -31.54
N PHE D 104 -9.57 13.32 -32.55
CA PHE D 104 -9.96 12.21 -33.40
C PHE D 104 -9.06 12.20 -34.60
N THR D 105 -8.69 11.01 -35.03
CA THR D 105 -7.86 10.88 -36.18
C THR D 105 -8.35 9.70 -37.00
N ARG D 106 -8.05 9.72 -38.29
CA ARG D 106 -8.42 8.62 -39.16
C ARG D 106 -7.20 7.78 -39.43
N GLN D 107 -6.03 8.36 -39.20
CA GLN D 107 -4.76 7.66 -39.30
C GLN D 107 -4.81 6.37 -38.47
N ASP D 108 -4.81 5.25 -39.18
CA ASP D 108 -4.47 3.96 -38.61
C ASP D 108 -3.16 4.17 -37.84
N LEU D 109 -3.27 4.25 -36.52
CA LEU D 109 -2.11 4.43 -35.67
C LEU D 109 -2.06 3.36 -34.56
N CYS D 110 -3.04 2.46 -34.59
CA CYS D 110 -3.02 1.28 -33.75
C CYS D 110 -2.45 0.08 -34.53
N GLY D 111 -2.56 0.15 -35.85
CA GLY D 111 -1.97 -0.85 -36.72
C GLY D 111 -0.46 -0.93 -36.59
N VAL D 112 0.16 0.22 -36.29
CA VAL D 112 1.61 0.27 -36.10
C VAL D 112 1.96 0.20 -34.61
N SER D 113 1.60 1.23 -33.86
CA SER D 113 1.96 1.29 -32.45
C SER D 113 0.87 0.71 -31.55
N THR D 114 1.27 0.17 -30.40
CA THR D 114 0.32 -0.36 -29.42
C THR D 114 -0.58 0.75 -28.93
N CYS D 115 -1.86 0.45 -28.73
CA CYS D 115 -2.81 1.42 -28.18
C CYS D 115 -3.77 0.79 -27.16
N ASP D 116 -4.56 1.63 -26.50
CA ASP D 116 -5.36 1.24 -25.34
C ASP D 116 -6.71 0.63 -25.75
N THR D 117 -7.41 1.27 -26.69
CA THR D 117 -8.45 0.58 -27.43
C THR D 117 -8.19 0.91 -28.89
N LEU D 118 -8.73 2.04 -29.33
CA LEU D 118 -8.19 2.71 -30.49
C LEU D 118 -7.97 4.16 -30.04
N GLY D 119 -7.62 4.30 -28.77
CA GLY D 119 -7.38 5.60 -28.19
C GLY D 119 -6.39 5.56 -27.04
N MET D 120 -6.22 6.70 -26.39
CA MET D 120 -5.11 6.92 -25.45
C MET D 120 -5.43 8.05 -24.51
N ALA D 121 -4.86 7.98 -23.31
CA ALA D 121 -4.97 9.02 -22.30
C ALA D 121 -3.99 8.77 -21.16
N ASP D 122 -3.63 9.83 -20.45
CA ASP D 122 -3.03 9.68 -19.13
C ASP D 122 -4.22 9.46 -18.15
N VAL D 123 -3.92 8.92 -16.96
CA VAL D 123 -4.99 8.66 -15.99
C VAL D 123 -5.16 9.80 -14.99
N GLY D 124 -6.40 9.99 -14.51
CA GLY D 124 -6.73 11.03 -13.52
C GLY D 124 -6.14 12.40 -13.84
N THR D 125 -6.68 13.05 -14.87
CA THR D 125 -6.03 14.19 -15.47
C THR D 125 -7.01 15.31 -15.84
N VAL D 126 -8.29 15.14 -15.44
CA VAL D 126 -9.43 15.94 -15.94
C VAL D 126 -9.32 17.45 -15.76
N CYS D 127 -8.70 17.91 -14.67
CA CYS D 127 -8.64 19.34 -14.41
C CYS D 127 -7.24 19.96 -14.52
N ASP D 128 -6.34 19.24 -15.19
CA ASP D 128 -4.97 19.67 -15.39
C ASP D 128 -4.77 20.17 -16.82
N PRO D 129 -5.02 21.47 -17.05
CA PRO D 129 -4.91 22.05 -18.40
C PRO D 129 -3.67 21.57 -19.16
N ALA D 130 -2.65 21.15 -18.42
CA ALA D 130 -1.36 20.79 -19.00
C ALA D 130 -1.35 19.38 -19.61
N ARG D 131 -2.24 18.53 -19.14
CA ARG D 131 -2.29 17.14 -19.63
C ARG D 131 -3.68 16.47 -19.52
N SER D 132 -4.73 17.29 -19.55
CA SER D 132 -6.06 16.80 -19.85
C SER D 132 -6.21 16.70 -21.39
N CYS D 133 -5.73 15.59 -21.93
CA CYS D 133 -5.82 15.25 -23.35
C CYS D 133 -6.40 13.85 -23.54
N ALA D 134 -6.69 13.51 -24.79
CA ALA D 134 -7.20 12.18 -25.17
C ALA D 134 -7.10 12.02 -26.69
N ILE D 135 -6.79 10.80 -27.14
CA ILE D 135 -6.71 10.50 -28.56
C ILE D 135 -7.65 9.37 -28.88
N VAL D 136 -8.44 9.53 -29.94
CA VAL D 136 -9.30 8.45 -30.41
C VAL D 136 -9.09 8.24 -31.91
N GLU D 137 -8.81 7.00 -32.31
CA GLU D 137 -8.66 6.65 -33.71
C GLU D 137 -10.03 6.21 -34.24
N ASP D 138 -10.69 7.07 -35.01
CA ASP D 138 -12.06 6.81 -35.48
C ASP D 138 -12.15 5.59 -36.39
N ASP D 139 -13.11 4.73 -36.10
CA ASP D 139 -13.35 3.54 -36.92
C ASP D 139 -14.85 3.27 -37.07
N GLY D 140 -15.64 4.34 -37.05
CA GLY D 140 -17.09 4.22 -37.12
C GLY D 140 -17.74 4.69 -35.85
N LEU D 141 -19.06 4.59 -35.77
CA LEU D 141 -19.82 5.09 -34.62
C LEU D 141 -19.46 4.44 -33.29
N GLN D 142 -18.81 3.28 -33.34
CA GLN D 142 -18.35 2.62 -32.13
C GLN D 142 -17.20 3.39 -31.45
N SER D 143 -16.50 4.21 -32.23
CA SER D 143 -15.44 5.09 -31.73
C SER D 143 -15.97 6.09 -30.72
N ALA D 144 -17.29 6.15 -30.56
CA ALA D 144 -17.88 6.91 -29.48
C ALA D 144 -17.51 6.24 -28.16
N PHE D 145 -17.53 4.91 -28.15
CA PHE D 145 -17.16 4.16 -26.97
C PHE D 145 -15.68 4.32 -26.69
N THR D 146 -14.86 4.23 -27.73
CA THR D 146 -13.44 4.49 -27.59
C THR D 146 -13.21 5.85 -26.95
N ALA D 147 -13.93 6.88 -27.39
CA ALA D 147 -13.87 8.18 -26.76
C ALA D 147 -14.13 8.06 -25.26
N ALA D 148 -15.37 7.69 -24.91
CA ALA D 148 -15.80 7.47 -23.53
C ALA D 148 -14.78 6.68 -22.72
N HIS D 149 -14.34 5.55 -23.27
CA HIS D 149 -13.30 4.77 -22.63
C HIS D 149 -12.12 5.63 -22.18
N GLN D 150 -11.59 6.49 -23.06
CA GLN D 150 -10.48 7.35 -22.64
C GLN D 150 -10.91 8.31 -21.54
N LEU D 151 -11.99 9.05 -21.74
CA LEU D 151 -12.46 9.96 -20.69
C LEU D 151 -12.50 9.26 -19.32
N GLY D 152 -12.82 7.97 -19.33
CA GLY D 152 -12.79 7.15 -18.13
C GLY D 152 -11.45 7.22 -17.45
N HIS D 153 -10.39 7.08 -18.26
CA HIS D 153 -9.00 7.17 -17.79
C HIS D 153 -8.69 8.60 -17.37
N VAL D 154 -9.28 9.56 -18.08
CA VAL D 154 -9.15 10.95 -17.69
C VAL D 154 -9.82 11.15 -16.31
N PHE D 155 -10.92 10.44 -16.07
CA PHE D 155 -11.65 10.56 -14.81
C PHE D 155 -11.17 9.60 -13.73
N ASN D 156 -9.91 9.15 -13.86
CA ASN D 156 -9.21 8.30 -12.87
C ASN D 156 -9.45 6.78 -12.92
N MET D 157 -10.20 6.31 -13.92
CA MET D 157 -10.64 4.91 -13.89
C MET D 157 -9.64 3.94 -14.45
N LEU D 158 -9.70 2.73 -13.91
CA LEU D 158 -8.83 1.63 -14.35
C LEU D 158 -9.62 0.60 -15.16
N HIS D 159 -8.92 -0.36 -15.77
CA HIS D 159 -9.59 -1.42 -16.53
C HIS D 159 -10.29 -2.41 -15.62
N ASP D 160 -11.50 -2.83 -15.97
CA ASP D 160 -12.26 -3.78 -15.15
C ASP D 160 -11.54 -5.11 -14.83
N ASN D 161 -10.51 -5.45 -15.61
CA ASN D 161 -9.73 -6.67 -15.37
C ASN D 161 -8.59 -6.50 -14.34
N SER D 162 -8.28 -5.24 -14.03
CA SER D 162 -7.16 -4.88 -13.15
C SER D 162 -7.39 -5.24 -11.68
N LYS D 163 -6.29 -5.29 -10.93
CA LYS D 163 -6.28 -5.72 -9.53
C LYS D 163 -7.37 -5.07 -8.66
N PRO D 164 -7.39 -3.72 -8.57
CA PRO D 164 -8.42 -3.13 -7.71
C PRO D 164 -9.83 -3.49 -8.17
N CYS D 165 -10.10 -3.32 -9.47
CA CYS D 165 -11.40 -3.64 -10.04
C CYS D 165 -11.89 -5.07 -9.85
N ILE D 166 -10.97 -6.03 -9.78
CA ILE D 166 -11.31 -7.44 -9.51
C ILE D 166 -11.96 -7.58 -8.14
N SER D 167 -11.35 -6.94 -7.14
CA SER D 167 -11.87 -6.95 -5.77
C SER D 167 -13.25 -6.32 -5.73
N LEU D 168 -13.44 -5.28 -6.52
CA LEU D 168 -14.68 -4.50 -6.51
C LEU D 168 -15.78 -4.98 -7.47
N ASN D 169 -15.41 -5.74 -8.50
CA ASN D 169 -16.38 -6.28 -9.45
C ASN D 169 -16.80 -7.73 -9.19
N GLY D 170 -15.98 -8.47 -8.46
CA GLY D 170 -16.16 -9.92 -8.36
C GLY D 170 -15.28 -10.57 -9.41
N PRO D 171 -14.68 -11.73 -9.10
CA PRO D 171 -13.66 -12.30 -9.98
C PRO D 171 -14.20 -12.87 -11.30
N LEU D 172 -15.48 -13.25 -11.30
CA LEU D 172 -16.15 -13.79 -12.49
C LEU D 172 -16.63 -12.69 -13.44
N SER D 173 -15.86 -11.60 -13.51
CA SER D 173 -16.29 -10.38 -14.18
C SER D 173 -16.16 -10.44 -15.70
N THR D 174 -17.31 -10.36 -16.37
CA THR D 174 -17.42 -10.25 -17.82
C THR D 174 -16.85 -8.92 -18.35
N SER D 175 -16.78 -8.77 -19.67
CA SER D 175 -16.20 -7.56 -20.26
C SER D 175 -17.30 -6.60 -20.77
N ARG D 176 -18.45 -6.65 -20.13
CA ARG D 176 -19.66 -5.95 -20.59
C ARG D 176 -19.70 -4.45 -20.26
N HIS D 177 -18.58 -3.89 -19.83
CA HIS D 177 -18.57 -2.48 -19.41
C HIS D 177 -17.56 -1.63 -20.18
N VAL D 178 -17.74 -0.31 -20.13
CA VAL D 178 -16.93 0.66 -20.85
C VAL D 178 -15.46 0.57 -20.50
N MET D 179 -15.15 0.34 -19.23
CA MET D 179 -13.77 0.22 -18.79
C MET D 179 -13.27 -1.24 -18.84
N ALA D 180 -13.81 -2.04 -19.76
CA ALA D 180 -13.24 -3.33 -20.07
C ALA D 180 -12.04 -3.08 -20.96
N PRO D 181 -10.98 -3.89 -20.85
CA PRO D 181 -9.75 -3.63 -21.61
C PRO D 181 -9.93 -3.73 -23.13
N VAL D 182 -10.81 -4.63 -23.56
CA VAL D 182 -11.21 -4.72 -24.97
C VAL D 182 -12.71 -4.41 -25.10
N MET D 183 -13.08 -3.61 -26.11
CA MET D 183 -14.48 -3.19 -26.28
C MET D 183 -15.42 -4.34 -26.62
N ALA D 184 -16.36 -4.61 -25.71
CA ALA D 184 -17.28 -5.74 -25.87
C ALA D 184 -18.73 -5.28 -25.96
N HIS D 185 -19.67 -6.20 -25.72
CA HIS D 185 -21.09 -5.88 -25.76
C HIS D 185 -21.52 -5.07 -24.54
N VAL D 186 -21.18 -3.78 -24.54
CA VAL D 186 -21.46 -2.91 -23.40
C VAL D 186 -22.95 -2.91 -23.07
N ASP D 187 -23.28 -3.35 -21.86
CA ASP D 187 -24.65 -3.39 -21.38
C ASP D 187 -25.24 -1.98 -21.29
N PRO D 188 -26.22 -1.66 -22.16
CA PRO D 188 -26.92 -0.37 -22.12
C PRO D 188 -27.79 -0.13 -20.88
N GLU D 189 -28.00 -1.15 -20.05
CA GLU D 189 -28.66 -0.96 -18.74
C GLU D 189 -27.65 -0.65 -17.64
N GLU D 190 -26.37 -0.82 -17.97
CA GLU D 190 -25.28 -0.52 -17.05
C GLU D 190 -23.93 -0.32 -17.79
N PRO D 191 -23.77 0.81 -18.50
CA PRO D 191 -22.51 1.08 -19.20
C PRO D 191 -21.28 0.97 -18.29
N TRP D 192 -21.41 1.44 -17.05
CA TRP D 192 -20.26 1.49 -16.15
C TRP D 192 -20.27 0.42 -15.05
N SER D 193 -19.07 -0.05 -14.72
CA SER D 193 -18.90 -1.06 -13.68
C SER D 193 -18.59 -0.39 -12.35
N PRO D 194 -19.17 -0.90 -11.24
CA PRO D 194 -18.93 -0.48 -9.87
C PRO D 194 -17.51 0.05 -9.64
N CYS D 195 -16.50 -0.65 -10.16
CA CYS D 195 -15.13 -0.21 -10.01
C CYS D 195 -14.91 1.20 -10.61
N SER D 196 -15.32 1.38 -11.86
CA SER D 196 -15.26 2.70 -12.52
C SER D 196 -16.04 3.72 -11.68
N ALA D 197 -17.24 3.32 -11.23
CA ALA D 197 -18.10 4.23 -10.47
C ALA D 197 -17.48 4.56 -9.12
N ARG D 198 -16.80 3.59 -8.50
CA ARG D 198 -16.13 3.85 -7.23
C ARG D 198 -14.85 4.66 -7.43
N PHE D 199 -14.19 4.50 -8.57
CA PHE D 199 -12.97 5.28 -8.84
C PHE D 199 -13.25 6.73 -9.19
N ILE D 200 -14.37 6.97 -9.91
CA ILE D 200 -14.66 8.33 -10.38
C ILE D 200 -15.12 9.19 -9.21
N THR D 201 -15.95 8.61 -8.35
CA THR D 201 -16.42 9.27 -7.16
C THR D 201 -15.24 9.74 -6.30
N ASP D 202 -14.40 8.81 -5.86
CA ASP D 202 -13.26 9.16 -5.01
C ASP D 202 -12.29 10.12 -5.73
N PHE D 203 -12.49 10.30 -7.02
CA PHE D 203 -11.81 11.35 -7.74
C PHE D 203 -12.51 12.69 -7.49
N LEU D 204 -13.81 12.72 -7.75
CA LEU D 204 -14.60 13.92 -7.52
C LEU D 204 -14.68 14.29 -6.05
N ASP D 205 -14.91 13.30 -5.18
CA ASP D 205 -14.95 13.55 -3.75
C ASP D 205 -13.67 14.15 -3.24
N ASN D 206 -12.56 13.63 -3.72
CA ASN D 206 -11.26 14.16 -3.36
C ASN D 206 -10.97 15.49 -4.05
N GLY D 207 -11.89 15.92 -4.89
CA GLY D 207 -11.93 17.28 -5.38
C GLY D 207 -11.06 17.50 -6.57
N TYR D 208 -11.00 16.49 -7.44
CA TYR D 208 -10.16 16.55 -8.63
C TYR D 208 -10.92 17.08 -9.87
N GLY D 209 -12.21 17.37 -9.70
CA GLY D 209 -13.01 18.02 -10.73
C GLY D 209 -13.46 19.43 -10.32
N HIS D 210 -12.59 20.13 -9.59
CA HIS D 210 -12.88 21.50 -9.16
C HIS D 210 -13.23 22.40 -10.34
N CYS D 211 -12.73 22.02 -11.51
CA CYS D 211 -12.86 22.82 -12.71
C CYS D 211 -14.09 22.47 -13.56
N LEU D 212 -14.86 21.51 -13.07
CA LEU D 212 -16.06 21.02 -13.77
C LEU D 212 -17.34 21.61 -13.23
N LEU D 213 -17.26 22.76 -12.55
CA LEU D 213 -18.41 23.24 -11.80
C LEU D 213 -19.18 24.36 -12.47
N ASP D 214 -18.49 25.19 -13.25
CA ASP D 214 -19.13 26.27 -14.00
C ASP D 214 -19.85 25.75 -15.24
N LYS D 215 -21.11 26.15 -15.41
CA LYS D 215 -21.86 25.89 -16.64
C LYS D 215 -21.23 26.59 -17.84
N PRO D 216 -21.20 25.89 -18.98
CA PRO D 216 -20.69 26.45 -20.22
C PRO D 216 -21.55 27.61 -20.71
N GLU D 217 -20.95 28.53 -21.45
CA GLU D 217 -21.65 29.72 -21.93
C GLU D 217 -22.71 29.40 -22.97
N ALA D 218 -22.28 28.78 -24.06
CA ALA D 218 -23.16 28.46 -25.19
C ALA D 218 -22.62 27.25 -25.92
N PRO D 219 -22.83 26.04 -25.34
CA PRO D 219 -22.26 24.82 -25.91
C PRO D 219 -22.90 24.46 -27.24
N LEU D 220 -22.15 23.74 -28.09
CA LEU D 220 -22.67 23.28 -29.36
C LEU D 220 -23.79 22.28 -29.12
N HIS D 221 -24.85 22.40 -29.91
CA HIS D 221 -26.01 21.54 -29.80
C HIS D 221 -25.68 20.10 -30.22
N LEU D 222 -26.00 19.15 -29.36
CA LEU D 222 -25.77 17.74 -29.67
C LEU D 222 -27.05 17.08 -30.20
N PRO D 223 -26.93 16.25 -31.25
CA PRO D 223 -28.09 15.54 -31.77
C PRO D 223 -28.84 14.79 -30.67
N VAL D 224 -30.16 14.97 -30.64
CA VAL D 224 -31.04 14.28 -29.70
C VAL D 224 -31.67 13.04 -30.35
N THR D 225 -31.56 12.98 -31.68
CA THR D 225 -32.07 11.86 -32.49
C THR D 225 -31.11 10.67 -32.46
N PHE D 226 -31.68 9.47 -32.52
CA PHE D 226 -30.88 8.24 -32.56
C PHE D 226 -29.87 8.23 -33.72
N PRO D 227 -28.65 7.72 -33.48
CA PRO D 227 -27.62 7.67 -34.52
C PRO D 227 -27.94 6.79 -35.73
N GLY D 228 -28.82 5.79 -35.56
CA GLY D 228 -29.26 4.94 -36.66
C GLY D 228 -30.11 5.66 -37.70
N LYS D 229 -30.81 6.71 -37.25
CA LYS D 229 -31.69 7.48 -38.13
C LYS D 229 -30.90 8.48 -38.95
N ASP D 230 -29.75 8.90 -38.43
CA ASP D 230 -28.86 9.83 -39.12
C ASP D 230 -27.96 9.07 -40.10
N TYR D 231 -27.47 7.92 -39.67
CA TYR D 231 -26.61 7.07 -40.49
C TYR D 231 -27.22 5.68 -40.58
N ASP D 232 -27.57 5.26 -41.79
CA ASP D 232 -28.16 3.94 -41.97
C ASP D 232 -27.08 2.89 -42.15
N ALA D 233 -27.51 1.62 -42.24
CA ALA D 233 -26.61 0.47 -42.34
C ALA D 233 -25.48 0.61 -43.37
N ASP D 234 -25.79 1.21 -44.52
CA ASP D 234 -24.76 1.46 -45.54
C ASP D 234 -23.70 2.47 -45.08
N ARG D 235 -24.16 3.64 -44.63
CA ARG D 235 -23.26 4.69 -44.13
C ARG D 235 -22.41 4.18 -42.96
N GLN D 236 -23.03 3.38 -42.08
CA GLN D 236 -22.33 2.77 -40.97
C GLN D 236 -21.18 1.90 -41.47
N CYS D 237 -21.42 1.17 -42.55
CA CYS D 237 -20.40 0.28 -43.11
C CYS D 237 -19.23 1.05 -43.71
N GLN D 238 -19.53 2.17 -44.36
CA GLN D 238 -18.51 2.99 -44.98
C GLN D 238 -17.69 3.70 -43.92
N LEU D 239 -18.32 3.98 -42.79
CA LEU D 239 -17.69 4.65 -41.67
C LEU D 239 -16.76 3.71 -40.92
N THR D 240 -16.99 2.42 -41.07
CA THR D 240 -16.17 1.42 -40.39
C THR D 240 -15.13 0.87 -41.35
N PHE D 241 -15.49 0.78 -42.63
CA PHE D 241 -14.67 0.08 -43.64
C PHE D 241 -14.32 0.88 -44.89
N GLY D 242 -14.98 2.02 -45.12
CA GLY D 242 -14.64 2.89 -46.25
C GLY D 242 -15.66 3.01 -47.37
N PRO D 243 -15.35 3.84 -48.39
CA PRO D 243 -16.36 4.34 -49.31
C PRO D 243 -17.01 3.26 -50.18
N ASP D 244 -16.28 2.20 -50.52
CA ASP D 244 -16.82 1.17 -51.41
C ASP D 244 -17.71 0.16 -50.67
N SER D 245 -17.58 0.11 -49.34
CA SER D 245 -18.27 -0.88 -48.53
C SER D 245 -19.78 -0.63 -48.43
N ARG D 246 -20.54 -1.73 -48.47
CA ARG D 246 -22.00 -1.67 -48.36
C ARG D 246 -22.48 -2.72 -47.36
N HIS D 247 -23.69 -2.55 -46.86
CA HIS D 247 -24.26 -3.45 -45.86
C HIS D 247 -24.61 -4.85 -46.42
N CYS D 248 -24.34 -5.89 -45.64
CA CYS D 248 -24.86 -7.24 -45.88
C CYS D 248 -26.10 -7.47 -44.99
N PRO D 249 -27.32 -7.20 -45.51
CA PRO D 249 -28.53 -7.27 -44.68
C PRO D 249 -28.96 -8.68 -44.30
N GLN D 250 -28.62 -9.66 -45.14
CA GLN D 250 -29.12 -11.04 -45.04
C GLN D 250 -28.90 -11.75 -43.69
N LEU D 251 -27.88 -11.30 -42.94
CA LEU D 251 -27.43 -11.94 -41.70
C LEU D 251 -28.45 -11.91 -40.54
N PRO D 252 -29.07 -13.07 -40.22
CA PRO D 252 -30.01 -13.18 -39.11
C PRO D 252 -29.35 -13.64 -37.80
N PRO D 253 -29.83 -13.14 -36.66
CA PRO D 253 -30.90 -12.15 -36.53
C PRO D 253 -30.39 -10.71 -36.66
N PRO D 254 -31.27 -9.77 -37.06
CA PRO D 254 -30.89 -8.38 -37.31
C PRO D 254 -30.35 -7.64 -36.09
N CYS D 255 -29.59 -6.58 -36.35
CA CYS D 255 -29.09 -5.62 -35.34
C CYS D 255 -27.88 -6.11 -34.53
N ALA D 256 -27.72 -7.42 -34.42
CA ALA D 256 -26.70 -8.02 -33.53
C ALA D 256 -25.27 -7.71 -33.94
N ALA D 257 -24.95 -7.92 -35.21
CA ALA D 257 -23.62 -7.68 -35.73
C ALA D 257 -23.71 -7.02 -37.10
N LEU D 258 -22.93 -5.96 -37.29
CA LEU D 258 -22.92 -5.21 -38.53
C LEU D 258 -21.91 -5.78 -39.51
N TRP D 259 -22.41 -6.53 -40.50
CA TRP D 259 -21.58 -7.11 -41.55
C TRP D 259 -21.55 -6.18 -42.75
N CYS D 260 -20.39 -6.13 -43.40
CA CYS D 260 -20.15 -5.17 -44.49
C CYS D 260 -19.41 -5.80 -45.66
N SER D 261 -19.73 -5.33 -46.86
CA SER D 261 -19.13 -5.77 -48.12
C SER D 261 -17.62 -5.50 -48.25
N GLY D 262 -16.95 -6.29 -49.08
CA GLY D 262 -15.52 -6.16 -49.34
C GLY D 262 -15.05 -7.22 -50.34
N HIS D 263 -13.79 -7.12 -50.77
CA HIS D 263 -13.22 -8.09 -51.72
C HIS D 263 -11.77 -8.44 -51.36
N LEU D 264 -11.45 -9.73 -51.34
CA LEU D 264 -10.15 -10.19 -50.84
C LEU D 264 -9.17 -10.69 -51.92
N ASN D 265 -9.59 -11.68 -52.70
CA ASN D 265 -8.76 -12.24 -53.77
C ASN D 265 -9.51 -12.40 -55.10
N GLY D 266 -10.55 -11.60 -55.29
CA GLY D 266 -11.42 -11.71 -56.46
C GLY D 266 -12.66 -12.53 -56.19
N HIS D 267 -12.99 -12.68 -54.91
CA HIS D 267 -14.24 -13.29 -54.46
C HIS D 267 -14.81 -12.48 -53.29
N ALA D 268 -16.13 -12.32 -53.28
CA ALA D 268 -16.80 -11.40 -52.37
C ALA D 268 -16.79 -11.85 -50.93
N MET D 269 -16.74 -10.87 -50.03
CA MET D 269 -16.74 -11.14 -48.60
C MET D 269 -17.75 -10.26 -47.86
N CYS D 270 -18.24 -10.78 -46.75
CA CYS D 270 -18.88 -9.97 -45.74
C CYS D 270 -17.97 -10.03 -44.52
N GLN D 271 -17.74 -8.87 -43.91
CA GLN D 271 -16.84 -8.73 -42.76
C GLN D 271 -17.49 -7.90 -41.67
N THR D 272 -17.00 -8.04 -40.45
CA THR D 272 -17.57 -7.34 -39.31
C THR D 272 -16.54 -7.05 -38.22
N LYS D 273 -16.70 -5.91 -37.56
CA LYS D 273 -15.97 -5.62 -36.34
C LYS D 273 -16.68 -6.29 -35.16
N HIS D 274 -17.96 -6.64 -35.36
CA HIS D 274 -18.80 -7.31 -34.36
C HIS D 274 -19.51 -6.35 -33.39
N SER D 275 -19.39 -5.05 -33.66
CA SER D 275 -20.27 -4.06 -33.04
C SER D 275 -21.68 -4.32 -33.56
N PRO D 276 -22.71 -4.11 -32.72
CA PRO D 276 -24.09 -4.18 -33.21
C PRO D 276 -24.44 -2.96 -34.08
N TRP D 277 -25.56 -3.02 -34.81
CA TRP D 277 -26.03 -1.87 -35.58
C TRP D 277 -26.34 -0.69 -34.64
N ALA D 278 -26.23 0.53 -35.15
CA ALA D 278 -26.55 1.71 -34.36
C ALA D 278 -27.96 1.63 -33.81
N ASP D 279 -28.11 2.09 -32.57
CA ASP D 279 -29.44 2.24 -32.00
C ASP D 279 -30.21 3.22 -32.87
N GLY D 280 -31.44 2.85 -33.23
CA GLY D 280 -32.25 3.68 -34.11
C GLY D 280 -32.31 3.22 -35.56
N THR D 281 -31.40 2.33 -35.96
CA THR D 281 -31.37 1.82 -37.33
C THR D 281 -32.63 1.03 -37.62
N PRO D 282 -33.32 1.37 -38.72
CA PRO D 282 -34.45 0.55 -39.12
C PRO D 282 -34.01 -0.87 -39.46
N CYS D 283 -34.69 -1.86 -38.89
CA CYS D 283 -34.45 -3.26 -39.19
C CYS D 283 -35.70 -3.94 -39.72
N GLY D 284 -36.77 -3.16 -39.89
CA GLY D 284 -38.02 -3.70 -40.41
C GLY D 284 -39.20 -2.76 -40.35
N PRO D 285 -40.42 -3.33 -40.46
CA PRO D 285 -41.63 -2.61 -40.83
C PRO D 285 -41.87 -1.38 -39.96
N ALA D 286 -42.17 -1.59 -38.68
CA ALA D 286 -42.11 -0.50 -37.71
C ALA D 286 -41.13 -0.87 -36.62
N GLN D 287 -40.04 -1.51 -37.04
CA GLN D 287 -39.02 -2.00 -36.13
C GLN D 287 -37.72 -1.22 -36.30
N ALA D 288 -37.03 -0.97 -35.19
CA ALA D 288 -35.69 -0.38 -35.23
C ALA D 288 -34.81 -1.02 -34.17
N CYS D 289 -33.50 -0.87 -34.33
CA CYS D 289 -32.52 -1.51 -33.45
C CYS D 289 -32.34 -0.79 -32.13
N MET D 290 -32.39 -1.56 -31.04
CA MET D 290 -32.11 -1.01 -29.70
C MET D 290 -31.17 -1.95 -28.95
N GLY D 291 -29.88 -1.65 -29.03
CA GLY D 291 -28.86 -2.43 -28.35
C GLY D 291 -28.71 -3.84 -28.87
N GLY D 292 -28.70 -3.99 -30.20
CA GLY D 292 -28.50 -5.29 -30.80
C GLY D 292 -29.74 -6.12 -31.07
N ARG D 293 -30.89 -5.73 -30.50
CA ARG D 293 -32.16 -6.39 -30.81
C ARG D 293 -32.95 -5.60 -31.87
N CYS D 294 -33.94 -6.24 -32.48
CA CYS D 294 -34.82 -5.57 -33.44
C CYS D 294 -36.23 -5.35 -32.87
N LEU D 295 -36.57 -4.09 -32.59
CA LEU D 295 -37.80 -3.76 -31.88
C LEU D 295 -38.75 -2.86 -32.69
N ARG E 6 -32.78 59.86 -39.60
CA ARG E 6 -33.21 58.59 -38.91
C ARG E 6 -33.27 58.66 -37.37
N PHE E 7 -34.50 58.55 -36.85
CA PHE E 7 -34.77 58.66 -35.45
C PHE E 7 -35.67 57.50 -35.10
N VAL E 8 -35.30 56.73 -34.08
CA VAL E 8 -36.15 55.63 -33.59
C VAL E 8 -36.86 56.11 -32.33
N GLU E 9 -38.16 56.35 -32.46
CA GLU E 9 -39.02 56.80 -31.35
C GLU E 9 -39.41 55.64 -30.44
N THR E 10 -38.71 55.54 -29.32
CA THR E 10 -38.81 54.37 -28.45
C THR E 10 -39.74 54.55 -27.25
N LEU E 11 -40.50 53.51 -26.94
CA LEU E 11 -41.16 53.38 -25.65
C LEU E 11 -40.31 52.49 -24.72
N VAL E 12 -40.05 53.00 -23.53
CA VAL E 12 -39.35 52.28 -22.46
C VAL E 12 -40.27 51.95 -21.27
N VAL E 13 -40.21 50.72 -20.76
CA VAL E 13 -41.13 50.29 -19.65
C VAL E 13 -40.49 49.49 -18.53
N ALA E 14 -40.68 49.95 -17.30
CA ALA E 14 -40.19 49.22 -16.14
C ALA E 14 -41.33 48.39 -15.54
N ASP E 15 -41.07 47.10 -15.36
CA ASP E 15 -42.02 46.23 -14.68
C ASP E 15 -41.92 46.51 -13.18
N ASP E 16 -42.85 46.00 -12.39
CA ASP E 16 -42.92 46.38 -10.97
C ASP E 16 -41.79 45.82 -10.11
N LYS E 17 -41.22 44.68 -10.51
CA LYS E 17 -40.01 44.15 -9.88
C LYS E 17 -38.91 45.21 -9.96
N MET E 18 -38.88 45.90 -11.09
CA MET E 18 -37.95 46.97 -11.40
C MET E 18 -38.13 48.20 -10.51
N ALA E 19 -39.37 48.64 -10.37
CA ALA E 19 -39.70 49.81 -9.55
C ALA E 19 -39.19 49.61 -8.13
N ALA E 20 -39.62 48.50 -7.53
CA ALA E 20 -39.28 48.20 -6.14
C ALA E 20 -37.76 48.10 -5.94
N PHE E 21 -37.06 47.62 -6.95
CA PHE E 21 -35.63 47.52 -6.84
C PHE E 21 -34.94 48.89 -6.82
N HIS E 22 -35.32 49.76 -7.75
CA HIS E 22 -34.65 51.04 -7.94
C HIS E 22 -35.23 52.22 -7.14
N GLY E 23 -36.51 52.15 -6.79
CA GLY E 23 -37.17 53.27 -6.12
C GLY E 23 -37.13 54.50 -7.01
N ALA E 24 -37.05 55.68 -6.40
CA ALA E 24 -37.03 56.95 -7.15
C ALA E 24 -35.88 57.09 -8.15
N GLY E 25 -34.82 56.30 -7.97
CA GLY E 25 -33.66 56.32 -8.86
C GLY E 25 -33.87 55.69 -10.22
N LEU E 26 -35.09 55.18 -10.44
CA LEU E 26 -35.44 54.38 -11.61
C LEU E 26 -35.46 55.12 -12.93
N LYS E 27 -36.14 56.26 -12.99
CA LYS E 27 -36.16 57.06 -14.21
C LYS E 27 -34.73 57.40 -14.64
N ARG E 28 -33.97 58.01 -13.73
CA ARG E 28 -32.57 58.33 -13.98
C ARG E 28 -31.77 57.08 -14.38
N TYR E 29 -32.22 55.92 -13.87
CA TYR E 29 -31.50 54.69 -14.19
C TYR E 29 -31.69 54.34 -15.67
N LEU E 30 -32.95 54.14 -16.03
CA LEU E 30 -33.33 53.88 -17.42
C LEU E 30 -32.64 54.79 -18.48
N LEU E 31 -32.60 56.09 -18.22
CA LEU E 31 -32.00 57.00 -19.21
C LEU E 31 -30.49 56.86 -19.34
N THR E 32 -29.83 56.47 -18.25
CA THR E 32 -28.39 56.23 -18.27
C THR E 32 -28.07 55.02 -19.15
N VAL E 33 -28.89 53.97 -19.00
CA VAL E 33 -28.82 52.77 -19.81
C VAL E 33 -29.05 53.11 -21.27
N MET E 34 -30.18 53.74 -21.57
CA MET E 34 -30.57 54.07 -22.95
C MET E 34 -29.53 54.99 -23.57
N ALA E 35 -29.13 56.04 -22.84
CA ALA E 35 -28.02 56.90 -23.30
C ALA E 35 -26.84 56.06 -23.77
N ALA E 36 -26.62 54.92 -23.12
CA ALA E 36 -25.49 54.07 -23.49
C ALA E 36 -25.80 53.24 -24.76
N ALA E 37 -27.05 52.76 -24.84
CA ALA E 37 -27.50 52.07 -26.04
C ALA E 37 -27.39 53.01 -27.24
N ALA E 38 -28.09 54.14 -27.14
CA ALA E 38 -28.09 55.18 -28.17
C ALA E 38 -26.69 55.66 -28.60
N LYS E 39 -25.69 55.55 -27.73
CA LYS E 39 -24.33 55.99 -28.08
C LYS E 39 -23.71 55.00 -29.08
N ALA E 40 -24.12 53.74 -28.96
CA ALA E 40 -23.63 52.68 -29.85
C ALA E 40 -24.21 52.91 -31.24
N PHE E 41 -25.52 53.11 -31.31
CA PHE E 41 -26.23 53.33 -32.57
C PHE E 41 -25.86 54.58 -33.36
N LYS E 42 -25.07 55.48 -32.76
CA LYS E 42 -24.53 56.63 -33.49
C LYS E 42 -23.14 56.32 -33.99
N HIS E 43 -22.57 55.21 -33.55
CA HIS E 43 -21.18 54.95 -33.89
C HIS E 43 -21.02 54.65 -35.38
N PRO E 44 -20.11 55.38 -36.05
CA PRO E 44 -19.93 55.27 -37.49
C PRO E 44 -19.66 53.84 -38.00
N SER E 45 -19.23 52.95 -37.11
CA SER E 45 -18.97 51.56 -37.49
C SER E 45 -20.24 50.85 -38.02
N ILE E 46 -21.40 51.31 -37.55
CA ILE E 46 -22.70 50.74 -37.92
C ILE E 46 -23.14 51.10 -39.34
N ARG E 47 -22.38 51.98 -40.00
CA ARG E 47 -22.62 52.43 -41.39
C ARG E 47 -23.91 53.24 -41.62
N ASN E 48 -24.81 53.23 -40.64
CA ASN E 48 -26.00 54.08 -40.65
C ASN E 48 -26.14 54.95 -39.40
N PRO E 49 -26.49 56.23 -39.58
CA PRO E 49 -26.75 56.95 -38.34
C PRO E 49 -28.13 56.56 -37.81
N VAL E 50 -28.19 55.99 -36.62
CA VAL E 50 -29.49 55.70 -36.03
C VAL E 50 -29.60 56.32 -34.64
N SER E 51 -30.66 57.10 -34.43
CA SER E 51 -30.81 57.94 -33.25
C SER E 51 -31.95 57.45 -32.35
N LEU E 52 -31.63 56.77 -31.25
CA LEU E 52 -32.71 56.27 -30.34
C LEU E 52 -33.18 57.37 -29.42
N VAL E 53 -34.47 57.67 -29.49
CA VAL E 53 -35.05 58.70 -28.65
C VAL E 53 -36.09 58.03 -27.77
N VAL E 54 -36.11 58.40 -26.49
CA VAL E 54 -37.15 57.91 -25.61
C VAL E 54 -38.23 58.96 -25.64
N THR E 55 -39.39 58.56 -26.17
CA THR E 55 -40.50 59.50 -26.29
C THR E 55 -41.49 59.32 -25.15
N ARG E 56 -41.30 58.28 -24.34
CA ARG E 56 -42.17 58.05 -23.18
C ARG E 56 -41.76 56.85 -22.34
N LEU E 57 -41.58 57.06 -21.03
CA LEU E 57 -41.33 55.95 -20.12
C LEU E 57 -42.51 55.70 -19.19
N VAL E 58 -42.82 54.44 -19.00
CA VAL E 58 -43.95 54.01 -18.20
C VAL E 58 -43.41 53.11 -17.10
N ILE E 59 -43.95 53.24 -15.89
CA ILE E 59 -43.46 52.51 -14.74
C ILE E 59 -44.63 51.88 -14.01
N LEU E 60 -44.45 50.60 -13.66
CA LEU E 60 -45.56 49.76 -13.23
C LEU E 60 -45.62 49.49 -11.72
N PRO E 67 -49.54 43.77 -17.78
CA PRO E 67 -48.67 42.93 -18.62
C PRO E 67 -48.02 41.80 -17.82
N GLN E 68 -48.40 40.57 -18.12
CA GLN E 68 -47.93 39.40 -17.37
C GLN E 68 -46.48 39.15 -17.72
N VAL E 69 -45.61 39.12 -16.72
CA VAL E 69 -44.21 38.70 -16.97
C VAL E 69 -44.16 37.21 -16.68
N GLY E 70 -44.19 36.43 -17.76
CA GLY E 70 -44.31 34.97 -17.68
C GLY E 70 -43.01 34.30 -17.36
N PRO E 71 -43.07 33.01 -16.93
CA PRO E 71 -41.90 32.21 -16.55
C PRO E 71 -40.76 32.29 -17.57
N SER E 72 -41.08 32.16 -18.86
CA SER E 72 -40.07 32.16 -19.94
C SER E 72 -39.83 33.49 -20.63
N ALA E 73 -38.56 33.82 -20.78
CA ALA E 73 -38.10 34.96 -21.60
C ALA E 73 -38.87 35.08 -22.92
N ALA E 74 -39.19 33.94 -23.51
CA ALA E 74 -39.99 33.87 -24.74
C ALA E 74 -41.47 34.18 -24.47
N GLN E 75 -42.02 33.57 -23.42
CA GLN E 75 -43.43 33.81 -23.00
C GLN E 75 -43.66 35.23 -22.50
N THR E 76 -42.58 35.95 -22.23
CA THR E 76 -42.72 37.26 -21.65
C THR E 76 -42.79 38.30 -22.77
N LEU E 77 -41.95 38.11 -23.79
CA LEU E 77 -41.90 38.94 -25.00
C LEU E 77 -43.28 39.01 -25.68
N ARG E 78 -43.88 37.85 -25.93
CA ARG E 78 -45.22 37.79 -26.50
C ARG E 78 -46.19 38.65 -25.69
N SER E 79 -46.20 38.43 -24.37
CA SER E 79 -47.10 39.13 -23.45
C SER E 79 -46.88 40.64 -23.53
N PHE E 80 -45.64 41.06 -23.35
CA PHE E 80 -45.27 42.46 -23.55
C PHE E 80 -45.81 42.94 -24.90
N CYS E 81 -45.33 42.27 -25.96
CA CYS E 81 -45.55 42.69 -27.35
C CYS E 81 -46.99 42.95 -27.73
N ALA E 82 -47.90 42.18 -27.14
CA ALA E 82 -49.34 42.39 -27.33
C ALA E 82 -49.83 43.60 -26.53
N TRP E 83 -49.52 43.59 -25.23
CA TRP E 83 -49.95 44.63 -24.29
C TRP E 83 -49.53 46.01 -24.79
N GLN E 84 -48.25 46.10 -25.15
CA GLN E 84 -47.62 47.27 -25.77
C GLN E 84 -48.50 48.04 -26.76
N ARG E 85 -49.05 47.37 -27.76
CA ARG E 85 -49.94 47.97 -28.77
C ARG E 85 -51.08 48.84 -28.19
N GLY E 86 -51.39 48.63 -26.92
CA GLY E 86 -52.41 49.42 -26.22
C GLY E 86 -51.98 50.86 -26.05
N LEU E 87 -50.76 51.04 -25.56
CA LEU E 87 -50.18 52.38 -25.43
C LEU E 87 -50.09 53.13 -26.77
N ASN E 88 -49.93 52.38 -27.86
CA ASN E 88 -49.65 52.96 -29.18
C ASN E 88 -50.81 53.72 -29.83
N THR E 89 -50.53 54.42 -30.93
CA THR E 89 -51.56 55.17 -31.64
C THR E 89 -51.61 54.79 -33.13
N PRO E 90 -52.78 55.01 -33.78
CA PRO E 90 -52.92 54.72 -35.21
C PRO E 90 -51.98 55.52 -36.12
N GLU E 91 -51.79 56.81 -35.84
CA GLU E 91 -50.94 57.67 -36.67
C GLU E 91 -49.59 57.92 -36.02
N ASP E 92 -48.55 58.01 -36.83
CA ASP E 92 -47.21 58.36 -36.33
C ASP E 92 -47.20 59.79 -35.79
N SER E 93 -47.99 60.67 -36.40
CA SER E 93 -47.92 62.11 -36.14
C SER E 93 -48.23 62.58 -34.71
N ASP E 94 -48.76 61.70 -33.87
CA ASP E 94 -49.05 62.05 -32.48
C ASP E 94 -47.79 62.02 -31.63
N PRO E 95 -47.75 62.83 -30.55
CA PRO E 95 -46.59 62.78 -29.67
C PRO E 95 -46.41 61.41 -29.00
N ASP E 96 -47.50 60.64 -28.91
CA ASP E 96 -47.52 59.38 -28.17
C ASP E 96 -47.32 58.13 -29.02
N HIS E 97 -47.00 58.30 -30.29
CA HIS E 97 -46.70 57.15 -31.13
C HIS E 97 -45.27 56.72 -30.89
N PHE E 98 -45.05 55.41 -30.86
CA PHE E 98 -43.69 54.88 -30.77
C PHE E 98 -43.42 53.87 -31.87
N ASP E 99 -42.15 53.79 -32.28
CA ASP E 99 -41.72 52.91 -33.35
C ASP E 99 -41.28 51.56 -32.82
N THR E 100 -40.83 51.53 -31.57
CA THR E 100 -40.39 50.30 -30.93
C THR E 100 -40.47 50.40 -29.42
N ALA E 101 -40.43 49.25 -28.77
CA ALA E 101 -40.61 49.18 -27.33
C ALA E 101 -39.55 48.32 -26.64
N ILE E 102 -39.06 48.77 -25.48
CA ILE E 102 -38.24 47.91 -24.64
C ILE E 102 -38.85 47.74 -23.26
N LEU E 103 -38.83 46.51 -22.78
CA LEU E 103 -39.24 46.22 -21.42
C LEU E 103 -38.02 45.89 -20.57
N PHE E 104 -37.84 46.62 -19.46
CA PHE E 104 -36.80 46.27 -18.50
C PHE E 104 -37.40 45.56 -17.29
N THR E 105 -36.73 44.49 -16.85
CA THR E 105 -37.23 43.71 -15.72
C THR E 105 -36.15 43.15 -14.75
N ARG E 106 -36.48 43.18 -13.46
CA ARG E 106 -35.64 42.55 -12.43
C ARG E 106 -36.09 41.14 -12.07
N GLN E 107 -36.88 40.54 -12.94
CA GLN E 107 -37.25 39.14 -12.73
C GLN E 107 -36.16 38.25 -13.34
N ASP E 108 -35.75 37.25 -12.58
CA ASP E 108 -34.88 36.22 -13.09
C ASP E 108 -35.77 35.25 -13.88
N LEU E 109 -35.61 35.32 -15.20
CA LEU E 109 -36.30 34.40 -16.09
C LEU E 109 -35.29 33.88 -17.12
N CYS E 110 -34.06 34.36 -17.02
CA CYS E 110 -32.96 33.77 -17.77
C CYS E 110 -32.15 32.76 -16.95
N GLY E 111 -32.67 32.46 -15.75
CA GLY E 111 -32.21 31.33 -14.98
C GLY E 111 -33.05 30.13 -15.38
N VAL E 112 -34.37 30.32 -15.31
CA VAL E 112 -35.35 29.22 -15.50
C VAL E 112 -35.52 28.73 -16.95
N SER E 113 -35.60 29.67 -17.89
CA SER E 113 -35.67 29.33 -19.33
C SER E 113 -34.50 29.95 -20.12
N THR E 114 -34.27 29.41 -21.32
CA THR E 114 -33.24 29.89 -22.24
C THR E 114 -33.58 31.28 -22.75
N CYS E 115 -32.55 32.10 -22.98
CA CYS E 115 -32.72 33.45 -23.52
C CYS E 115 -31.50 34.02 -24.28
N ASP E 116 -31.78 35.03 -25.12
CA ASP E 116 -30.85 35.52 -26.16
C ASP E 116 -29.48 35.94 -25.64
N THR E 117 -29.44 36.77 -24.60
CA THR E 117 -28.21 36.98 -23.84
C THR E 117 -28.62 37.16 -22.40
N LEU E 118 -29.32 38.26 -22.12
CA LEU E 118 -30.14 38.36 -20.94
C LEU E 118 -31.40 39.14 -21.30
N GLY E 119 -31.92 38.81 -22.49
CA GLY E 119 -33.10 39.45 -23.07
C GLY E 119 -33.48 38.69 -24.33
N MET E 120 -34.46 39.19 -25.06
CA MET E 120 -34.98 38.52 -26.25
C MET E 120 -35.34 39.55 -27.30
N ALA E 121 -35.54 39.09 -28.53
CA ALA E 121 -36.09 39.92 -29.62
C ALA E 121 -36.58 39.05 -30.76
N ASP E 122 -37.50 39.59 -31.57
CA ASP E 122 -37.76 39.05 -32.89
C ASP E 122 -36.83 39.76 -33.86
N VAL E 123 -36.61 39.19 -35.05
CA VAL E 123 -35.65 39.76 -35.99
C VAL E 123 -36.34 40.55 -37.10
N GLY E 124 -35.87 41.79 -37.30
CA GLY E 124 -36.33 42.63 -38.41
C GLY E 124 -37.75 43.14 -38.28
N THR E 125 -38.04 43.87 -37.20
CA THR E 125 -39.44 44.22 -36.90
C THR E 125 -39.67 45.71 -36.62
N VAL E 126 -38.67 46.54 -36.92
CA VAL E 126 -38.63 47.93 -36.45
C VAL E 126 -39.94 48.66 -36.63
N CYS E 127 -40.51 48.55 -37.84
CA CYS E 127 -41.62 49.43 -38.22
C CYS E 127 -43.01 48.79 -38.20
N ASP E 128 -43.07 47.53 -37.78
CA ASP E 128 -44.35 46.84 -37.56
C ASP E 128 -44.78 47.03 -36.10
N PRO E 129 -45.78 47.91 -35.85
CA PRO E 129 -46.25 48.24 -34.49
C PRO E 129 -46.76 47.04 -33.70
N ALA E 130 -46.81 45.88 -34.35
CA ALA E 130 -47.30 44.65 -33.74
C ALA E 130 -46.16 43.68 -33.38
N ARG E 131 -44.94 44.02 -33.76
CA ARG E 131 -43.82 43.10 -33.58
C ARG E 131 -42.55 43.78 -33.04
N SER E 132 -42.50 45.10 -33.18
CA SER E 132 -41.34 45.89 -32.77
C SER E 132 -41.16 45.93 -31.26
N CYS E 133 -40.71 44.81 -30.71
CA CYS E 133 -40.55 44.64 -29.27
C CYS E 133 -39.17 44.10 -28.95
N ALA E 134 -38.65 44.48 -27.79
CA ALA E 134 -37.50 43.82 -27.19
C ALA E 134 -37.70 43.73 -25.68
N ILE E 135 -37.22 42.65 -25.08
CA ILE E 135 -37.16 42.53 -23.63
C ILE E 135 -35.70 42.47 -23.13
N VAL E 136 -35.38 43.25 -22.10
CA VAL E 136 -34.11 43.14 -21.41
C VAL E 136 -34.33 43.00 -19.90
N GLU E 137 -33.84 41.89 -19.34
CA GLU E 137 -33.82 41.66 -17.89
C GLU E 137 -32.63 42.35 -17.28
N ASP E 138 -32.86 43.31 -16.38
CA ASP E 138 -31.77 44.13 -15.83
C ASP E 138 -30.79 43.40 -14.90
N ASP E 139 -29.58 43.94 -14.81
CA ASP E 139 -28.57 43.45 -13.86
C ASP E 139 -27.40 44.41 -13.80
N GLY E 140 -27.68 45.70 -13.89
CA GLY E 140 -26.64 46.73 -13.82
C GLY E 140 -26.47 47.45 -15.14
N LEU E 141 -25.49 48.35 -15.18
CA LEU E 141 -25.31 49.27 -16.31
C LEU E 141 -24.93 48.55 -17.61
N GLN E 142 -24.42 47.33 -17.46
CA GLN E 142 -24.06 46.48 -18.59
C GLN E 142 -25.28 46.05 -19.38
N SER E 143 -26.45 46.20 -18.77
CA SER E 143 -27.72 45.90 -19.43
C SER E 143 -27.89 46.74 -20.68
N ALA E 144 -27.15 47.84 -20.78
CA ALA E 144 -27.19 48.73 -21.93
C ALA E 144 -26.78 48.01 -23.21
N PHE E 145 -25.92 47.01 -23.06
CA PHE E 145 -25.46 46.21 -24.20
C PHE E 145 -26.45 45.08 -24.46
N THR E 146 -26.97 44.48 -23.39
CA THR E 146 -28.17 43.68 -23.55
C THR E 146 -29.21 44.51 -24.31
N ALA E 147 -29.48 45.73 -23.84
CA ALA E 147 -30.41 46.62 -24.51
C ALA E 147 -30.07 46.75 -25.99
N ALA E 148 -28.85 47.18 -26.30
CA ALA E 148 -28.53 47.45 -27.67
C ALA E 148 -28.58 46.20 -28.54
N HIS E 149 -28.02 45.12 -28.02
CA HIS E 149 -27.94 43.89 -28.78
C HIS E 149 -29.34 43.40 -29.22
N GLN E 150 -30.30 43.32 -28.29
CA GLN E 150 -31.67 42.99 -28.69
C GLN E 150 -32.17 43.99 -29.74
N LEU E 151 -32.07 45.29 -29.44
CA LEU E 151 -32.42 46.34 -30.43
C LEU E 151 -31.81 46.08 -31.81
N GLY E 152 -30.51 45.81 -31.83
CA GLY E 152 -29.77 45.48 -33.06
C GLY E 152 -30.40 44.33 -33.82
N HIS E 153 -31.08 43.44 -33.08
CA HIS E 153 -31.87 42.34 -33.66
C HIS E 153 -33.11 42.89 -34.32
N VAL E 154 -33.69 43.92 -33.71
CA VAL E 154 -34.93 44.48 -34.24
C VAL E 154 -34.70 45.10 -35.62
N PHE E 155 -33.49 45.58 -35.85
CA PHE E 155 -33.07 46.06 -37.17
C PHE E 155 -32.57 44.92 -38.06
N ASN E 156 -33.13 43.74 -37.88
CA ASN E 156 -32.87 42.58 -38.76
C ASN E 156 -31.47 41.95 -38.68
N MET E 157 -30.68 42.36 -37.68
CA MET E 157 -29.31 41.85 -37.50
C MET E 157 -29.30 40.43 -36.99
N LEU E 158 -28.26 39.69 -37.38
CA LEU E 158 -28.02 38.32 -36.90
C LEU E 158 -26.81 38.27 -35.95
N HIS E 159 -26.46 37.07 -35.47
CA HIS E 159 -25.27 36.93 -34.63
C HIS E 159 -23.98 36.90 -35.45
N ASP E 160 -22.89 37.34 -34.83
CA ASP E 160 -21.59 37.47 -35.54
C ASP E 160 -20.96 36.13 -35.88
N ASN E 161 -21.38 35.07 -35.20
CA ASN E 161 -20.93 33.72 -35.51
C ASN E 161 -21.96 32.91 -36.32
N SER E 162 -23.04 33.57 -36.72
CA SER E 162 -24.04 33.00 -37.61
C SER E 162 -23.44 32.80 -39.01
N LYS E 163 -24.07 31.94 -39.82
CA LYS E 163 -23.56 31.61 -41.16
C LYS E 163 -23.47 32.80 -42.14
N PRO E 164 -24.59 33.54 -42.38
CA PRO E 164 -24.51 34.67 -43.31
C PRO E 164 -23.45 35.71 -42.94
N CYS E 165 -22.95 35.64 -41.70
CA CYS E 165 -22.04 36.65 -41.17
C CYS E 165 -20.53 36.31 -41.16
N ILE E 166 -20.18 35.03 -41.24
CA ILE E 166 -18.75 34.66 -41.27
C ILE E 166 -18.08 34.95 -42.62
N SER E 167 -18.89 35.25 -43.63
CA SER E 167 -18.37 35.65 -44.93
C SER E 167 -17.92 37.11 -44.90
N LEU E 168 -18.66 37.94 -44.18
CA LEU E 168 -18.41 39.39 -44.11
C LEU E 168 -17.43 39.78 -43.02
N ASN E 169 -17.56 39.17 -41.84
CA ASN E 169 -16.69 39.44 -40.70
C ASN E 169 -15.27 38.91 -40.85
N GLY E 170 -15.09 37.93 -41.74
CA GLY E 170 -13.78 37.44 -42.16
C GLY E 170 -13.04 36.55 -41.17
N PRO E 171 -11.76 36.25 -41.46
CA PRO E 171 -10.89 35.43 -40.63
C PRO E 171 -10.40 36.16 -39.39
N ARG E 176 -16.51 40.17 -29.55
CA ARG E 176 -16.11 41.53 -29.14
C ARG E 176 -17.02 42.62 -29.72
N HIS E 177 -17.77 42.30 -30.77
CA HIS E 177 -18.77 43.23 -31.25
C HIS E 177 -20.13 42.99 -30.54
N VAL E 178 -21.03 43.97 -30.65
CA VAL E 178 -22.31 43.96 -29.95
C VAL E 178 -23.16 42.70 -30.23
N MET E 179 -23.11 42.25 -31.48
CA MET E 179 -23.92 41.13 -31.93
C MET E 179 -23.16 39.82 -31.78
N ALA E 180 -22.39 39.73 -30.70
CA ALA E 180 -21.74 38.49 -30.32
C ALA E 180 -22.76 37.69 -29.53
N PRO E 181 -22.85 36.38 -29.79
CA PRO E 181 -23.91 35.58 -29.13
C PRO E 181 -23.82 35.63 -27.60
N VAL E 182 -22.60 35.49 -27.06
CA VAL E 182 -22.39 35.63 -25.61
C VAL E 182 -21.79 36.99 -25.26
N MET E 183 -22.54 37.74 -24.44
CA MET E 183 -22.21 39.14 -24.18
C MET E 183 -20.87 39.26 -23.51
N ALA E 184 -19.98 39.96 -24.18
CA ALA E 184 -18.64 40.11 -23.70
C ALA E 184 -18.32 41.58 -23.45
N HIS E 185 -17.03 41.88 -23.49
CA HIS E 185 -16.53 43.24 -23.65
C HIS E 185 -16.95 43.66 -25.04
N VAL E 186 -17.48 44.87 -25.18
CA VAL E 186 -17.59 45.47 -26.50
C VAL E 186 -16.49 46.48 -26.64
N ASP E 187 -15.81 46.45 -27.77
CA ASP E 187 -14.86 47.47 -28.14
C ASP E 187 -15.61 48.72 -28.56
N PRO E 188 -15.56 49.80 -27.73
CA PRO E 188 -16.24 51.05 -28.06
C PRO E 188 -15.64 51.87 -29.23
N GLU E 189 -14.37 51.63 -29.58
CA GLU E 189 -13.81 52.20 -30.80
C GLU E 189 -14.40 51.55 -32.07
N GLU E 190 -15.09 50.42 -31.89
CA GLU E 190 -15.75 49.71 -33.02
C GLU E 190 -16.86 48.73 -32.63
N PRO E 191 -17.94 49.22 -31.99
CA PRO E 191 -19.02 48.37 -31.45
C PRO E 191 -19.64 47.33 -32.41
N TRP E 192 -19.95 47.72 -33.65
CA TRP E 192 -20.57 46.78 -34.61
C TRP E 192 -19.59 46.24 -35.66
N SER E 193 -20.02 45.13 -36.26
CA SER E 193 -19.21 44.37 -37.21
C SER E 193 -19.70 44.57 -38.63
N PRO E 194 -18.79 44.41 -39.61
CA PRO E 194 -19.08 44.58 -41.03
C PRO E 194 -20.43 44.07 -41.51
N CYS E 195 -20.91 42.95 -40.97
CA CYS E 195 -22.20 42.40 -41.41
C CYS E 195 -23.37 42.97 -40.64
N SER E 196 -23.20 43.11 -39.32
CA SER E 196 -24.18 43.80 -38.49
C SER E 196 -24.49 45.13 -39.15
N ALA E 197 -23.44 45.72 -39.72
CA ALA E 197 -23.55 46.99 -40.42
C ALA E 197 -24.27 46.83 -41.75
N ARG E 198 -23.99 45.72 -42.46
CA ARG E 198 -24.58 45.53 -43.78
C ARG E 198 -26.02 45.09 -43.66
N PHE E 199 -26.32 44.35 -42.60
CA PHE E 199 -27.68 43.88 -42.37
C PHE E 199 -28.62 45.02 -42.05
N ILE E 200 -28.12 46.06 -41.39
CA ILE E 200 -28.95 47.23 -41.08
C ILE E 200 -29.06 48.19 -42.27
N THR E 201 -27.96 48.37 -43.01
CA THR E 201 -27.95 49.17 -44.24
C THR E 201 -29.03 48.68 -45.21
N ASP E 202 -28.97 47.40 -45.57
CA ASP E 202 -29.94 46.76 -46.44
C ASP E 202 -31.37 46.77 -45.92
N PHE E 203 -31.54 46.55 -44.62
CA PHE E 203 -32.87 46.60 -44.01
C PHE E 203 -33.53 47.94 -44.29
N LEU E 204 -32.84 49.01 -43.92
CA LEU E 204 -33.35 50.38 -44.04
C LEU E 204 -33.44 50.84 -45.49
N ASP E 205 -32.39 50.57 -46.27
CA ASP E 205 -32.36 50.93 -47.69
C ASP E 205 -33.51 50.30 -48.47
N ASN E 206 -33.99 49.15 -48.01
CA ASN E 206 -35.12 48.46 -48.65
C ASN E 206 -36.46 48.81 -48.00
N GLY E 207 -36.48 49.87 -47.21
CA GLY E 207 -37.72 50.48 -46.76
C GLY E 207 -38.38 49.95 -45.50
N TYR E 208 -37.67 49.13 -44.73
CA TYR E 208 -38.23 48.55 -43.51
C TYR E 208 -38.13 49.49 -42.31
N GLY E 209 -37.29 50.50 -42.42
CA GLY E 209 -37.23 51.57 -41.41
C GLY E 209 -37.93 52.81 -41.90
N HIS E 210 -39.08 52.61 -42.55
CA HIS E 210 -39.86 53.68 -43.18
C HIS E 210 -40.47 54.61 -42.14
N CYS E 211 -40.61 54.12 -40.92
CA CYS E 211 -41.25 54.86 -39.86
C CYS E 211 -40.25 55.64 -39.01
N LEU E 212 -38.96 55.53 -39.36
CA LEU E 212 -37.89 56.16 -38.60
C LEU E 212 -37.41 57.47 -39.19
N LEU E 213 -38.20 58.04 -40.09
CA LEU E 213 -37.74 59.24 -40.78
C LEU E 213 -38.46 60.54 -40.40
N ASP E 214 -39.32 60.47 -39.40
CA ASP E 214 -39.98 61.67 -38.85
C ASP E 214 -39.38 62.09 -37.50
N LYS E 215 -39.38 63.40 -37.26
CA LYS E 215 -38.78 63.97 -36.05
C LYS E 215 -39.69 63.75 -34.85
N PRO E 216 -39.12 63.46 -33.66
CA PRO E 216 -39.93 63.20 -32.47
C PRO E 216 -40.45 64.49 -31.83
N GLU E 217 -41.68 64.44 -31.32
CA GLU E 217 -42.36 65.63 -30.84
C GLU E 217 -41.78 66.19 -29.54
N ALA E 218 -41.78 65.37 -28.48
CA ALA E 218 -41.29 65.79 -27.15
C ALA E 218 -40.49 64.67 -26.47
N PRO E 219 -39.26 64.43 -26.97
CA PRO E 219 -38.46 63.33 -26.42
C PRO E 219 -37.88 63.67 -25.05
N LEU E 220 -37.70 62.66 -24.22
CA LEU E 220 -36.93 62.81 -22.99
C LEU E 220 -35.47 63.13 -23.33
N HIS E 221 -34.79 63.83 -22.42
CA HIS E 221 -33.40 64.21 -22.63
C HIS E 221 -32.44 63.16 -22.05
N LEU E 222 -31.63 62.56 -22.93
CA LEU E 222 -30.68 61.56 -22.50
C LEU E 222 -29.41 62.20 -21.96
N PRO E 223 -28.82 61.63 -20.88
CA PRO E 223 -27.62 62.17 -20.26
C PRO E 223 -26.41 62.15 -21.20
N VAL E 224 -25.57 63.16 -21.08
CA VAL E 224 -24.34 63.23 -21.87
C VAL E 224 -23.13 62.85 -21.02
N THR E 225 -23.40 62.42 -19.79
CA THR E 225 -22.34 62.04 -18.88
C THR E 225 -22.07 60.57 -19.00
N PHE E 226 -20.79 60.22 -18.88
CA PHE E 226 -20.37 58.82 -18.77
C PHE E 226 -21.16 58.11 -17.66
N PRO E 227 -21.57 56.87 -17.91
CA PRO E 227 -22.43 56.21 -16.89
C PRO E 227 -21.62 55.75 -15.67
N GLY E 228 -20.28 55.79 -15.81
CA GLY E 228 -19.34 55.37 -14.76
C GLY E 228 -18.88 56.56 -13.94
N LYS E 229 -19.40 57.72 -14.31
CA LYS E 229 -19.16 58.95 -13.59
C LYS E 229 -20.49 59.27 -12.94
N ASP E 230 -21.56 58.73 -13.51
CA ASP E 230 -22.90 58.81 -12.95
C ASP E 230 -23.07 57.87 -11.77
N TYR E 231 -22.56 56.65 -11.89
CA TYR E 231 -22.52 55.71 -10.76
C TYR E 231 -21.08 55.22 -10.58
N ASP E 232 -20.61 55.26 -9.33
CA ASP E 232 -19.29 54.74 -9.03
C ASP E 232 -19.35 53.23 -8.83
N ALA E 233 -18.18 52.59 -8.84
CA ALA E 233 -18.10 51.13 -8.74
C ALA E 233 -18.97 50.50 -7.61
N ASP E 234 -19.17 51.22 -6.52
CA ASP E 234 -19.96 50.70 -5.41
C ASP E 234 -21.44 50.67 -5.76
N ARG E 235 -21.88 51.70 -6.46
CA ARG E 235 -23.24 51.78 -6.97
C ARG E 235 -23.47 50.71 -8.04
N GLN E 236 -22.48 50.53 -8.91
CA GLN E 236 -22.51 49.52 -9.98
C GLN E 236 -22.69 48.08 -9.47
N CYS E 237 -22.04 47.78 -8.35
CA CYS E 237 -22.15 46.47 -7.69
C CYS E 237 -23.52 46.35 -7.05
N GLN E 238 -23.89 47.42 -6.38
CA GLN E 238 -25.22 47.57 -5.85
C GLN E 238 -26.24 47.27 -6.93
N LEU E 239 -25.90 47.66 -8.16
CA LEU E 239 -26.83 47.47 -9.28
C LEU E 239 -26.89 46.02 -9.80
N THR E 240 -25.74 45.37 -9.91
CA THR E 240 -25.69 43.96 -10.26
C THR E 240 -26.15 43.08 -9.12
N PHE E 241 -25.48 43.14 -7.96
CA PHE E 241 -25.71 42.13 -6.90
C PHE E 241 -26.61 42.51 -5.73
N GLY E 242 -27.14 43.72 -5.72
CA GLY E 242 -28.05 44.10 -4.63
C GLY E 242 -27.46 45.09 -3.63
N PRO E 243 -28.30 45.59 -2.71
CA PRO E 243 -27.98 46.72 -1.82
C PRO E 243 -26.78 46.47 -0.90
N ASP E 244 -26.48 45.20 -0.68
CA ASP E 244 -25.44 44.79 0.26
C ASP E 244 -24.03 44.78 -0.38
N SER E 245 -23.96 44.84 -1.70
CA SER E 245 -22.66 44.67 -2.35
C SER E 245 -21.81 45.95 -2.41
N ARG E 246 -20.50 45.76 -2.36
CA ARG E 246 -19.54 46.87 -2.50
C ARG E 246 -18.50 46.50 -3.55
N HIS E 247 -17.73 47.46 -4.01
CA HIS E 247 -16.73 47.19 -5.01
C HIS E 247 -15.48 46.58 -4.41
N CYS E 248 -14.95 45.53 -5.06
CA CYS E 248 -13.61 45.02 -4.74
C CYS E 248 -12.65 45.53 -5.81
N PRO E 249 -12.08 46.73 -5.63
CA PRO E 249 -11.11 47.27 -6.59
C PRO E 249 -9.90 46.37 -6.88
N GLN E 250 -9.26 45.85 -5.83
CA GLN E 250 -7.95 45.18 -5.88
C GLN E 250 -7.67 44.24 -7.08
N LEU E 251 -8.69 43.55 -7.56
CA LEU E 251 -8.58 42.55 -8.64
C LEU E 251 -8.11 43.08 -10.01
N PRO E 252 -6.92 42.62 -10.48
CA PRO E 252 -6.31 43.13 -11.70
C PRO E 252 -6.84 42.51 -13.01
N PRO E 253 -6.77 43.27 -14.12
CA PRO E 253 -6.37 44.67 -14.12
C PRO E 253 -7.64 45.48 -13.92
N PRO E 254 -7.54 46.79 -13.67
CA PRO E 254 -8.77 47.54 -13.41
C PRO E 254 -9.60 47.66 -14.68
N CYS E 255 -10.93 47.77 -14.50
CA CYS E 255 -11.86 48.04 -15.61
C CYS E 255 -12.39 46.76 -16.27
N ALA E 256 -11.60 45.68 -16.26
CA ALA E 256 -11.91 44.49 -17.06
C ALA E 256 -13.07 43.64 -16.54
N ALA E 257 -13.11 43.36 -15.24
CA ALA E 257 -14.34 42.82 -14.65
C ALA E 257 -14.70 43.49 -13.34
N LEU E 258 -15.93 43.97 -13.27
CA LEU E 258 -16.43 44.50 -12.04
C LEU E 258 -16.62 43.35 -11.05
N TRP E 259 -15.80 43.35 -9.99
CA TRP E 259 -15.90 42.41 -8.90
C TRP E 259 -16.60 43.11 -7.75
N CYS E 260 -17.39 42.34 -6.99
CA CYS E 260 -18.20 42.89 -5.93
C CYS E 260 -18.22 41.99 -4.72
N SER E 261 -18.21 42.61 -3.54
CA SER E 261 -18.22 41.86 -2.30
C SER E 261 -19.58 41.22 -2.10
N GLY E 262 -19.65 40.36 -1.09
CA GLY E 262 -20.81 39.57 -0.75
C GLY E 262 -20.42 38.66 0.41
N HIS E 263 -21.34 37.81 0.84
CA HIS E 263 -21.11 36.92 1.99
C HIS E 263 -21.43 35.48 1.60
N LEU E 264 -20.76 34.53 2.24
CA LEU E 264 -21.10 33.11 2.08
C LEU E 264 -21.54 32.47 3.41
N ASN E 265 -20.60 31.87 4.12
CA ASN E 265 -20.87 31.23 5.41
C ASN E 265 -20.29 32.05 6.57
N GLY E 266 -20.29 33.37 6.41
CA GLY E 266 -19.54 34.24 7.29
C GLY E 266 -18.17 34.55 6.69
N HIS E 267 -17.93 34.01 5.49
CA HIS E 267 -16.71 34.31 4.75
C HIS E 267 -16.97 35.52 3.88
N ALA E 268 -15.99 36.42 3.81
CA ALA E 268 -16.02 37.50 2.83
C ALA E 268 -15.72 36.92 1.44
N MET E 269 -16.41 37.43 0.42
CA MET E 269 -16.21 36.99 -0.97
C MET E 269 -16.29 38.13 -1.96
N CYS E 270 -15.65 37.93 -3.11
CA CYS E 270 -15.91 38.78 -4.28
C CYS E 270 -16.46 37.95 -5.43
N GLN E 271 -17.53 38.45 -6.01
CA GLN E 271 -18.20 37.83 -7.15
C GLN E 271 -18.17 38.78 -8.35
N THR E 272 -18.38 38.22 -9.53
CA THR E 272 -18.45 39.01 -10.75
C THR E 272 -19.30 38.28 -11.77
N LYS E 273 -19.64 38.96 -12.85
CA LYS E 273 -20.25 38.31 -14.00
C LYS E 273 -19.39 38.58 -15.25
N HIS E 274 -18.13 38.97 -15.00
CA HIS E 274 -17.14 39.26 -16.05
C HIS E 274 -17.62 40.21 -17.16
N SER E 275 -18.18 41.33 -16.73
CA SER E 275 -18.51 42.43 -17.63
C SER E 275 -17.70 43.60 -17.10
N PRO E 276 -17.26 44.52 -17.96
CA PRO E 276 -16.41 45.62 -17.48
C PRO E 276 -17.08 46.52 -16.44
N TRP E 277 -16.30 47.44 -15.89
CA TRP E 277 -16.84 48.57 -15.14
C TRP E 277 -17.52 49.46 -16.17
N ALA E 278 -18.38 50.36 -15.72
CA ALA E 278 -19.02 51.28 -16.63
C ALA E 278 -17.98 52.24 -17.17
N ASP E 279 -18.03 52.48 -18.48
CA ASP E 279 -17.18 53.48 -19.10
C ASP E 279 -17.34 54.77 -18.31
N GLY E 280 -16.22 55.34 -17.86
CA GLY E 280 -16.25 56.55 -17.06
C GLY E 280 -15.88 56.35 -15.60
N THR E 281 -15.91 55.11 -15.13
CA THR E 281 -15.59 54.77 -13.74
C THR E 281 -14.12 55.00 -13.57
N PRO E 282 -13.72 55.98 -12.73
CA PRO E 282 -12.26 56.24 -12.63
C PRO E 282 -11.53 54.99 -12.12
N CYS E 283 -10.29 54.81 -12.56
CA CYS E 283 -9.49 53.73 -12.02
C CYS E 283 -8.28 54.28 -11.30
N GLY E 284 -7.28 54.73 -12.05
CA GLY E 284 -6.04 55.22 -11.46
C GLY E 284 -6.04 56.71 -11.17
N PRO E 285 -4.86 57.26 -10.85
CA PRO E 285 -4.68 58.70 -10.57
C PRO E 285 -5.35 59.61 -11.61
N ALA E 286 -5.15 59.31 -12.89
CA ALA E 286 -5.44 60.28 -13.94
C ALA E 286 -6.25 59.70 -15.08
N GLN E 287 -6.96 58.60 -14.80
CA GLN E 287 -7.45 57.71 -15.84
C GLN E 287 -8.77 57.06 -15.44
N ALA E 288 -9.60 56.74 -16.44
CA ALA E 288 -10.90 56.11 -16.21
C ALA E 288 -11.28 55.03 -17.24
N CYS E 289 -12.24 54.22 -16.88
CA CYS E 289 -12.68 53.06 -17.68
C CYS E 289 -13.25 53.41 -19.08
N MET E 290 -12.88 52.57 -20.04
CA MET E 290 -13.21 52.78 -21.44
C MET E 290 -13.08 51.45 -22.15
N GLY E 291 -14.22 50.82 -22.42
CA GLY E 291 -14.20 49.56 -23.13
C GLY E 291 -13.72 48.38 -22.32
N GLY E 292 -13.27 48.65 -21.10
CA GLY E 292 -12.90 47.61 -20.15
C GLY E 292 -11.43 47.68 -19.85
N ARG E 293 -10.85 48.83 -20.17
CA ARG E 293 -9.40 49.03 -20.10
C ARG E 293 -9.15 50.41 -19.55
N CYS E 294 -8.28 50.51 -18.55
CA CYS E 294 -7.99 51.78 -17.89
C CYS E 294 -7.19 52.67 -18.83
N LEU E 295 -7.83 53.72 -19.31
CA LEU E 295 -7.15 54.64 -20.20
C LEU E 295 -7.22 56.04 -19.64
N HIS E 296 -6.11 56.76 -19.79
CA HIS E 296 -5.99 58.16 -19.39
C HIS E 296 -7.18 59.02 -19.83
N MET E 297 -7.68 59.83 -18.90
CA MET E 297 -8.82 60.74 -19.15
C MET E 297 -8.37 61.98 -19.94
N SER F 3 16.45 40.76 88.22
CA SER F 3 17.31 40.37 87.06
C SER F 3 16.84 41.07 85.78
N LEU F 4 17.64 42.03 85.34
CA LEU F 4 17.24 43.01 84.34
C LEU F 4 17.03 42.44 82.94
N SER F 5 15.98 42.94 82.27
CA SER F 5 15.55 42.44 80.96
C SER F 5 16.28 43.09 79.78
N ARG F 6 16.50 42.31 78.73
CA ARG F 6 17.31 42.74 77.60
C ARG F 6 16.50 42.78 76.30
N PHE F 7 16.47 43.96 75.66
CA PHE F 7 15.74 44.16 74.40
C PHE F 7 16.71 44.41 73.26
N VAL F 8 16.83 43.42 72.37
CA VAL F 8 17.67 43.55 71.19
C VAL F 8 16.91 44.20 70.02
N GLU F 9 17.07 45.51 69.88
CA GLU F 9 16.52 46.25 68.75
C GLU F 9 17.32 45.92 67.50
N THR F 10 16.68 45.21 66.57
CA THR F 10 17.37 44.59 65.44
C THR F 10 17.03 45.18 64.08
N LEU F 11 18.08 45.42 63.28
CA LEU F 11 17.94 45.82 61.89
C LEU F 11 17.99 44.57 61.04
N VAL F 12 16.86 44.23 60.42
CA VAL F 12 16.82 43.13 59.46
C VAL F 12 16.97 43.69 58.05
N VAL F 13 17.92 43.14 57.30
CA VAL F 13 18.24 43.62 55.96
C VAL F 13 18.29 42.46 54.99
N ALA F 14 17.60 42.62 53.85
CA ALA F 14 17.48 41.57 52.83
C ALA F 14 18.01 42.06 51.49
N ASP F 15 18.69 41.18 50.76
CA ASP F 15 19.57 41.61 49.69
C ASP F 15 18.95 41.51 48.30
N ASP F 16 19.74 41.84 47.29
CA ASP F 16 19.35 41.76 45.89
C ASP F 16 18.51 40.52 45.59
N LYS F 17 19.06 39.35 45.91
CA LYS F 17 18.46 38.07 45.52
C LYS F 17 17.40 37.59 46.51
N MET F 18 17.43 38.14 47.71
CA MET F 18 16.45 37.82 48.73
C MET F 18 15.07 38.27 48.27
N ALA F 19 15.03 39.41 47.59
CA ALA F 19 13.79 39.99 47.07
C ALA F 19 13.31 39.25 45.84
N ALA F 20 14.23 38.95 44.93
CA ALA F 20 13.91 38.18 43.73
C ALA F 20 13.20 36.87 44.08
N PHE F 21 13.75 36.15 45.05
CA PHE F 21 13.27 34.82 45.45
C PHE F 21 11.86 34.82 46.06
N HIS F 22 11.58 35.78 46.94
CA HIS F 22 10.32 35.77 47.72
C HIS F 22 9.29 36.76 47.23
N GLY F 23 9.72 37.70 46.38
CA GLY F 23 8.84 38.71 45.82
C GLY F 23 8.06 39.45 46.88
N ALA F 24 6.74 39.49 46.71
CA ALA F 24 5.87 40.17 47.65
C ALA F 24 5.98 39.60 49.06
N GLY F 25 6.10 38.28 49.16
CA GLY F 25 6.08 37.60 50.45
C GLY F 25 7.32 37.75 51.33
N LEU F 26 8.28 38.57 50.92
CA LEU F 26 9.55 38.69 51.62
C LEU F 26 9.44 39.18 53.08
N LYS F 27 8.73 40.29 53.29
CA LYS F 27 8.58 40.89 54.62
C LYS F 27 7.88 39.94 55.59
N ARG F 28 6.74 39.39 55.17
CA ARG F 28 6.05 38.37 55.95
C ARG F 28 6.97 37.18 56.27
N TYR F 29 7.86 36.87 55.33
CA TYR F 29 8.80 35.75 55.51
C TYR F 29 9.80 36.00 56.64
N LEU F 30 10.43 37.17 56.59
CA LEU F 30 11.50 37.54 57.53
C LEU F 30 10.99 37.66 58.96
N LEU F 31 9.79 38.20 59.12
CA LEU F 31 9.16 38.25 60.43
C LEU F 31 8.83 36.85 60.95
N THR F 32 8.63 35.90 60.04
CA THR F 32 8.36 34.51 60.40
C THR F 32 9.63 33.81 60.89
N VAL F 33 10.73 34.02 60.16
CA VAL F 33 12.04 33.51 60.56
C VAL F 33 12.48 34.16 61.88
N MET F 34 12.29 35.47 61.98
CA MET F 34 12.71 36.23 63.16
C MET F 34 11.91 35.87 64.39
N ALA F 35 10.61 35.65 64.23
CA ALA F 35 9.74 35.21 65.32
C ALA F 35 10.23 33.90 65.93
N ALA F 36 10.80 33.03 65.10
CA ALA F 36 11.25 31.73 65.55
C ALA F 36 12.61 31.83 66.23
N ALA F 37 13.43 32.75 65.74
CA ALA F 37 14.72 33.03 66.36
C ALA F 37 14.49 33.67 67.74
N ALA F 38 13.55 34.62 67.80
CA ALA F 38 13.16 35.25 69.05
C ALA F 38 12.67 34.22 70.05
N LYS F 39 11.94 33.23 69.56
CA LYS F 39 11.42 32.15 70.40
C LYS F 39 12.55 31.39 71.11
N ALA F 40 13.60 31.08 70.37
CA ALA F 40 14.78 30.44 70.93
C ALA F 40 15.37 31.29 72.06
N PHE F 41 15.62 32.57 71.77
CA PHE F 41 16.24 33.47 72.74
C PHE F 41 15.34 33.74 73.94
N LYS F 42 14.09 33.32 73.84
CA LYS F 42 13.11 33.50 74.92
C LYS F 42 13.00 32.27 75.80
N HIS F 43 13.68 31.19 75.42
CA HIS F 43 13.62 29.93 76.17
C HIS F 43 14.31 30.02 77.54
N PRO F 44 13.70 29.42 78.57
CA PRO F 44 14.30 29.26 79.90
C PRO F 44 15.78 28.82 79.92
N SER F 45 16.20 28.01 78.96
CA SER F 45 17.56 27.44 78.96
C SER F 45 18.69 28.46 78.86
N ILE F 46 18.44 29.58 78.18
CA ILE F 46 19.45 30.63 78.04
C ILE F 46 19.66 31.35 79.37
N ARG F 47 18.64 31.23 80.24
CA ARG F 47 18.64 31.71 81.63
C ARG F 47 18.86 33.23 81.79
N ASN F 48 18.50 33.97 80.73
CA ASN F 48 18.44 35.43 80.74
C ASN F 48 17.20 35.89 79.98
N PRO F 49 16.63 37.05 80.34
CA PRO F 49 15.44 37.54 79.65
C PRO F 49 15.77 38.38 78.41
N VAL F 50 16.02 37.71 77.29
CA VAL F 50 16.38 38.40 76.04
C VAL F 50 15.26 38.33 75.02
N SER F 51 14.61 39.47 74.84
CA SER F 51 13.54 39.62 73.87
C SER F 51 14.11 40.15 72.54
N LEU F 52 14.16 39.27 71.53
CA LEU F 52 14.65 39.63 70.19
C LEU F 52 13.58 40.37 69.42
N VAL F 53 13.92 41.58 68.98
CA VAL F 53 12.95 42.56 68.50
C VAL F 53 13.38 43.25 67.21
N VAL F 54 12.49 43.28 66.23
CA VAL F 54 12.76 43.87 64.92
C VAL F 54 12.20 45.29 64.81
N THR F 55 13.09 46.28 64.94
CA THR F 55 12.69 47.69 64.80
C THR F 55 12.67 48.13 63.34
N ARG F 56 13.62 47.63 62.55
CA ARG F 56 13.78 48.08 61.18
C ARG F 56 13.92 46.92 60.21
N LEU F 57 13.18 46.98 59.10
CA LEU F 57 13.33 46.03 58.00
C LEU F 57 13.65 46.82 56.74
N VAL F 58 14.79 46.55 56.11
CA VAL F 58 15.06 47.15 54.80
C VAL F 58 15.29 46.09 53.74
N ILE F 59 14.52 46.22 52.66
CA ILE F 59 14.55 45.34 51.49
C ILE F 59 15.25 46.09 50.37
N LEU F 60 16.20 45.43 49.71
CA LEU F 60 16.97 46.07 48.66
C LEU F 60 16.54 45.61 47.26
N GLY F 61 16.90 46.42 46.26
CA GLY F 61 16.90 46.00 44.86
C GLY F 61 18.32 46.21 44.36
N SER F 62 18.47 46.64 43.11
CA SER F 62 19.76 47.08 42.60
C SER F 62 19.68 48.10 41.46
N GLY F 63 18.87 49.15 41.61
CA GLY F 63 18.01 49.38 42.77
C GLY F 63 18.65 50.26 43.84
N GLU F 64 19.37 49.64 44.76
CA GLU F 64 19.91 50.31 45.95
C GLU F 64 21.44 50.37 46.02
N GLU F 65 21.94 51.41 46.70
CA GLU F 65 23.36 51.52 47.01
C GLU F 65 23.65 50.63 48.22
N GLY F 66 23.50 49.32 48.04
CA GLY F 66 23.56 48.36 49.13
C GLY F 66 24.95 47.78 49.38
N PRO F 67 25.05 46.86 50.37
CA PRO F 67 26.31 46.22 50.75
C PRO F 67 26.83 45.26 49.68
N GLN F 68 28.10 45.40 49.33
CA GLN F 68 28.75 44.57 48.33
C GLN F 68 28.81 43.12 48.83
N VAL F 69 27.97 42.27 48.26
CA VAL F 69 27.86 40.86 48.71
C VAL F 69 28.66 39.87 47.84
N GLY F 70 29.58 39.15 48.46
CA GLY F 70 30.47 38.25 47.74
C GLY F 70 31.83 38.91 47.52
N PRO F 71 32.81 38.14 46.99
CA PRO F 71 32.68 36.75 46.53
C PRO F 71 32.38 35.73 47.65
N SER F 72 33.11 35.82 48.77
CA SER F 72 32.97 34.86 49.87
C SER F 72 32.14 35.38 51.06
N ALA F 73 31.84 34.48 52.00
CA ALA F 73 31.11 34.83 53.22
C ALA F 73 31.95 35.73 54.14
N ALA F 74 33.26 35.56 54.07
CA ALA F 74 34.19 36.35 54.86
C ALA F 74 34.17 37.83 54.43
N GLN F 75 34.19 38.06 53.12
CA GLN F 75 34.19 39.41 52.58
C GLN F 75 32.82 40.06 52.74
N THR F 76 31.77 39.24 52.63
CA THR F 76 30.39 39.69 52.78
C THR F 76 30.18 40.35 54.14
N LEU F 77 30.68 39.70 55.20
CA LEU F 77 30.59 40.20 56.57
C LEU F 77 31.35 41.52 56.78
N ARG F 78 32.58 41.59 56.28
CA ARG F 78 33.39 42.80 56.38
C ARG F 78 32.71 43.99 55.72
N SER F 79 32.17 43.77 54.52
CA SER F 79 31.54 44.82 53.74
C SER F 79 30.20 45.24 54.32
N PHE F 80 29.41 44.27 54.76
CA PHE F 80 28.09 44.56 55.32
C PHE F 80 28.12 45.35 56.63
N CYS F 81 29.21 45.24 57.37
CA CYS F 81 29.28 45.95 58.65
C CYS F 81 29.64 47.41 58.44
N ALA F 82 30.57 47.67 57.52
CA ALA F 82 30.96 49.04 57.16
C ALA F 82 29.79 49.82 56.56
N TRP F 83 28.92 49.11 55.84
CA TRP F 83 27.72 49.67 55.22
C TRP F 83 26.63 49.92 56.26
N GLN F 84 26.39 48.92 57.10
CA GLN F 84 25.37 48.97 58.16
C GLN F 84 25.49 50.19 59.08
N ARG F 85 26.72 50.59 59.38
CA ARG F 85 27.00 51.76 60.21
C ARG F 85 26.29 53.02 59.74
N GLY F 86 26.31 53.25 58.42
CA GLY F 86 25.70 54.43 57.80
C GLY F 86 24.19 54.53 57.90
N LEU F 87 23.57 53.43 58.36
CA LEU F 87 22.14 53.40 58.60
C LEU F 87 21.83 53.69 60.06
N ASN F 88 22.84 53.54 60.91
CA ASN F 88 22.70 53.74 62.34
C ASN F 88 22.85 55.20 62.76
N THR F 89 22.44 55.50 63.98
CA THR F 89 22.41 56.87 64.49
C THR F 89 23.39 57.10 65.65
N PRO F 90 23.58 58.38 66.06
CA PRO F 90 24.40 58.68 67.23
C PRO F 90 23.96 57.95 68.50
N GLU F 91 22.70 58.13 68.90
CA GLU F 91 22.22 57.67 70.21
C GLU F 91 21.08 56.67 70.13
N ASP F 92 21.03 55.76 71.10
CA ASP F 92 19.98 54.73 71.22
C ASP F 92 18.59 55.33 71.53
N SER F 93 18.55 56.67 71.64
CA SER F 93 17.31 57.39 71.92
C SER F 93 16.34 57.32 70.75
N ASP F 94 16.78 57.72 69.57
CA ASP F 94 15.90 57.83 68.40
C ASP F 94 15.45 56.46 67.93
N PRO F 95 14.24 56.39 67.35
CA PRO F 95 13.65 55.11 66.95
C PRO F 95 14.38 54.45 65.79
N ASP F 96 15.36 55.16 65.24
CA ASP F 96 16.10 54.66 64.08
C ASP F 96 17.33 53.87 64.51
N HIS F 97 17.76 54.03 65.75
CA HIS F 97 18.94 53.34 66.26
C HIS F 97 18.69 51.86 66.44
N PHE F 98 19.66 51.05 66.04
CA PHE F 98 19.60 49.61 66.24
C PHE F 98 20.80 49.08 67.02
N ASP F 99 20.63 47.94 67.67
CA ASP F 99 21.69 47.32 68.46
C ASP F 99 22.49 46.31 67.62
N THR F 100 21.80 45.61 66.72
CA THR F 100 22.43 44.56 65.89
C THR F 100 21.79 44.48 64.50
N ALA F 101 22.63 44.17 63.51
CA ALA F 101 22.19 44.04 62.10
C ALA F 101 22.28 42.59 61.60
N ILE F 102 21.34 42.21 60.75
CA ILE F 102 21.36 40.89 60.10
C ILE F 102 21.13 41.03 58.59
N LEU F 103 22.07 40.53 57.80
CA LEU F 103 21.88 40.41 56.36
C LEU F 103 21.38 39.03 56.00
N PHE F 104 20.34 39.01 55.18
CA PHE F 104 19.89 37.79 54.54
C PHE F 104 20.19 37.91 53.04
N THR F 105 21.02 37.00 52.56
CA THR F 105 21.31 36.87 51.13
C THR F 105 20.95 35.46 50.69
N ARG F 106 20.55 35.29 49.43
CA ARG F 106 20.36 33.94 48.90
C ARG F 106 21.44 33.53 47.90
N GLN F 107 22.42 34.42 47.70
CA GLN F 107 23.57 34.08 46.90
C GLN F 107 24.36 33.03 47.66
N ASP F 108 24.56 31.88 47.03
CA ASP F 108 25.28 30.79 47.67
C ASP F 108 26.71 31.21 48.01
N LEU F 109 26.92 31.48 49.28
CA LEU F 109 28.24 31.87 49.78
C LEU F 109 28.97 30.64 50.30
N CYS F 110 28.21 29.72 50.89
CA CYS F 110 28.75 28.46 51.39
C CYS F 110 28.74 27.43 50.25
N GLY F 111 29.85 27.37 49.52
CA GLY F 111 29.95 26.54 48.33
C GLY F 111 31.07 27.04 47.46
N VAL F 112 31.24 28.36 47.46
CA VAL F 112 32.40 29.00 46.83
C VAL F 112 33.51 29.18 47.89
N SER F 113 33.10 29.53 49.11
CA SER F 113 34.03 29.61 50.25
C SER F 113 33.40 29.21 51.59
N THR F 114 34.25 28.86 52.54
CA THR F 114 33.82 28.30 53.82
C THR F 114 33.09 29.32 54.69
N CYS F 115 31.97 28.89 55.26
CA CYS F 115 31.23 29.69 56.22
C CYS F 115 31.07 28.95 57.56
N ASP F 116 30.38 29.58 58.51
CA ASP F 116 30.32 29.09 59.89
C ASP F 116 29.32 27.95 60.07
N THR F 117 28.04 28.24 59.86
CA THR F 117 27.04 27.20 59.72
C THR F 117 26.45 27.37 58.33
N LEU F 118 25.62 28.40 58.18
CA LEU F 118 25.27 28.96 56.89
C LEU F 118 25.27 30.48 57.05
N GLY F 119 26.38 30.99 57.58
CA GLY F 119 26.55 32.41 57.82
C GLY F 119 27.85 32.72 58.53
N MET F 120 28.00 33.98 58.93
CA MET F 120 29.17 34.43 59.67
C MET F 120 28.73 35.42 60.73
N ALA F 121 29.62 35.67 61.70
CA ALA F 121 29.44 36.71 62.71
C ALA F 121 30.73 36.86 63.50
N ASP F 122 30.87 37.99 64.19
CA ASP F 122 31.95 38.18 65.13
C ASP F 122 31.54 37.74 66.53
N VAL F 123 32.53 37.35 67.33
CA VAL F 123 32.24 36.87 68.68
C VAL F 123 32.26 38.00 69.70
N GLY F 124 31.12 38.18 70.38
CA GLY F 124 30.97 39.20 71.42
C GLY F 124 31.08 40.62 70.90
N THR F 125 30.02 41.10 70.25
CA THR F 125 30.00 42.44 69.67
C THR F 125 28.68 43.19 69.88
N VAL F 126 27.74 42.57 70.57
CA VAL F 126 26.34 43.05 70.63
C VAL F 126 26.15 44.57 70.71
N CYS F 127 26.85 45.24 71.61
CA CYS F 127 26.67 46.68 71.77
C CYS F 127 27.83 47.51 71.22
N ASP F 128 28.59 46.92 70.32
CA ASP F 128 29.53 47.68 69.51
C ASP F 128 28.85 47.92 68.16
N PRO F 129 28.34 49.14 67.94
CA PRO F 129 27.61 49.49 66.72
C PRO F 129 28.42 49.31 65.45
N ALA F 130 29.75 49.35 65.57
CA ALA F 130 30.64 49.20 64.43
C ALA F 130 30.83 47.75 63.99
N ARG F 131 30.59 46.82 64.91
CA ARG F 131 30.91 45.40 64.67
C ARG F 131 29.80 44.41 65.00
N SER F 132 28.72 44.90 65.62
CA SER F 132 27.54 44.08 65.92
C SER F 132 26.67 43.84 64.68
N CYS F 133 27.09 42.91 63.83
CA CYS F 133 26.33 42.58 62.63
C CYS F 133 26.51 41.09 62.29
N ALA F 134 25.61 40.54 61.47
CA ALA F 134 25.64 39.12 61.13
C ALA F 134 25.12 38.78 59.72
N ILE F 135 25.69 37.74 59.13
CA ILE F 135 25.36 37.30 57.78
C ILE F 135 24.61 35.99 57.86
N VAL F 136 23.60 35.82 57.00
CA VAL F 136 22.81 34.60 56.92
C VAL F 136 22.53 34.23 55.47
N GLU F 137 22.81 32.98 55.11
CA GLU F 137 22.42 32.44 53.82
C GLU F 137 21.08 31.74 54.02
N ASP F 138 20.05 32.24 53.36
CA ASP F 138 18.70 31.72 53.49
C ASP F 138 18.55 30.48 52.63
N ASP F 139 18.02 29.42 53.24
CA ASP F 139 17.62 28.23 52.50
C ASP F 139 16.38 27.61 53.13
N GLY F 140 15.48 28.47 53.59
CA GLY F 140 14.18 28.04 54.12
C GLY F 140 14.02 28.45 55.56
N LEU F 141 12.91 28.06 56.16
CA LEU F 141 12.61 28.35 57.56
C LEU F 141 13.69 27.87 58.53
N GLN F 142 14.50 26.93 58.07
CA GLN F 142 15.65 26.46 58.81
C GLN F 142 16.61 27.60 59.11
N SER F 143 16.57 28.64 58.28
CA SER F 143 17.47 29.76 58.42
C SER F 143 17.29 30.52 59.75
N ALA F 144 16.15 30.33 60.41
CA ALA F 144 15.89 30.98 61.72
C ALA F 144 16.90 30.47 62.74
N PHE F 145 17.12 29.17 62.73
CA PHE F 145 18.15 28.56 63.54
C PHE F 145 19.55 29.04 63.13
N THR F 146 19.76 29.22 61.83
CA THR F 146 21.03 29.75 61.33
C THR F 146 21.27 31.14 61.90
N ALA F 147 20.20 31.92 62.04
CA ALA F 147 20.28 33.28 62.56
C ALA F 147 20.57 33.28 64.06
N ALA F 148 19.84 32.45 64.81
CA ALA F 148 20.03 32.33 66.25
C ALA F 148 21.44 31.86 66.59
N HIS F 149 21.97 30.91 65.82
CA HIS F 149 23.35 30.50 66.02
C HIS F 149 24.28 31.70 65.94
N GLN F 150 24.15 32.50 64.87
CA GLN F 150 25.01 33.67 64.67
C GLN F 150 24.77 34.72 65.76
N LEU F 151 23.51 34.93 66.09
CA LEU F 151 23.14 35.82 67.18
C LEU F 151 23.64 35.30 68.54
N GLY F 152 23.84 34.00 68.65
CA GLY F 152 24.52 33.42 69.80
C GLY F 152 25.96 33.90 69.85
N HIS F 153 26.64 33.83 68.69
CA HIS F 153 28.03 34.29 68.58
C HIS F 153 28.16 35.77 68.86
N VAL F 154 27.12 36.54 68.55
CA VAL F 154 27.15 37.99 68.80
C VAL F 154 27.07 38.25 70.31
N PHE F 155 26.47 37.34 71.05
CA PHE F 155 26.46 37.39 72.51
C PHE F 155 27.65 36.67 73.14
N ASN F 156 28.80 36.64 72.43
CA ASN F 156 30.06 36.09 72.94
C ASN F 156 30.06 34.57 73.15
N MET F 157 29.06 33.88 72.60
CA MET F 157 28.98 32.43 72.74
C MET F 157 30.00 31.71 71.87
N LEU F 158 30.27 30.45 72.22
CA LEU F 158 31.20 29.63 71.46
C LEU F 158 30.53 28.29 71.11
N HIS F 159 31.17 27.53 70.23
CA HIS F 159 30.62 26.25 69.80
C HIS F 159 30.63 25.23 70.93
N ASP F 160 29.49 24.57 71.11
CA ASP F 160 29.35 23.48 72.08
C ASP F 160 30.43 22.40 71.99
N ASN F 161 31.17 22.37 70.89
CA ASN F 161 32.24 21.37 70.75
C ASN F 161 33.60 21.87 71.24
N SER F 162 33.66 23.13 71.69
CA SER F 162 34.91 23.72 72.19
C SER F 162 35.28 23.24 73.61
N LYS F 163 36.57 23.30 73.93
CA LYS F 163 37.11 22.84 75.21
C LYS F 163 36.45 23.48 76.46
N PRO F 164 36.21 24.81 76.45
CA PRO F 164 35.47 25.42 77.57
C PRO F 164 34.05 24.89 77.71
N CYS F 165 33.42 24.54 76.59
CA CYS F 165 32.05 24.04 76.60
C CYS F 165 31.94 22.56 76.93
N ILE F 166 32.96 21.77 76.61
CA ILE F 166 32.99 20.38 77.06
C ILE F 166 32.95 20.37 78.60
N SER F 167 33.74 21.25 79.20
CA SER F 167 33.82 21.42 80.66
C SER F 167 32.47 21.77 81.29
N LEU F 168 31.66 22.56 80.58
CA LEU F 168 30.36 23.01 81.07
C LEU F 168 29.19 22.10 80.71
N ASN F 169 29.12 21.64 79.47
CA ASN F 169 27.94 20.91 78.95
C ASN F 169 27.68 19.60 79.70
N GLY F 170 28.76 18.91 80.04
CA GLY F 170 28.66 17.66 80.79
C GLY F 170 29.03 16.45 79.94
N PRO F 171 29.11 15.27 80.58
CA PRO F 171 29.44 14.03 79.90
C PRO F 171 28.27 13.53 79.05
N LEU F 172 27.06 13.68 79.59
CA LEU F 172 25.83 13.42 78.85
C LEU F 172 25.56 14.66 78.02
N SER F 173 26.33 14.80 76.94
CA SER F 173 26.19 15.92 76.04
C SER F 173 25.56 15.45 74.73
N THR F 174 24.40 15.99 74.41
CA THR F 174 23.78 15.80 73.09
C THR F 174 23.94 17.10 72.32
N SER F 175 24.38 17.02 71.08
CA SER F 175 24.51 18.23 70.24
C SER F 175 23.18 18.60 69.58
N ARG F 176 22.11 18.53 70.37
CA ARG F 176 20.77 18.99 70.00
C ARG F 176 20.60 20.45 70.38
N HIS F 177 21.69 21.22 70.27
CA HIS F 177 21.73 22.60 70.74
C HIS F 177 22.05 23.58 69.61
N VAL F 178 21.53 24.81 69.75
CA VAL F 178 21.74 25.89 68.79
C VAL F 178 23.20 26.13 68.42
N MET F 179 24.10 25.94 69.38
CA MET F 179 25.51 26.24 69.18
C MET F 179 26.40 25.06 68.82
N ALA F 180 25.79 23.96 68.36
CA ALA F 180 26.55 22.84 67.81
C ALA F 180 27.23 23.29 66.51
N PRO F 181 28.52 22.95 66.35
CA PRO F 181 29.26 23.43 65.17
C PRO F 181 28.60 23.01 63.84
N VAL F 182 27.91 21.86 63.86
CA VAL F 182 27.10 21.37 62.75
C VAL F 182 25.65 21.21 63.24
N MET F 183 24.71 21.90 62.59
CA MET F 183 23.30 21.91 63.02
C MET F 183 22.59 20.56 62.89
N ALA F 184 21.80 20.22 63.91
CA ALA F 184 21.03 18.96 63.93
C ALA F 184 19.63 19.22 64.51
N HIS F 185 19.05 18.21 65.16
CA HIS F 185 17.69 18.32 65.72
C HIS F 185 17.68 19.08 67.04
N VAL F 186 17.72 20.40 66.94
CA VAL F 186 17.75 21.29 68.11
C VAL F 186 16.57 21.02 69.05
N ASP F 187 16.89 20.46 70.21
CA ASP F 187 15.91 20.16 71.26
C ASP F 187 15.02 21.37 71.53
N PRO F 188 13.69 21.23 71.30
CA PRO F 188 12.76 22.32 71.61
C PRO F 188 12.57 22.53 73.12
N GLU F 189 13.04 21.57 73.92
CA GLU F 189 13.04 21.69 75.37
C GLU F 189 14.33 22.35 75.87
N GLU F 190 15.41 22.13 75.14
CA GLU F 190 16.72 22.60 75.55
C GLU F 190 17.52 23.13 74.35
N PRO F 191 17.12 24.29 73.79
CA PRO F 191 17.81 24.86 72.63
C PRO F 191 19.25 25.23 72.97
N TRP F 192 19.44 25.92 74.08
CA TRP F 192 20.75 26.33 74.53
C TRP F 192 21.30 25.35 75.54
N SER F 193 22.62 25.29 75.62
CA SER F 193 23.32 24.35 76.50
C SER F 193 23.73 25.02 77.80
N PRO F 194 24.09 24.22 78.82
CA PRO F 194 24.74 24.82 79.98
C PRO F 194 25.91 25.77 79.65
N CYS F 195 26.70 25.47 78.62
CA CYS F 195 27.82 26.34 78.25
C CYS F 195 27.38 27.68 77.67
N SER F 196 26.49 27.62 76.69
CA SER F 196 26.00 28.80 76.01
C SER F 196 25.38 29.76 77.04
N ALA F 197 24.43 29.26 77.81
CA ALA F 197 23.78 30.05 78.86
C ALA F 197 24.79 30.72 79.79
N ARG F 198 25.88 30.02 80.11
CA ARG F 198 26.92 30.57 80.95
C ARG F 198 27.65 31.77 80.33
N PHE F 199 28.03 31.64 79.06
CA PHE F 199 28.81 32.68 78.40
C PHE F 199 28.07 33.99 78.26
N ILE F 200 26.81 33.90 77.86
CA ILE F 200 25.96 35.08 77.71
C ILE F 200 25.68 35.74 79.09
N THR F 201 25.69 34.94 80.16
CA THR F 201 25.52 35.48 81.51
C THR F 201 26.75 36.30 81.91
N ASP F 202 27.94 35.74 81.68
CA ASP F 202 29.20 36.47 81.92
C ASP F 202 29.27 37.77 81.12
N PHE F 203 28.82 37.72 79.87
CA PHE F 203 28.81 38.87 78.97
C PHE F 203 27.91 40.01 79.50
N LEU F 204 26.70 39.67 79.91
CA LEU F 204 25.73 40.63 80.42
C LEU F 204 26.06 41.12 81.83
N ASP F 205 26.52 40.20 82.69
CA ASP F 205 26.94 40.54 84.06
C ASP F 205 28.04 41.58 84.08
N ASN F 206 28.97 41.48 83.13
CA ASN F 206 30.10 42.40 83.04
C ASN F 206 29.71 43.79 82.55
N GLY F 207 28.49 43.91 82.04
CA GLY F 207 27.97 45.19 81.54
C GLY F 207 28.24 45.42 80.06
N TYR F 208 28.21 44.35 79.27
CA TYR F 208 28.44 44.40 77.82
C TYR F 208 27.12 44.46 77.05
N GLY F 209 26.02 44.19 77.76
CA GLY F 209 24.68 44.39 77.23
C GLY F 209 24.03 45.64 77.80
N HIS F 210 24.83 46.69 77.93
CA HIS F 210 24.36 47.98 78.46
C HIS F 210 23.26 48.58 77.57
N CYS F 211 23.52 48.54 76.27
CA CYS F 211 22.67 49.14 75.27
C CYS F 211 21.41 48.30 74.96
N LEU F 212 21.31 47.12 75.56
CA LEU F 212 20.16 46.23 75.43
C LEU F 212 19.05 46.54 76.42
N LEU F 213 19.22 47.62 77.19
CA LEU F 213 18.38 47.88 78.36
C LEU F 213 17.17 48.76 78.13
N ASP F 214 17.15 49.46 77.01
CA ASP F 214 16.02 50.31 76.64
C ASP F 214 14.98 49.60 75.77
N LYS F 215 13.72 49.81 76.10
CA LYS F 215 12.58 49.34 75.33
C LYS F 215 12.47 50.08 73.99
N PRO F 216 12.04 49.37 72.93
CA PRO F 216 11.85 50.01 71.64
C PRO F 216 10.51 50.70 71.54
N GLU F 217 10.46 51.77 70.73
CA GLU F 217 9.26 52.58 70.63
C GLU F 217 8.10 51.88 69.88
N ALA F 218 8.38 51.37 68.69
CA ALA F 218 7.34 50.73 67.89
C ALA F 218 7.94 49.61 67.07
N PRO F 219 8.19 48.46 67.70
CA PRO F 219 8.78 47.36 66.98
C PRO F 219 7.76 46.67 66.09
N LEU F 220 8.22 46.08 64.98
CA LEU F 220 7.34 45.38 64.05
C LEU F 220 6.74 44.13 64.71
N HIS F 221 5.46 43.89 64.42
CA HIS F 221 4.70 42.80 65.01
C HIS F 221 5.20 41.45 64.46
N LEU F 222 5.79 40.64 65.32
CA LEU F 222 6.15 39.26 64.94
C LEU F 222 4.91 38.37 65.01
N PRO F 223 4.75 37.44 64.06
CA PRO F 223 3.63 36.51 64.11
C PRO F 223 3.66 35.63 65.37
N VAL F 224 2.50 35.46 66.00
CA VAL F 224 2.36 34.56 67.15
C VAL F 224 1.82 33.22 66.69
N THR F 225 1.60 33.11 65.37
CA THR F 225 1.10 31.88 64.75
C THR F 225 2.23 30.86 64.70
N PHE F 226 2.01 29.77 63.96
CA PHE F 226 3.06 28.78 63.75
C PHE F 226 3.66 28.87 62.35
N PRO F 227 4.97 28.58 62.22
CA PRO F 227 5.61 28.59 60.91
C PRO F 227 5.02 27.52 60.01
N GLY F 228 4.62 26.41 60.64
CA GLY F 228 3.91 25.34 59.95
C GLY F 228 2.55 25.75 59.44
N LYS F 229 1.93 26.73 60.09
CA LYS F 229 0.66 27.31 59.64
C LYS F 229 0.92 28.30 58.50
N ASP F 230 1.72 29.32 58.79
CA ASP F 230 2.21 30.28 57.78
C ASP F 230 2.54 29.61 56.44
N TYR F 231 3.29 28.51 56.50
CA TYR F 231 3.78 27.81 55.33
C TYR F 231 3.62 26.32 55.50
N ASP F 232 2.77 25.69 54.67
CA ASP F 232 2.60 24.24 54.68
C ASP F 232 3.85 23.51 54.13
N ALA F 233 3.76 22.19 54.00
CA ALA F 233 4.89 21.37 53.56
C ALA F 233 5.35 21.69 52.13
N ASP F 234 4.38 22.00 51.25
CA ASP F 234 4.68 22.42 49.87
C ASP F 234 5.50 23.72 49.87
N ARG F 235 5.02 24.71 50.62
CA ARG F 235 5.68 26.00 50.69
C ARG F 235 7.08 25.88 51.29
N GLN F 236 7.19 25.10 52.37
CA GLN F 236 8.48 24.84 53.00
C GLN F 236 9.47 24.28 51.98
N CYS F 237 9.00 23.33 51.18
CA CYS F 237 9.83 22.75 50.11
C CYS F 237 10.26 23.75 49.05
N GLN F 238 9.35 24.67 48.71
CA GLN F 238 9.65 25.73 47.74
C GLN F 238 10.69 26.69 48.30
N LEU F 239 10.59 26.97 49.60
CA LEU F 239 11.48 27.92 50.25
C LEU F 239 12.91 27.38 50.35
N THR F 240 13.05 26.07 50.30
CA THR F 240 14.34 25.41 50.42
C THR F 240 14.96 25.15 49.05
N PHE F 241 14.26 24.41 48.19
CA PHE F 241 14.82 23.96 46.91
C PHE F 241 14.27 24.67 45.69
N GLY F 242 13.47 25.72 45.92
CA GLY F 242 12.92 26.49 44.81
C GLY F 242 11.45 26.23 44.49
N PRO F 243 10.85 27.09 43.64
CA PRO F 243 9.41 27.15 43.39
C PRO F 243 8.84 25.91 42.72
N ASP F 244 9.67 25.18 41.99
CA ASP F 244 9.21 23.99 41.30
C ASP F 244 9.16 22.78 42.20
N SER F 245 9.82 22.87 43.36
CA SER F 245 9.84 21.77 44.29
C SER F 245 8.51 21.58 45.03
N ARG F 246 8.23 20.34 45.39
CA ARG F 246 7.02 19.98 46.11
C ARG F 246 7.38 18.98 47.23
N HIS F 247 6.46 18.80 48.17
CA HIS F 247 6.68 17.89 49.29
C HIS F 247 6.47 16.44 48.90
N CYS F 248 7.49 15.61 49.10
CA CYS F 248 7.33 14.16 49.06
C CYS F 248 6.65 13.76 50.37
N PRO F 249 5.30 13.65 50.36
CA PRO F 249 4.57 13.54 51.62
C PRO F 249 4.65 12.16 52.26
N GLN F 250 4.69 11.12 51.43
CA GLN F 250 4.51 9.73 51.83
C GLN F 250 5.49 9.21 52.91
N LEU F 251 6.65 9.86 53.01
CA LEU F 251 7.76 9.36 53.84
C LEU F 251 7.53 9.43 55.35
N PRO F 252 7.38 8.25 56.00
CA PRO F 252 7.50 8.14 57.45
C PRO F 252 8.99 8.14 57.86
N PRO F 253 9.30 8.50 59.14
CA PRO F 253 8.35 9.02 60.13
C PRO F 253 7.97 10.46 59.80
N PRO F 254 6.74 10.87 60.15
CA PRO F 254 6.30 12.23 59.87
C PRO F 254 7.01 13.26 60.77
N CYS F 255 7.25 14.46 60.22
CA CYS F 255 7.86 15.59 60.93
C CYS F 255 9.40 15.56 61.01
N ALA F 256 9.97 14.37 60.91
CA ALA F 256 11.41 14.16 61.16
C ALA F 256 12.33 14.84 60.15
N ALA F 257 12.07 14.67 58.86
CA ALA F 257 12.87 15.31 57.83
C ALA F 257 11.99 15.80 56.69
N LEU F 258 12.30 16.99 56.17
CA LEU F 258 11.56 17.52 55.04
C LEU F 258 12.07 16.96 53.72
N TRP F 259 11.22 16.18 53.06
CA TRP F 259 11.53 15.60 51.76
C TRP F 259 10.86 16.39 50.63
N CYS F 260 11.68 16.87 49.70
CA CYS F 260 11.22 17.71 48.60
C CYS F 260 11.58 17.13 47.25
N SER F 261 10.79 17.46 46.22
CA SER F 261 11.01 16.90 44.88
C SER F 261 12.05 17.67 44.04
N GLY F 262 12.58 17.01 43.02
CA GLY F 262 13.52 17.63 42.08
C GLY F 262 13.78 16.75 40.88
N HIS F 263 14.84 17.05 40.12
CA HIS F 263 15.20 16.28 38.93
C HIS F 263 16.72 16.13 38.71
N LEU F 264 17.21 14.89 38.69
CA LEU F 264 18.62 14.63 38.41
C LEU F 264 18.94 14.62 36.91
N ASN F 265 18.04 14.05 36.10
CA ASN F 265 18.21 14.01 34.65
C ASN F 265 17.10 14.76 33.92
N GLY F 266 16.08 15.15 34.69
CA GLY F 266 14.76 15.43 34.13
C GLY F 266 13.89 14.22 34.45
N HIS F 267 14.18 13.62 35.61
CA HIS F 267 13.41 12.52 36.17
C HIS F 267 13.27 12.72 37.68
N ALA F 268 12.07 12.50 38.19
CA ALA F 268 11.71 12.85 39.56
C ALA F 268 12.54 12.14 40.63
N MET F 269 12.71 12.82 41.77
CA MET F 269 13.48 12.32 42.91
C MET F 269 12.91 12.92 44.20
N CYS F 270 13.51 12.56 45.34
CA CYS F 270 13.22 13.24 46.60
C CYS F 270 14.50 13.69 47.31
N GLN F 271 14.54 14.97 47.66
CA GLN F 271 15.67 15.62 48.35
C GLN F 271 15.38 15.85 49.82
N THR F 272 16.43 15.89 50.64
CA THR F 272 16.29 16.40 52.00
C THR F 272 17.58 17.00 52.51
N LYS F 273 17.45 18.10 53.24
CA LYS F 273 18.59 18.67 53.96
C LYS F 273 18.53 18.22 55.43
N HIS F 274 17.83 17.10 55.64
CA HIS F 274 17.71 16.42 56.94
C HIS F 274 17.19 17.25 58.12
N SER F 275 16.83 18.50 57.87
CA SER F 275 16.21 19.33 58.88
C SER F 275 14.71 19.03 58.90
N PRO F 276 14.06 19.22 60.06
CA PRO F 276 12.66 18.83 60.22
C PRO F 276 11.67 19.70 59.44
N TRP F 277 10.43 19.22 59.35
CA TRP F 277 9.30 20.04 58.91
C TRP F 277 9.20 21.16 59.93
N ALA F 278 8.75 22.34 59.51
CA ALA F 278 8.58 23.45 60.45
C ALA F 278 7.62 23.05 61.56
N ASP F 279 7.86 23.58 62.76
CA ASP F 279 6.94 23.35 63.87
C ASP F 279 5.53 23.81 63.52
N GLY F 280 4.53 22.98 63.80
CA GLY F 280 3.12 23.32 63.55
C GLY F 280 2.52 22.77 62.26
N THR F 281 3.36 22.26 61.37
CA THR F 281 2.93 21.71 60.07
C THR F 281 2.01 20.48 60.27
N PRO F 282 0.81 20.50 59.64
CA PRO F 282 -0.13 19.39 59.80
C PRO F 282 0.42 18.06 59.29
N CYS F 283 0.74 17.16 60.21
CA CYS F 283 1.08 15.79 59.86
C CYS F 283 -0.14 14.88 59.97
N GLY F 284 -0.63 14.70 61.19
CA GLY F 284 -1.77 13.83 61.47
C GLY F 284 -3.08 14.58 61.65
N PRO F 285 -4.16 13.84 61.96
CA PRO F 285 -5.55 14.34 61.93
C PRO F 285 -5.84 15.46 62.92
N ALA F 286 -5.36 15.32 64.16
CA ALA F 286 -5.44 16.39 65.14
C ALA F 286 -4.03 16.74 65.62
N GLN F 287 -3.09 16.69 64.69
CA GLN F 287 -1.67 16.65 65.04
C GLN F 287 -0.81 17.61 64.23
N ALA F 288 0.34 17.99 64.79
CA ALA F 288 1.30 18.87 64.12
C ALA F 288 2.74 18.48 64.48
N CYS F 289 3.71 19.26 63.99
CA CYS F 289 5.11 18.92 64.19
C CYS F 289 5.79 19.80 65.21
N MET F 290 6.53 19.17 66.13
CA MET F 290 7.26 19.86 67.18
C MET F 290 8.61 19.22 67.38
N GLY F 291 9.68 19.97 67.14
CA GLY F 291 11.05 19.44 67.28
C GLY F 291 11.36 18.35 66.26
N GLY F 292 10.31 17.76 65.70
CA GLY F 292 10.41 16.68 64.74
C GLY F 292 9.57 15.49 65.13
N ARG F 293 8.48 15.75 65.87
CA ARG F 293 7.59 14.69 66.36
C ARG F 293 6.12 15.08 66.21
N CYS F 294 5.32 14.13 65.70
CA CYS F 294 3.89 14.36 65.43
C CYS F 294 3.06 14.12 66.70
N LEU F 295 2.56 15.20 67.29
CA LEU F 295 1.93 15.15 68.61
C LEU F 295 0.53 15.76 68.65
N SER G 3 -28.93 -45.58 -82.31
CA SER G 3 -27.97 -44.50 -81.98
C SER G 3 -26.87 -44.98 -81.00
N LEU G 4 -25.68 -45.15 -81.56
CA LEU G 4 -24.50 -45.70 -80.87
C LEU G 4 -24.24 -45.15 -79.45
N SER G 5 -24.27 -46.04 -78.45
CA SER G 5 -23.90 -45.66 -77.08
C SER G 5 -22.37 -45.56 -76.92
N ARG G 6 -21.94 -44.52 -76.20
CA ARG G 6 -20.52 -44.19 -76.05
C ARG G 6 -20.04 -44.32 -74.59
N PHE G 7 -18.86 -44.93 -74.44
CA PHE G 7 -18.23 -45.16 -73.14
C PHE G 7 -16.86 -44.49 -73.13
N VAL G 8 -16.68 -43.51 -72.26
CA VAL G 8 -15.42 -42.79 -72.16
C VAL G 8 -14.49 -43.40 -71.10
N GLU G 9 -13.63 -44.32 -71.53
CA GLU G 9 -12.65 -44.94 -70.63
C GLU G 9 -11.65 -43.90 -70.14
N THR G 10 -11.80 -43.52 -68.87
CA THR G 10 -11.20 -42.33 -68.32
C THR G 10 -10.06 -42.60 -67.32
N LEU G 11 -8.87 -42.06 -67.63
CA LEU G 11 -7.78 -42.02 -66.68
C LEU G 11 -7.91 -40.76 -65.85
N VAL G 12 -7.86 -40.90 -64.53
CA VAL G 12 -7.92 -39.78 -63.62
C VAL G 12 -6.59 -39.72 -62.89
N VAL G 13 -5.93 -38.57 -62.94
CA VAL G 13 -4.64 -38.42 -62.32
C VAL G 13 -4.68 -37.26 -61.33
N ALA G 14 -4.12 -37.47 -60.13
CA ALA G 14 -4.07 -36.43 -59.10
C ALA G 14 -2.63 -36.18 -58.68
N ASP G 15 -2.22 -34.91 -58.63
CA ASP G 15 -0.80 -34.58 -58.61
C ASP G 15 -0.19 -34.47 -57.22
N ASP G 16 1.10 -34.10 -57.20
CA ASP G 16 1.88 -33.96 -55.97
C ASP G 16 1.14 -33.24 -54.84
N LYS G 17 0.46 -32.15 -55.18
CA LYS G 17 -0.16 -31.27 -54.19
C LYS G 17 -1.62 -31.59 -53.89
N MET G 18 -2.22 -32.42 -54.74
CA MET G 18 -3.61 -32.83 -54.59
C MET G 18 -3.72 -33.86 -53.46
N ALA G 19 -2.70 -34.71 -53.35
CA ALA G 19 -2.63 -35.74 -52.32
C ALA G 19 -2.40 -35.11 -50.97
N ALA G 20 -1.48 -34.15 -50.91
CA ALA G 20 -1.22 -33.40 -49.68
C ALA G 20 -2.52 -32.83 -49.10
N PHE G 21 -3.35 -32.22 -49.94
CA PHE G 21 -4.57 -31.54 -49.51
C PHE G 21 -5.62 -32.47 -48.92
N HIS G 22 -5.89 -33.60 -49.60
CA HIS G 22 -6.99 -34.52 -49.28
C HIS G 22 -6.57 -35.77 -48.51
N GLY G 23 -5.29 -36.09 -48.62
CA GLY G 23 -4.71 -37.23 -47.93
C GLY G 23 -5.41 -38.53 -48.26
N ALA G 24 -5.78 -39.26 -47.21
CA ALA G 24 -6.48 -40.52 -47.37
C ALA G 24 -7.80 -40.33 -48.10
N GLY G 25 -8.35 -39.12 -48.03
CA GLY G 25 -9.68 -38.87 -48.59
C GLY G 25 -9.75 -38.61 -50.07
N LEU G 26 -8.59 -38.66 -50.74
CA LEU G 26 -8.45 -38.24 -52.12
C LEU G 26 -9.25 -39.06 -53.10
N LYS G 27 -9.07 -40.38 -53.07
CA LYS G 27 -9.76 -41.26 -54.00
C LYS G 27 -11.26 -41.06 -53.89
N ARG G 28 -11.81 -41.13 -52.68
CA ARG G 28 -13.24 -40.96 -52.50
C ARG G 28 -13.71 -39.59 -53.00
N TYR G 29 -12.84 -38.59 -52.89
CA TYR G 29 -13.13 -37.27 -53.43
C TYR G 29 -13.28 -37.29 -54.97
N LEU G 30 -12.29 -37.87 -55.66
CA LEU G 30 -12.27 -37.88 -57.13
C LEU G 30 -13.46 -38.63 -57.72
N LEU G 31 -13.76 -39.80 -57.18
CA LEU G 31 -14.95 -40.52 -57.63
C LEU G 31 -16.24 -39.68 -57.43
N THR G 32 -16.28 -38.89 -56.35
CA THR G 32 -17.41 -38.00 -56.09
C THR G 32 -17.51 -36.87 -57.13
N VAL G 33 -16.37 -36.24 -57.45
CA VAL G 33 -16.33 -35.27 -58.52
C VAL G 33 -16.63 -35.90 -59.90
N MET G 34 -15.93 -36.99 -60.23
CA MET G 34 -16.19 -37.70 -61.49
C MET G 34 -17.62 -38.17 -61.64
N ALA G 35 -18.21 -38.69 -60.55
CA ALA G 35 -19.63 -39.05 -60.58
C ALA G 35 -20.50 -37.86 -61.00
N ALA G 36 -20.29 -36.70 -60.37
CA ALA G 36 -21.08 -35.51 -60.71
C ALA G 36 -21.02 -35.15 -62.21
N ALA G 37 -19.80 -35.13 -62.76
CA ALA G 37 -19.57 -34.88 -64.18
C ALA G 37 -20.32 -35.90 -65.06
N ALA G 38 -20.20 -37.18 -64.71
CA ALA G 38 -20.87 -38.24 -65.42
C ALA G 38 -22.41 -38.12 -65.37
N LYS G 39 -22.93 -37.51 -64.31
CA LYS G 39 -24.35 -37.21 -64.29
C LYS G 39 -24.67 -36.20 -65.39
N ALA G 40 -23.96 -35.08 -65.39
CA ALA G 40 -24.07 -34.10 -66.47
C ALA G 40 -24.09 -34.79 -67.82
N PHE G 41 -23.04 -35.54 -68.10
CA PHE G 41 -22.88 -36.19 -69.41
C PHE G 41 -23.95 -37.22 -69.75
N LYS G 42 -24.71 -37.68 -68.76
CA LYS G 42 -25.83 -38.60 -69.02
C LYS G 42 -27.08 -37.86 -69.48
N HIS G 43 -27.27 -36.65 -68.98
CA HIS G 43 -28.50 -35.89 -69.20
C HIS G 43 -28.97 -35.87 -70.66
N PRO G 44 -30.27 -36.13 -70.88
CA PRO G 44 -30.84 -36.13 -72.24
C PRO G 44 -30.66 -34.82 -73.01
N SER G 45 -30.22 -33.77 -72.32
CA SER G 45 -29.94 -32.48 -72.96
C SER G 45 -28.85 -32.55 -74.01
N ILE G 46 -27.84 -33.38 -73.75
CA ILE G 46 -26.71 -33.56 -74.67
C ILE G 46 -27.16 -34.36 -75.90
N ARG G 47 -28.36 -34.94 -75.80
CA ARG G 47 -29.00 -35.74 -76.85
C ARG G 47 -28.24 -37.03 -77.22
N ASN G 48 -27.36 -37.48 -76.34
CA ASN G 48 -26.50 -38.62 -76.62
C ASN G 48 -26.16 -39.49 -75.42
N PRO G 49 -26.04 -40.82 -75.65
CA PRO G 49 -25.65 -41.75 -74.61
C PRO G 49 -24.14 -41.73 -74.44
N VAL G 50 -23.63 -40.68 -73.81
CA VAL G 50 -22.23 -40.65 -73.43
C VAL G 50 -22.14 -40.97 -71.96
N SER G 51 -21.70 -42.19 -71.67
CA SER G 51 -21.55 -42.65 -70.32
C SER G 51 -20.09 -42.55 -69.89
N LEU G 52 -19.81 -41.60 -69.01
CA LEU G 52 -18.47 -41.31 -68.49
C LEU G 52 -18.03 -42.27 -67.38
N VAL G 53 -16.86 -42.89 -67.55
CA VAL G 53 -16.43 -44.05 -66.77
C VAL G 53 -14.92 -44.02 -66.42
N VAL G 54 -14.61 -44.19 -65.13
CA VAL G 54 -13.25 -44.15 -64.63
C VAL G 54 -12.65 -45.55 -64.59
N THR G 55 -11.68 -45.80 -65.46
CA THR G 55 -11.06 -47.12 -65.54
C THR G 55 -9.75 -47.18 -64.76
N ARG G 56 -9.08 -46.04 -64.62
CA ARG G 56 -7.83 -45.96 -63.91
C ARG G 56 -7.80 -44.74 -63.01
N LEU G 57 -7.30 -44.92 -61.79
CA LEU G 57 -7.05 -43.81 -60.88
C LEU G 57 -5.60 -43.82 -60.43
N VAL G 58 -4.86 -42.77 -60.77
CA VAL G 58 -3.47 -42.66 -60.35
C VAL G 58 -3.33 -41.53 -59.34
N ILE G 59 -2.80 -41.87 -58.17
CA ILE G 59 -2.54 -40.90 -57.11
C ILE G 59 -1.04 -40.78 -56.92
N LEU G 60 -0.48 -39.65 -57.33
CA LEU G 60 0.97 -39.46 -57.31
C LEU G 60 1.39 -38.78 -56.02
N GLY G 61 2.24 -39.44 -55.25
CA GLY G 61 2.79 -38.89 -54.02
C GLY G 61 4.17 -38.30 -54.22
N SER G 62 4.84 -38.02 -53.10
CA SER G 62 6.17 -37.40 -53.06
C SER G 62 7.17 -37.96 -54.08
N GLY G 63 7.60 -39.21 -53.88
CA GLY G 63 8.66 -39.83 -54.66
C GLY G 63 8.29 -40.27 -56.08
N GLU G 64 7.02 -40.61 -56.28
CA GLU G 64 6.56 -41.06 -57.59
C GLU G 64 6.42 -39.88 -58.55
N GLU G 65 7.44 -39.69 -59.40
CA GLU G 65 7.49 -38.50 -60.24
C GLU G 65 6.58 -38.57 -61.48
N GLY G 66 5.65 -37.62 -61.52
CA GLY G 66 4.69 -37.49 -62.61
C GLY G 66 4.98 -36.34 -63.55
N PRO G 67 3.93 -35.70 -64.08
CA PRO G 67 4.11 -34.59 -65.00
C PRO G 67 4.36 -33.30 -64.24
N GLN G 68 5.18 -32.42 -64.81
CA GLN G 68 5.49 -31.13 -64.20
C GLN G 68 4.28 -30.19 -64.17
N VAL G 69 3.81 -29.90 -62.96
CA VAL G 69 2.57 -29.14 -62.76
C VAL G 69 2.87 -27.68 -62.53
N GLY G 70 2.49 -26.85 -63.50
CA GLY G 70 2.88 -25.44 -63.52
C GLY G 70 4.30 -25.31 -64.03
N PRO G 71 4.77 -24.07 -64.30
CA PRO G 71 4.19 -22.73 -64.00
C PRO G 71 2.84 -22.39 -64.60
N SER G 72 2.68 -22.48 -65.92
CA SER G 72 1.46 -22.06 -66.59
C SER G 72 0.36 -23.13 -66.63
N ALA G 73 -0.85 -22.70 -66.99
CA ALA G 73 -1.96 -23.62 -67.23
C ALA G 73 -1.78 -24.35 -68.56
N ALA G 74 -1.09 -23.71 -69.50
CA ALA G 74 -0.85 -24.29 -70.81
C ALA G 74 0.20 -25.40 -70.67
N GLN G 75 1.38 -25.03 -70.17
CA GLN G 75 2.48 -25.98 -69.93
C GLN G 75 2.04 -27.18 -69.10
N THR G 76 1.09 -26.98 -68.19
CA THR G 76 0.49 -28.08 -67.44
C THR G 76 -0.25 -29.07 -68.36
N LEU G 77 -1.06 -28.55 -69.29
CA LEU G 77 -1.65 -29.38 -70.35
C LEU G 77 -0.60 -29.96 -71.30
N ARG G 78 0.33 -29.13 -71.77
CA ARG G 78 1.40 -29.61 -72.67
C ARG G 78 2.19 -30.75 -72.05
N SER G 79 2.53 -30.62 -70.77
CA SER G 79 3.30 -31.67 -70.08
C SER G 79 2.45 -32.90 -69.78
N PHE G 80 1.30 -32.69 -69.17
CA PHE G 80 0.45 -33.82 -68.81
C PHE G 80 -0.03 -34.63 -70.01
N CYS G 81 0.05 -34.01 -71.19
CA CYS G 81 -0.46 -34.63 -72.40
C CYS G 81 0.61 -35.44 -73.10
N ALA G 82 1.86 -35.25 -72.68
CA ALA G 82 2.99 -36.03 -73.15
C ALA G 82 3.34 -37.10 -72.12
N TRP G 83 3.04 -36.81 -70.86
CA TRP G 83 3.26 -37.74 -69.77
C TRP G 83 2.22 -38.86 -69.84
N GLN G 84 0.94 -38.46 -69.88
CA GLN G 84 -0.18 -39.40 -70.01
C GLN G 84 0.03 -40.48 -71.08
N ARG G 85 0.67 -40.07 -72.18
CA ARG G 85 1.02 -40.95 -73.30
C ARG G 85 1.63 -42.28 -72.83
N GLY G 86 2.63 -42.18 -71.94
CA GLY G 86 3.43 -43.32 -71.50
C GLY G 86 2.75 -44.28 -70.53
N LEU G 87 1.54 -43.93 -70.11
CA LEU G 87 0.72 -44.78 -69.26
C LEU G 87 -0.22 -45.63 -70.11
N ASN G 88 -0.34 -45.27 -71.38
CA ASN G 88 -1.33 -45.88 -72.26
C ASN G 88 -0.78 -47.05 -73.05
N THR G 89 -1.70 -47.90 -73.52
CA THR G 89 -1.36 -49.10 -74.27
C THR G 89 -1.81 -48.93 -75.72
N PRO G 90 -1.29 -49.76 -76.64
CA PRO G 90 -1.69 -49.59 -78.05
C PRO G 90 -3.15 -49.98 -78.36
N GLU G 91 -3.69 -50.98 -77.68
CA GLU G 91 -4.97 -51.58 -78.05
C GLU G 91 -6.07 -51.26 -77.06
N ASP G 92 -7.19 -50.75 -77.55
CA ASP G 92 -8.33 -50.39 -76.70
C ASP G 92 -8.96 -51.60 -76.00
N SER G 93 -8.55 -52.80 -76.39
CA SER G 93 -9.05 -54.00 -75.74
C SER G 93 -8.24 -54.34 -74.49
N ASP G 94 -7.08 -53.68 -74.33
CA ASP G 94 -6.31 -53.72 -73.09
C ASP G 94 -7.07 -53.02 -71.99
N PRO G 95 -7.26 -53.70 -70.84
CA PRO G 95 -7.95 -53.11 -69.69
C PRO G 95 -7.29 -51.80 -69.25
N ASP G 96 -5.98 -51.69 -69.48
CA ASP G 96 -5.21 -50.54 -69.09
C ASP G 96 -5.33 -49.35 -70.03
N HIS G 97 -5.87 -49.58 -71.22
CA HIS G 97 -6.01 -48.52 -72.22
C HIS G 97 -7.13 -47.58 -71.85
N PHE G 98 -6.91 -46.29 -72.10
CA PHE G 98 -7.92 -45.27 -71.80
C PHE G 98 -8.13 -44.32 -72.98
N ASP G 99 -9.35 -43.80 -73.09
CA ASP G 99 -9.73 -42.91 -74.19
C ASP G 99 -9.39 -41.45 -73.93
N THR G 100 -9.23 -41.09 -72.66
CA THR G 100 -8.93 -39.72 -72.22
C THR G 100 -8.49 -39.60 -70.76
N ALA G 101 -7.57 -38.67 -70.54
CA ALA G 101 -6.90 -38.45 -69.27
C ALA G 101 -7.23 -37.11 -68.65
N ILE G 102 -7.55 -37.10 -67.35
CA ILE G 102 -7.74 -35.83 -66.63
C ILE G 102 -6.82 -35.71 -65.44
N LEU G 103 -6.17 -34.56 -65.34
CA LEU G 103 -5.29 -34.23 -64.24
C LEU G 103 -5.98 -33.27 -63.28
N PHE G 104 -6.03 -33.67 -62.02
CA PHE G 104 -6.49 -32.77 -60.96
C PHE G 104 -5.28 -32.27 -60.18
N THR G 105 -5.14 -30.95 -60.11
CA THR G 105 -4.10 -30.34 -59.33
C THR G 105 -4.69 -29.33 -58.35
N ARG G 106 -3.93 -29.02 -57.31
CA ARG G 106 -4.38 -28.13 -56.25
C ARG G 106 -3.51 -26.87 -56.21
N GLN G 107 -2.50 -26.83 -57.08
CA GLN G 107 -1.65 -25.67 -57.21
C GLN G 107 -2.39 -24.55 -57.95
N ASP G 108 -2.03 -23.30 -57.68
CA ASP G 108 -2.70 -22.16 -58.31
C ASP G 108 -2.10 -21.86 -59.69
N LEU G 109 -2.84 -22.28 -60.71
CA LEU G 109 -2.43 -22.05 -62.09
C LEU G 109 -3.26 -20.90 -62.65
N CYS G 110 -4.54 -20.88 -62.27
CA CYS G 110 -5.46 -19.85 -62.72
C CYS G 110 -5.34 -18.52 -61.96
N GLY G 111 -4.26 -18.37 -61.20
CA GLY G 111 -3.97 -17.15 -60.47
C GLY G 111 -2.57 -16.61 -60.76
N VAL G 112 -1.86 -17.27 -61.66
CA VAL G 112 -0.52 -16.82 -62.08
C VAL G 112 -0.37 -16.88 -63.61
N SER G 113 -1.29 -17.62 -64.25
CA SER G 113 -1.32 -17.79 -65.69
C SER G 113 -2.75 -17.80 -66.22
N THR G 114 -2.92 -17.37 -67.47
CA THR G 114 -4.21 -17.38 -68.14
C THR G 114 -4.72 -18.82 -68.31
N CYS G 115 -5.98 -19.06 -68.00
CA CYS G 115 -6.59 -20.38 -68.14
C CYS G 115 -8.03 -20.33 -68.71
N ASP G 116 -8.53 -21.48 -69.16
CA ASP G 116 -9.84 -21.55 -69.85
C ASP G 116 -11.02 -21.27 -68.93
N THR G 117 -11.03 -21.86 -67.74
CA THR G 117 -11.97 -21.51 -66.68
C THR G 117 -11.20 -21.65 -65.38
N LEU G 118 -11.18 -22.87 -64.84
CA LEU G 118 -10.20 -23.30 -63.86
C LEU G 118 -9.68 -24.63 -64.39
N GLY G 119 -9.24 -24.60 -65.64
CA GLY G 119 -8.80 -25.79 -66.38
C GLY G 119 -8.44 -25.48 -67.82
N MET G 120 -8.04 -26.52 -68.56
CA MET G 120 -7.66 -26.39 -69.98
C MET G 120 -7.78 -27.73 -70.71
N ALA G 121 -7.87 -27.65 -72.04
CA ALA G 121 -7.98 -28.81 -72.92
C ALA G 121 -7.79 -28.38 -74.36
N ASP G 122 -7.59 -29.35 -75.26
CA ASP G 122 -7.67 -29.06 -76.70
C ASP G 122 -9.09 -29.32 -77.20
N VAL G 123 -9.40 -28.79 -78.38
CA VAL G 123 -10.74 -28.93 -78.91
C VAL G 123 -10.89 -30.15 -79.82
N GLY G 124 -11.92 -30.94 -79.56
CA GLY G 124 -12.27 -32.12 -80.37
C GLY G 124 -11.18 -33.16 -80.57
N THR G 125 -10.79 -33.84 -79.49
CA THR G 125 -9.64 -34.75 -79.54
C THR G 125 -9.88 -36.13 -78.91
N VAL G 126 -11.12 -36.44 -78.58
CA VAL G 126 -11.44 -37.59 -77.72
C VAL G 126 -10.77 -38.92 -78.09
N CYS G 127 -10.50 -39.19 -79.37
CA CYS G 127 -9.83 -40.44 -79.72
C CYS G 127 -8.45 -40.28 -80.35
N ASP G 128 -7.78 -39.20 -80.03
CA ASP G 128 -6.36 -39.06 -80.33
C ASP G 128 -5.64 -39.25 -79.01
N PRO G 129 -5.18 -40.48 -78.72
CA PRO G 129 -4.56 -40.76 -77.42
C PRO G 129 -3.38 -39.81 -77.14
N ALA G 130 -2.79 -39.28 -78.20
CA ALA G 130 -1.72 -38.29 -78.10
C ALA G 130 -2.22 -36.90 -77.71
N ARG G 131 -3.51 -36.63 -77.88
CA ARG G 131 -4.08 -35.31 -77.54
C ARG G 131 -5.40 -35.27 -76.73
N SER G 132 -5.88 -36.42 -76.28
CA SER G 132 -7.10 -36.53 -75.45
C SER G 132 -6.77 -36.35 -73.95
N CYS G 133 -6.71 -35.08 -73.53
CA CYS G 133 -6.12 -34.66 -72.25
C CYS G 133 -6.89 -33.49 -71.68
N ALA G 134 -6.98 -33.42 -70.35
CA ALA G 134 -7.56 -32.26 -69.69
C ALA G 134 -6.93 -32.01 -68.31
N ILE G 135 -7.04 -30.76 -67.86
CA ILE G 135 -6.39 -30.23 -66.68
C ILE G 135 -7.49 -29.59 -65.85
N VAL G 136 -7.43 -29.74 -64.53
CA VAL G 136 -8.44 -29.17 -63.65
C VAL G 136 -7.72 -28.65 -62.44
N GLU G 137 -8.03 -27.43 -62.03
CA GLU G 137 -7.50 -26.88 -60.80
C GLU G 137 -8.60 -27.06 -59.78
N ASP G 138 -8.38 -27.97 -58.83
CA ASP G 138 -9.40 -28.29 -57.85
C ASP G 138 -9.61 -27.15 -56.89
N ASP G 139 -10.85 -26.71 -56.75
CA ASP G 139 -11.21 -25.66 -55.80
C ASP G 139 -12.45 -26.08 -55.01
N GLY G 140 -12.65 -27.39 -54.88
CA GLY G 140 -13.82 -27.93 -54.19
C GLY G 140 -14.71 -28.71 -55.14
N LEU G 141 -15.92 -29.05 -54.69
CA LEU G 141 -16.82 -29.88 -55.46
C LEU G 141 -17.26 -29.28 -56.80
N GLN G 142 -17.11 -27.97 -56.94
CA GLN G 142 -17.40 -27.34 -58.22
C GLN G 142 -16.34 -27.67 -59.27
N SER G 143 -15.34 -28.46 -58.90
CA SER G 143 -14.35 -28.88 -59.87
C SER G 143 -14.94 -29.86 -60.87
N ALA G 144 -16.12 -30.39 -60.54
CA ALA G 144 -16.80 -31.38 -61.37
C ALA G 144 -17.42 -30.72 -62.58
N PHE G 145 -17.74 -29.43 -62.46
CA PHE G 145 -18.19 -28.70 -63.61
C PHE G 145 -17.03 -28.13 -64.42
N THR G 146 -15.98 -27.66 -63.77
CA THR G 146 -14.81 -27.23 -64.51
C THR G 146 -14.24 -28.39 -65.28
N ALA G 147 -14.47 -29.62 -64.80
CA ALA G 147 -14.01 -30.81 -65.51
C ALA G 147 -14.95 -31.14 -66.67
N ALA G 148 -16.24 -31.24 -66.38
CA ALA G 148 -17.25 -31.51 -67.38
C ALA G 148 -17.14 -30.48 -68.52
N HIS G 149 -16.93 -29.22 -68.17
CA HIS G 149 -16.66 -28.15 -69.15
C HIS G 149 -15.49 -28.57 -70.04
N GLN G 150 -14.36 -28.97 -69.45
CA GLN G 150 -13.18 -29.42 -70.21
C GLN G 150 -13.48 -30.62 -71.09
N LEU G 151 -14.22 -31.57 -70.53
CA LEU G 151 -14.67 -32.74 -71.26
C LEU G 151 -15.61 -32.39 -72.43
N GLY G 152 -16.26 -31.24 -72.33
CA GLY G 152 -17.08 -30.72 -73.43
C GLY G 152 -16.20 -30.31 -74.59
N HIS G 153 -15.17 -29.53 -74.28
CA HIS G 153 -14.16 -29.16 -75.25
C HIS G 153 -13.58 -30.40 -75.90
N VAL G 154 -13.21 -31.39 -75.09
CA VAL G 154 -12.60 -32.59 -75.64
C VAL G 154 -13.54 -33.23 -76.68
N PHE G 155 -14.85 -33.16 -76.43
CA PHE G 155 -15.86 -33.64 -77.36
C PHE G 155 -16.27 -32.59 -78.40
N ASN G 156 -15.33 -31.69 -78.71
CA ASN G 156 -15.46 -30.72 -79.81
C ASN G 156 -16.38 -29.52 -79.55
N MET G 157 -16.73 -29.27 -78.30
CA MET G 157 -17.61 -28.17 -77.98
C MET G 157 -16.92 -26.81 -78.00
N LEU G 158 -17.71 -25.75 -78.00
CA LEU G 158 -17.20 -24.40 -77.94
C LEU G 158 -17.94 -23.64 -76.86
N HIS G 159 -17.45 -22.45 -76.50
CA HIS G 159 -18.12 -21.65 -75.48
C HIS G 159 -19.41 -21.07 -76.03
N ASP G 160 -20.44 -21.08 -75.19
CA ASP G 160 -21.76 -20.56 -75.57
C ASP G 160 -21.81 -19.11 -76.03
N ASN G 161 -20.77 -18.32 -75.74
CA ASN G 161 -20.72 -16.92 -76.18
C ASN G 161 -20.07 -16.73 -77.57
N SER G 162 -19.76 -17.84 -78.24
CA SER G 162 -19.17 -17.79 -79.59
C SER G 162 -20.23 -17.48 -80.64
N LYS G 163 -19.78 -16.90 -81.75
CA LYS G 163 -20.69 -16.52 -82.85
C LYS G 163 -21.53 -17.68 -83.38
N PRO G 164 -20.91 -18.85 -83.65
CA PRO G 164 -21.72 -20.00 -84.07
C PRO G 164 -22.72 -20.50 -83.02
N CYS G 165 -22.55 -20.10 -81.76
CA CYS G 165 -23.44 -20.59 -80.70
C CYS G 165 -24.54 -19.62 -80.28
N ILE G 166 -24.35 -18.33 -80.50
CA ILE G 166 -25.46 -17.40 -80.33
C ILE G 166 -26.54 -17.85 -81.32
N SER G 167 -26.07 -18.22 -82.52
CA SER G 167 -26.92 -18.70 -83.64
C SER G 167 -27.82 -19.90 -83.32
N LEU G 168 -27.33 -20.82 -82.49
CA LEU G 168 -28.03 -22.06 -82.23
C LEU G 168 -28.85 -22.06 -80.95
N ASN G 169 -28.31 -21.44 -79.90
CA ASN G 169 -28.87 -21.56 -78.55
C ASN G 169 -30.25 -20.92 -78.34
N GLY G 170 -30.70 -20.16 -79.32
CA GLY G 170 -31.99 -19.50 -79.23
C GLY G 170 -31.84 -18.04 -78.83
N PRO G 171 -32.90 -17.24 -79.05
CA PRO G 171 -32.86 -15.80 -78.76
C PRO G 171 -32.69 -15.50 -77.28
N LEU G 172 -33.41 -16.23 -76.44
CA LEU G 172 -33.49 -15.94 -75.01
C LEU G 172 -32.58 -16.85 -74.18
N SER G 173 -31.53 -17.36 -74.81
CA SER G 173 -30.56 -18.21 -74.13
C SER G 173 -30.01 -17.50 -72.90
N THR G 174 -30.01 -18.21 -71.77
CA THR G 174 -29.32 -17.73 -70.58
C THR G 174 -28.24 -18.75 -70.25
N SER G 175 -27.03 -18.24 -70.02
CA SER G 175 -25.84 -19.06 -69.82
C SER G 175 -25.85 -19.85 -68.50
N ARG G 176 -26.94 -20.59 -68.29
CA ARG G 176 -27.05 -21.54 -67.20
C ARG G 176 -26.51 -22.89 -67.65
N HIS G 177 -25.58 -22.88 -68.61
CA HIS G 177 -25.10 -24.10 -69.28
C HIS G 177 -23.62 -24.40 -69.02
N VAL G 178 -23.26 -25.68 -69.17
CA VAL G 178 -21.90 -26.19 -68.89
C VAL G 178 -20.79 -25.47 -69.64
N MET G 179 -21.08 -25.01 -70.85
CA MET G 179 -20.07 -24.38 -71.68
C MET G 179 -20.10 -22.84 -71.66
N ALA G 180 -20.80 -22.25 -70.70
CA ALA G 180 -20.73 -20.80 -70.49
C ALA G 180 -19.28 -20.42 -70.21
N PRO G 181 -18.76 -19.39 -70.92
CA PRO G 181 -17.33 -19.04 -70.82
C PRO G 181 -16.87 -18.74 -69.40
N VAL G 182 -17.75 -18.17 -68.58
CA VAL G 182 -17.49 -17.97 -67.15
C VAL G 182 -18.33 -18.96 -66.34
N MET G 183 -17.83 -19.35 -65.16
CA MET G 183 -18.54 -20.28 -64.25
C MET G 183 -19.99 -19.85 -64.02
N ALA G 184 -20.91 -20.66 -64.52
CA ALA G 184 -22.34 -20.33 -64.50
C ALA G 184 -23.03 -20.92 -63.27
N HIS G 185 -24.33 -20.64 -63.13
CA HIS G 185 -25.14 -21.40 -62.20
C HIS G 185 -25.92 -22.46 -62.98
N VAL G 186 -25.22 -23.53 -63.32
CA VAL G 186 -25.68 -24.56 -64.24
C VAL G 186 -27.08 -25.12 -63.91
N ASP G 187 -28.02 -24.83 -64.81
CA ASP G 187 -29.37 -25.40 -64.83
C ASP G 187 -29.27 -26.93 -64.86
N PRO G 188 -29.76 -27.60 -63.81
CA PRO G 188 -29.58 -29.06 -63.72
C PRO G 188 -30.68 -29.87 -64.43
N GLU G 189 -31.51 -29.19 -65.20
CA GLU G 189 -32.49 -29.85 -66.08
C GLU G 189 -32.14 -29.59 -67.54
N GLU G 190 -31.24 -28.65 -67.77
CA GLU G 190 -30.71 -28.35 -69.09
C GLU G 190 -29.25 -27.91 -68.93
N PRO G 191 -28.35 -28.84 -68.54
CA PRO G 191 -26.94 -28.48 -68.38
C PRO G 191 -26.25 -28.10 -69.69
N TRP G 192 -26.60 -28.80 -70.77
CA TRP G 192 -26.03 -28.58 -72.09
C TRP G 192 -26.90 -27.68 -72.94
N SER G 193 -26.29 -26.81 -73.73
CA SER G 193 -27.06 -25.92 -74.60
C SER G 193 -27.40 -26.62 -75.92
N PRO G 194 -28.39 -26.10 -76.66
CA PRO G 194 -28.61 -26.51 -78.03
C PRO G 194 -27.34 -26.67 -78.90
N CYS G 195 -26.38 -25.72 -78.82
CA CYS G 195 -25.18 -25.82 -79.68
C CYS G 195 -24.10 -26.75 -79.13
N SER G 196 -24.23 -27.15 -77.87
CA SER G 196 -23.37 -28.18 -77.32
C SER G 196 -23.83 -29.54 -77.84
N ALA G 197 -25.11 -29.85 -77.69
CA ALA G 197 -25.68 -31.10 -78.16
C ALA G 197 -25.49 -31.27 -79.68
N ARG G 198 -25.43 -30.15 -80.39
CA ARG G 198 -25.18 -30.15 -81.82
C ARG G 198 -23.73 -30.51 -82.10
N PHE G 199 -22.80 -29.71 -81.57
CA PHE G 199 -21.38 -29.89 -81.87
C PHE G 199 -20.85 -31.29 -81.61
N ILE G 200 -21.28 -31.89 -80.49
CA ILE G 200 -20.88 -33.25 -80.15
C ILE G 200 -21.51 -34.27 -81.12
N THR G 201 -22.71 -33.97 -81.59
CA THR G 201 -23.42 -34.84 -82.53
C THR G 201 -22.68 -34.92 -83.88
N ASP G 202 -22.31 -33.77 -84.43
CA ASP G 202 -21.47 -33.72 -85.63
C ASP G 202 -20.16 -34.49 -85.45
N PHE G 203 -19.53 -34.30 -84.30
CA PHE G 203 -18.29 -34.97 -83.94
C PHE G 203 -18.38 -36.50 -84.02
N LEU G 204 -19.43 -37.07 -83.43
CA LEU G 204 -19.64 -38.51 -83.47
C LEU G 204 -20.18 -38.99 -84.84
N ASP G 205 -21.10 -38.24 -85.42
CA ASP G 205 -21.63 -38.58 -86.75
C ASP G 205 -20.53 -38.60 -87.80
N ASN G 206 -19.52 -37.75 -87.64
CA ASN G 206 -18.39 -37.71 -88.56
C ASN G 206 -17.33 -38.77 -88.27
N GLY G 207 -17.62 -39.65 -87.31
CA GLY G 207 -16.76 -40.80 -87.03
C GLY G 207 -15.67 -40.60 -85.99
N TYR G 208 -15.65 -39.43 -85.33
CA TYR G 208 -14.53 -39.03 -84.48
C TYR G 208 -14.55 -39.65 -83.08
N GLY G 209 -15.57 -40.43 -82.80
CA GLY G 209 -15.68 -41.10 -81.51
C GLY G 209 -15.80 -42.60 -81.61
N HIS G 210 -15.01 -43.21 -82.51
CA HIS G 210 -15.04 -44.66 -82.65
C HIS G 210 -14.56 -45.37 -81.39
N CYS G 211 -13.47 -44.85 -80.83
CA CYS G 211 -12.82 -45.43 -79.64
C CYS G 211 -13.73 -45.50 -78.41
N LEU G 212 -14.88 -44.84 -78.48
CA LEU G 212 -15.83 -44.82 -77.39
C LEU G 212 -16.84 -45.96 -77.43
N LEU G 213 -16.66 -46.96 -78.29
CA LEU G 213 -17.71 -47.95 -78.49
C LEU G 213 -17.52 -49.27 -77.77
N ASP G 214 -16.29 -49.55 -77.36
CA ASP G 214 -16.05 -50.73 -76.53
C ASP G 214 -16.39 -50.42 -75.07
N LYS G 215 -17.09 -51.36 -74.45
CA LYS G 215 -17.38 -51.29 -73.02
C LYS G 215 -16.08 -51.43 -72.23
N PRO G 216 -16.04 -50.88 -71.01
CA PRO G 216 -14.86 -51.15 -70.19
C PRO G 216 -14.97 -52.46 -69.40
N GLU G 217 -13.83 -53.15 -69.27
CA GLU G 217 -13.76 -54.43 -68.59
C GLU G 217 -14.17 -54.33 -67.10
N ALA G 218 -13.59 -53.38 -66.37
CA ALA G 218 -13.77 -53.29 -64.93
C ALA G 218 -13.61 -51.85 -64.42
N PRO G 219 -14.73 -51.10 -64.41
CA PRO G 219 -14.69 -49.69 -64.10
C PRO G 219 -14.93 -49.41 -62.61
N LEU G 220 -14.26 -48.41 -62.05
CA LEU G 220 -14.41 -48.07 -60.64
C LEU G 220 -15.82 -47.58 -60.34
N HIS G 221 -16.43 -48.12 -59.30
CA HIS G 221 -17.80 -47.78 -58.92
C HIS G 221 -17.87 -46.30 -58.50
N LEU G 222 -18.79 -45.57 -59.13
CA LEU G 222 -19.00 -44.17 -58.82
C LEU G 222 -20.13 -44.10 -57.82
N PRO G 223 -20.03 -43.18 -56.83
CA PRO G 223 -21.10 -43.10 -55.81
C PRO G 223 -22.46 -42.74 -56.41
N VAL G 224 -23.48 -43.50 -56.10
CA VAL G 224 -24.83 -43.15 -56.55
C VAL G 224 -25.51 -42.14 -55.63
N THR G 225 -24.99 -42.02 -54.41
CA THR G 225 -25.46 -41.02 -53.44
C THR G 225 -25.08 -39.60 -53.85
N PHE G 226 -25.72 -38.64 -53.21
CA PHE G 226 -25.52 -37.21 -53.51
C PHE G 226 -24.19 -36.67 -52.96
N PRO G 227 -23.65 -35.59 -53.56
CA PRO G 227 -22.44 -34.99 -52.99
C PRO G 227 -22.76 -34.14 -51.76
N GLY G 228 -24.03 -33.78 -51.60
CA GLY G 228 -24.48 -33.08 -50.41
C GLY G 228 -24.53 -34.01 -49.23
N LYS G 229 -24.72 -35.30 -49.49
CA LYS G 229 -24.76 -36.31 -48.43
C LYS G 229 -23.39 -36.87 -48.07
N ASP G 230 -22.51 -36.96 -49.08
CA ASP G 230 -21.13 -37.40 -48.86
C ASP G 230 -20.39 -36.38 -47.99
N TYR G 231 -20.72 -35.11 -48.20
CA TYR G 231 -19.99 -33.99 -47.63
C TYR G 231 -20.99 -32.93 -47.20
N ASP G 232 -21.06 -32.63 -45.90
CA ASP G 232 -21.91 -31.53 -45.44
C ASP G 232 -21.34 -30.17 -45.78
N ALA G 233 -22.16 -29.13 -45.59
CA ALA G 233 -21.76 -27.75 -45.88
C ALA G 233 -20.41 -27.35 -45.28
N ASP G 234 -20.12 -27.86 -44.08
CA ASP G 234 -18.84 -27.61 -43.40
C ASP G 234 -17.68 -28.16 -44.22
N ARG G 235 -17.73 -29.47 -44.50
CA ARG G 235 -16.72 -30.15 -45.29
C ARG G 235 -16.53 -29.46 -46.64
N GLN G 236 -17.65 -29.07 -47.26
CA GLN G 236 -17.64 -28.39 -48.54
C GLN G 236 -16.80 -27.12 -48.47
N CYS G 237 -17.03 -26.34 -47.42
CA CYS G 237 -16.26 -25.13 -47.16
C CYS G 237 -14.77 -25.39 -46.98
N GLN G 238 -14.45 -26.47 -46.27
CA GLN G 238 -13.07 -26.91 -46.09
C GLN G 238 -12.43 -27.32 -47.40
N LEU G 239 -13.22 -27.96 -48.26
CA LEU G 239 -12.75 -28.45 -49.55
C LEU G 239 -12.44 -27.31 -50.52
N THR G 240 -13.12 -26.19 -50.33
CA THR G 240 -12.96 -25.02 -51.19
C THR G 240 -11.91 -24.06 -50.64
N PHE G 241 -11.95 -23.78 -49.34
CA PHE G 241 -11.12 -22.71 -48.75
C PHE G 241 -10.01 -23.15 -47.78
N GLY G 242 -9.75 -24.45 -47.72
CA GLY G 242 -8.76 -24.96 -46.78
C GLY G 242 -9.39 -25.52 -45.51
N PRO G 243 -8.59 -26.25 -44.71
CA PRO G 243 -9.12 -27.10 -43.62
C PRO G 243 -9.69 -26.34 -42.42
N ASP G 244 -9.25 -25.11 -42.18
CA ASP G 244 -9.73 -24.38 -41.01
C ASP G 244 -11.06 -23.70 -41.25
N SER G 245 -11.43 -23.57 -42.52
CA SER G 245 -12.67 -22.89 -42.89
C SER G 245 -13.91 -23.67 -42.50
N ARG G 246 -14.91 -22.97 -41.98
CA ARG G 246 -16.21 -23.56 -41.65
C ARG G 246 -17.33 -22.89 -42.43
N HIS G 247 -18.54 -23.43 -42.33
CA HIS G 247 -19.68 -22.94 -43.09
C HIS G 247 -20.36 -21.75 -42.42
N CYS G 248 -20.47 -20.64 -43.14
CA CYS G 248 -21.29 -19.51 -42.70
C CYS G 248 -22.75 -19.83 -43.01
N PRO G 249 -23.46 -20.44 -42.05
CA PRO G 249 -24.78 -21.01 -42.33
C PRO G 249 -25.91 -20.03 -42.03
N GLN G 250 -25.55 -18.75 -41.83
CA GLN G 250 -26.52 -17.70 -41.56
C GLN G 250 -27.35 -17.39 -42.79
N LEU G 251 -26.70 -17.43 -43.96
CA LEU G 251 -27.15 -16.70 -45.13
C LEU G 251 -28.29 -17.29 -45.98
N PRO G 252 -29.45 -16.61 -45.99
CA PRO G 252 -30.49 -16.84 -47.00
C PRO G 252 -30.08 -16.14 -48.31
N PRO G 253 -30.58 -16.63 -49.46
CA PRO G 253 -31.32 -17.88 -49.62
C PRO G 253 -30.38 -19.08 -49.60
N PRO G 254 -30.81 -20.21 -49.00
CA PRO G 254 -29.98 -21.41 -48.99
C PRO G 254 -29.59 -21.86 -50.41
N CYS G 255 -28.50 -22.64 -50.48
CA CYS G 255 -28.07 -23.30 -51.71
C CYS G 255 -27.51 -22.37 -52.81
N ALA G 256 -27.97 -21.13 -52.85
CA ALA G 256 -27.58 -20.18 -53.93
C ALA G 256 -26.08 -19.91 -54.01
N ALA G 257 -25.46 -19.69 -52.86
CA ALA G 257 -24.01 -19.49 -52.77
C ALA G 257 -23.47 -20.05 -51.46
N LEU G 258 -22.34 -20.76 -51.54
CA LEU G 258 -21.70 -21.32 -50.35
C LEU G 258 -20.80 -20.29 -49.68
N TRP G 259 -21.16 -19.90 -48.47
CA TRP G 259 -20.35 -18.98 -47.68
C TRP G 259 -19.52 -19.71 -46.63
N CYS G 260 -18.25 -19.36 -46.58
CA CYS G 260 -17.27 -20.06 -45.77
C CYS G 260 -16.45 -19.10 -44.92
N SER G 261 -16.23 -19.48 -43.66
CA SER G 261 -15.52 -18.62 -42.71
C SER G 261 -14.04 -18.49 -43.05
N GLY G 262 -13.44 -17.43 -42.54
CA GLY G 262 -12.04 -17.12 -42.82
C GLY G 262 -11.65 -15.87 -42.05
N HIS G 263 -10.47 -15.35 -42.35
CA HIS G 263 -9.97 -14.17 -41.64
C HIS G 263 -9.49 -13.07 -42.59
N GLY G 266 -6.89 -7.93 -39.99
CA GLY G 266 -7.12 -9.38 -39.84
C GLY G 266 -8.14 -9.69 -38.75
N HIS G 267 -9.30 -10.19 -39.17
CA HIS G 267 -10.40 -10.57 -38.27
C HIS G 267 -11.32 -11.57 -38.98
N ALA G 268 -12.35 -12.05 -38.28
CA ALA G 268 -13.27 -13.05 -38.83
C ALA G 268 -14.13 -12.52 -39.98
N MET G 269 -14.28 -13.35 -41.02
CA MET G 269 -14.99 -12.97 -42.25
C MET G 269 -15.90 -14.11 -42.72
N CYS G 270 -16.66 -13.85 -43.79
CA CYS G 270 -17.24 -14.90 -44.62
C CYS G 270 -16.81 -14.71 -46.09
N GLN G 271 -16.61 -15.82 -46.79
CA GLN G 271 -16.15 -15.83 -48.18
C GLN G 271 -17.15 -16.56 -49.05
N THR G 272 -17.11 -16.27 -50.35
CA THR G 272 -17.76 -17.14 -51.32
C THR G 272 -17.13 -17.00 -52.70
N LYS G 273 -16.96 -18.13 -53.38
CA LYS G 273 -16.60 -18.14 -54.79
C LYS G 273 -17.85 -17.88 -55.62
N HIS G 274 -18.99 -17.76 -54.92
CA HIS G 274 -20.31 -17.54 -55.52
C HIS G 274 -20.90 -18.76 -56.22
N SER G 275 -20.26 -19.90 -56.05
CA SER G 275 -20.82 -21.16 -56.55
C SER G 275 -21.76 -21.75 -55.49
N PRO G 276 -22.78 -22.50 -55.93
CA PRO G 276 -23.82 -22.97 -55.00
C PRO G 276 -23.28 -23.99 -54.02
N TRP G 277 -24.09 -24.34 -53.02
CA TRP G 277 -23.83 -25.49 -52.17
C TRP G 277 -23.85 -26.69 -53.09
N ALA G 278 -23.24 -27.80 -52.69
CA ALA G 278 -23.31 -29.01 -53.49
C ALA G 278 -24.76 -29.45 -53.56
N ASP G 279 -25.17 -29.95 -54.72
CA ASP G 279 -26.53 -30.47 -54.87
C ASP G 279 -26.71 -31.63 -53.89
N GLY G 280 -27.84 -31.65 -53.20
CA GLY G 280 -28.12 -32.72 -52.22
C GLY G 280 -27.86 -32.37 -50.76
N THR G 281 -27.35 -31.16 -50.51
CA THR G 281 -27.03 -30.71 -49.15
C THR G 281 -28.29 -30.31 -48.37
N PRO G 282 -28.45 -30.82 -47.13
CA PRO G 282 -29.61 -30.46 -46.30
C PRO G 282 -29.75 -28.94 -46.12
N CYS G 283 -30.96 -28.43 -46.32
CA CYS G 283 -31.22 -27.00 -46.20
C CYS G 283 -32.49 -26.64 -45.42
N GLY G 284 -33.19 -27.66 -44.91
CA GLY G 284 -34.40 -27.44 -44.12
C GLY G 284 -34.70 -28.54 -43.11
N PRO G 285 -35.88 -28.47 -42.46
CA PRO G 285 -36.36 -29.56 -41.59
C PRO G 285 -36.50 -30.88 -42.35
N ALA G 286 -36.71 -30.81 -43.67
CA ALA G 286 -36.80 -31.99 -44.54
C ALA G 286 -36.69 -31.60 -46.03
N GLN G 287 -35.69 -30.79 -46.35
CA GLN G 287 -35.45 -30.38 -47.75
C GLN G 287 -34.01 -30.64 -48.19
N ALA G 288 -33.75 -30.42 -49.47
CA ALA G 288 -32.41 -30.60 -50.04
C ALA G 288 -32.14 -29.60 -51.16
N CYS G 289 -30.85 -29.33 -51.40
CA CYS G 289 -30.44 -28.39 -52.44
C CYS G 289 -30.35 -29.07 -53.80
N MET G 290 -31.01 -28.47 -54.78
CA MET G 290 -30.89 -28.93 -56.16
C MET G 290 -30.75 -27.74 -57.11
N GLY G 291 -29.63 -27.73 -57.83
CA GLY G 291 -29.29 -26.65 -58.77
C GLY G 291 -29.13 -25.30 -58.11
N GLY G 292 -28.70 -25.29 -56.85
CA GLY G 292 -28.62 -24.07 -56.05
C GLY G 292 -29.98 -23.55 -55.63
N ARG G 293 -30.90 -24.47 -55.32
CA ARG G 293 -32.25 -24.13 -54.87
C ARG G 293 -32.80 -25.18 -53.92
N CYS G 294 -33.29 -24.72 -52.76
CA CYS G 294 -33.86 -25.59 -51.74
C CYS G 294 -35.28 -26.01 -52.15
N LEU G 295 -35.52 -27.32 -52.21
CA LEU G 295 -36.80 -27.86 -52.67
C LEU G 295 -37.48 -28.74 -51.62
N SER H 5 46.27 -55.68 36.15
CA SER H 5 45.49 -55.46 34.90
C SER H 5 43.99 -55.68 35.10
N ARG H 6 43.19 -54.72 34.65
CA ARG H 6 41.76 -54.71 34.91
C ARG H 6 40.94 -55.52 33.90
N PHE H 7 39.95 -56.25 34.40
CA PHE H 7 38.96 -56.92 33.57
C PHE H 7 37.58 -56.62 34.15
N VAL H 8 36.60 -56.33 33.31
CA VAL H 8 35.23 -56.13 33.77
C VAL H 8 34.30 -57.23 33.25
N GLU H 9 33.98 -58.18 34.12
CA GLU H 9 33.10 -59.30 33.76
C GLU H 9 31.63 -58.86 33.58
N THR H 10 31.16 -58.81 32.35
CA THR H 10 29.88 -58.16 32.04
C THR H 10 28.73 -59.09 31.67
N LEU H 11 27.63 -58.98 32.40
CA LEU H 11 26.36 -59.55 31.97
C LEU H 11 25.66 -58.57 31.03
N VAL H 12 25.34 -59.07 29.84
CA VAL H 12 24.73 -58.29 28.77
C VAL H 12 23.37 -58.89 28.45
N VAL H 13 22.31 -58.08 28.59
CA VAL H 13 20.93 -58.54 28.39
C VAL H 13 20.20 -57.74 27.30
N ALA H 14 19.27 -58.42 26.62
CA ALA H 14 18.42 -57.80 25.59
C ALA H 14 16.95 -57.99 25.92
N ASP H 15 16.16 -56.93 25.78
CA ASP H 15 14.71 -57.00 26.05
C ASP H 15 14.00 -57.76 24.93
N ASP H 16 12.73 -58.12 25.13
CA ASP H 16 12.03 -58.92 24.12
C ASP H 16 11.86 -58.19 22.78
N LYS H 17 11.71 -56.87 22.85
CA LYS H 17 11.60 -56.04 21.65
C LYS H 17 12.90 -56.08 20.85
N MET H 18 14.01 -55.92 21.57
CA MET H 18 15.35 -56.08 21.03
C MET H 18 15.48 -57.39 20.24
N ALA H 19 14.86 -58.46 20.76
CA ALA H 19 14.85 -59.75 20.08
C ALA H 19 14.15 -59.65 18.72
N ALA H 20 12.86 -59.27 18.76
CA ALA H 20 12.04 -59.09 17.57
C ALA H 20 12.75 -58.30 16.46
N PHE H 21 13.40 -57.20 16.84
CA PHE H 21 14.02 -56.30 15.87
C PHE H 21 15.29 -56.85 15.22
N HIS H 22 16.04 -57.66 15.97
CA HIS H 22 17.33 -58.13 15.47
C HIS H 22 17.32 -59.59 15.02
N GLY H 23 16.35 -60.36 15.50
CA GLY H 23 16.25 -61.78 15.15
C GLY H 23 17.50 -62.56 15.52
N ALA H 24 17.99 -63.37 14.59
CA ALA H 24 19.16 -64.21 14.83
C ALA H 24 20.45 -63.39 14.94
N GLY H 25 20.53 -62.31 14.16
CA GLY H 25 21.73 -61.46 14.12
C GLY H 25 21.99 -60.62 15.37
N LEU H 26 21.24 -60.90 16.43
CA LEU H 26 21.29 -60.15 17.68
C LEU H 26 22.61 -60.34 18.42
N LYS H 27 22.97 -61.59 18.71
CA LYS H 27 24.25 -61.91 19.34
C LYS H 27 25.41 -61.24 18.61
N ARG H 28 25.47 -61.36 17.28
CA ARG H 28 26.54 -60.73 16.50
C ARG H 28 26.51 -59.21 16.61
N TYR H 29 25.30 -58.64 16.65
CA TYR H 29 25.14 -57.20 16.82
C TYR H 29 25.55 -56.77 18.22
N LEU H 30 25.02 -57.47 19.23
CA LEU H 30 25.34 -57.22 20.62
C LEU H 30 26.85 -57.23 20.88
N LEU H 31 27.54 -58.17 20.25
CA LEU H 31 29.01 -58.24 20.37
C LEU H 31 29.71 -57.10 19.64
N THR H 32 29.21 -56.74 18.45
CA THR H 32 29.77 -55.65 17.65
C THR H 32 29.72 -54.32 18.40
N VAL H 33 28.58 -54.05 19.03
CA VAL H 33 28.42 -52.92 19.92
C VAL H 33 29.41 -52.98 21.09
N MET H 34 29.50 -54.14 21.75
CA MET H 34 30.38 -54.29 22.91
C MET H 34 31.86 -54.18 22.59
N ALA H 35 32.26 -54.66 21.41
CA ALA H 35 33.63 -54.58 20.98
C ALA H 35 34.07 -53.13 20.82
N ALA H 36 33.13 -52.28 20.40
CA ALA H 36 33.41 -50.86 20.22
C ALA H 36 33.57 -50.13 21.56
N ALA H 37 32.77 -50.52 22.53
CA ALA H 37 32.91 -49.99 23.89
C ALA H 37 34.25 -50.44 24.47
N ALA H 38 34.45 -51.76 24.50
CA ALA H 38 35.68 -52.39 24.95
C ALA H 38 36.94 -51.71 24.39
N LYS H 39 36.87 -51.32 23.11
CA LYS H 39 37.98 -50.68 22.43
C LYS H 39 38.29 -49.31 23.04
N ALA H 40 37.25 -48.59 23.44
CA ALA H 40 37.42 -47.28 24.05
C ALA H 40 38.13 -47.38 25.38
N PHE H 41 37.70 -48.33 26.21
CA PHE H 41 38.26 -48.53 27.54
C PHE H 41 39.68 -49.09 27.54
N LYS H 42 40.17 -49.50 26.37
CA LYS H 42 41.55 -49.99 26.22
C LYS H 42 42.49 -48.91 25.69
N HIS H 43 42.00 -47.68 25.58
CA HIS H 43 42.73 -46.59 24.93
C HIS H 43 43.51 -45.73 25.93
N PRO H 44 44.83 -45.55 25.69
CA PRO H 44 45.73 -44.70 26.46
C PRO H 44 45.05 -43.48 27.07
N SER H 45 44.15 -42.87 26.31
CA SER H 45 43.33 -41.75 26.74
C SER H 45 42.82 -41.89 28.16
N ILE H 46 42.31 -43.08 28.50
CA ILE H 46 41.65 -43.33 29.78
C ILE H 46 42.65 -43.43 30.93
N ARG H 47 43.93 -43.53 30.58
CA ARG H 47 45.05 -43.51 31.54
C ARG H 47 45.20 -44.79 32.36
N ASN H 48 44.09 -45.45 32.65
CA ASN H 48 44.07 -46.76 33.29
C ASN H 48 43.25 -47.78 32.48
N PRO H 49 43.91 -48.47 31.53
CA PRO H 49 43.24 -49.41 30.61
C PRO H 49 42.37 -50.43 31.33
N VAL H 50 41.18 -50.71 30.79
CA VAL H 50 40.26 -51.68 31.38
C VAL H 50 39.63 -52.54 30.27
N SER H 51 39.69 -53.86 30.44
CA SER H 51 39.12 -54.80 29.47
C SER H 51 37.66 -55.17 29.79
N LEU H 52 36.73 -54.80 28.90
CA LEU H 52 35.36 -55.31 28.99
C LEU H 52 35.32 -56.69 28.40
N VAL H 53 34.81 -57.64 29.18
CA VAL H 53 34.68 -59.02 28.74
C VAL H 53 33.25 -59.44 29.02
N VAL H 54 32.62 -60.15 28.08
CA VAL H 54 31.22 -60.52 28.23
C VAL H 54 31.11 -61.98 28.65
N THR H 55 30.79 -62.21 29.92
CA THR H 55 30.80 -63.56 30.44
C THR H 55 29.45 -64.25 30.32
N ARG H 56 28.42 -63.49 29.94
CA ARG H 56 27.11 -64.06 29.74
C ARG H 56 26.24 -63.11 28.90
N LEU H 57 25.40 -63.69 28.06
CA LEU H 57 24.33 -62.93 27.46
C LEU H 57 23.04 -63.75 27.42
N VAL H 58 21.98 -63.19 27.98
CA VAL H 58 20.66 -63.82 27.93
C VAL H 58 19.69 -62.91 27.20
N ILE H 59 18.70 -63.52 26.55
CA ILE H 59 17.74 -62.81 25.73
C ILE H 59 16.34 -62.98 26.31
N LEU H 60 15.70 -61.86 26.60
CA LEU H 60 14.37 -61.86 27.21
C LEU H 60 13.28 -61.80 26.15
N GLY H 66 10.92 -61.34 32.45
CA GLY H 66 11.73 -60.95 33.62
C GLY H 66 11.46 -59.52 34.06
N PRO H 67 12.42 -58.61 33.78
CA PRO H 67 12.34 -57.23 34.26
C PRO H 67 11.45 -56.33 33.41
N GLN H 68 10.64 -55.51 34.07
CA GLN H 68 9.73 -54.59 33.39
C GLN H 68 10.51 -53.52 32.62
N VAL H 69 10.20 -53.39 31.33
CA VAL H 69 10.83 -52.41 30.47
C VAL H 69 9.89 -51.21 30.30
N GLY H 70 10.25 -50.08 30.92
CA GLY H 70 9.46 -48.86 30.84
C GLY H 70 8.69 -48.55 32.11
N PRO H 71 7.87 -47.47 32.09
CA PRO H 71 7.82 -46.50 30.98
C PRO H 71 8.95 -45.46 31.04
N SER H 72 9.39 -45.14 32.26
CA SER H 72 10.43 -44.13 32.48
C SER H 72 11.83 -44.73 32.38
N ALA H 73 12.79 -43.89 31.99
CA ALA H 73 14.18 -44.31 31.87
C ALA H 73 14.74 -44.72 33.23
N ALA H 74 14.53 -43.86 34.23
CA ALA H 74 15.04 -44.09 35.58
C ALA H 74 14.35 -45.27 36.28
N GLN H 75 13.09 -45.49 35.92
CA GLN H 75 12.28 -46.55 36.55
C GLN H 75 12.53 -47.94 35.97
N THR H 76 13.07 -47.99 34.75
CA THR H 76 13.45 -49.26 34.13
C THR H 76 14.74 -49.78 34.77
N LEU H 77 15.62 -48.86 35.13
CA LEU H 77 16.89 -49.18 35.80
C LEU H 77 16.66 -50.04 37.04
N ARG H 78 15.85 -49.55 37.98
CA ARG H 78 15.56 -50.27 39.23
C ARG H 78 14.88 -51.62 39.01
N SER H 79 14.01 -51.68 38.01
CA SER H 79 13.35 -52.93 37.62
C SER H 79 14.40 -53.98 37.28
N PHE H 80 15.27 -53.61 36.34
CA PHE H 80 16.39 -54.41 35.88
C PHE H 80 17.43 -54.62 36.99
N CYS H 81 17.65 -53.58 37.79
CA CYS H 81 18.66 -53.61 38.84
C CYS H 81 18.30 -54.61 39.94
N ALA H 82 17.05 -54.58 40.36
CA ALA H 82 16.52 -55.54 41.31
C ALA H 82 16.52 -56.95 40.72
N TRP H 83 16.55 -57.02 39.39
CA TRP H 83 16.52 -58.28 38.68
C TRP H 83 17.92 -58.82 38.37
N GLN H 84 18.89 -57.92 38.16
CA GLN H 84 20.30 -58.29 37.91
C GLN H 84 20.79 -59.36 38.88
N ARG H 85 20.47 -59.18 40.16
CA ARG H 85 20.96 -60.04 41.23
C ARG H 85 20.57 -61.50 41.06
N GLY H 86 19.41 -61.74 40.46
CA GLY H 86 18.86 -63.09 40.31
C GLY H 86 19.69 -64.05 39.48
N LEU H 87 20.45 -63.52 38.54
CA LEU H 87 21.30 -64.32 37.66
C LEU H 87 22.79 -64.12 37.97
N ASN H 88 23.07 -63.78 39.23
CA ASN H 88 24.44 -63.58 39.72
C ASN H 88 24.82 -64.69 40.71
N THR H 89 26.04 -64.60 41.26
CA THR H 89 26.51 -65.53 42.26
C THR H 89 27.15 -64.78 43.41
N PRO H 90 27.10 -65.34 44.64
CA PRO H 90 27.70 -64.70 45.82
C PRO H 90 29.22 -64.48 45.71
N GLU H 91 29.93 -65.48 45.19
CA GLU H 91 31.39 -65.43 45.11
C GLU H 91 31.84 -65.06 43.70
N ASP H 92 32.83 -64.18 43.60
CA ASP H 92 33.46 -63.87 42.31
C ASP H 92 34.21 -65.08 41.75
N SER H 93 34.37 -66.10 42.58
CA SER H 93 35.05 -67.35 42.22
C SER H 93 34.30 -68.10 41.13
N ASP H 94 32.97 -68.09 41.23
CA ASP H 94 32.08 -68.81 40.32
C ASP H 94 32.26 -68.34 38.88
N PRO H 95 32.12 -69.26 37.92
CA PRO H 95 32.40 -68.89 36.53
C PRO H 95 31.35 -67.94 35.96
N ASP H 96 30.23 -67.77 36.68
CA ASP H 96 29.05 -67.05 36.19
C ASP H 96 28.75 -65.75 36.95
N HIS H 97 29.54 -65.47 37.96
CA HIS H 97 29.53 -64.16 38.61
C HIS H 97 29.93 -63.10 37.59
N PHE H 98 29.29 -61.93 37.66
CA PHE H 98 29.65 -60.80 36.80
C PHE H 98 29.78 -59.52 37.62
N ASP H 99 30.65 -58.62 37.14
CA ASP H 99 30.94 -57.37 37.82
C ASP H 99 29.93 -56.28 37.46
N THR H 100 29.46 -56.28 36.23
CA THR H 100 28.52 -55.26 35.77
C THR H 100 27.42 -55.84 34.89
N ALA H 101 26.25 -55.21 34.94
CA ALA H 101 25.11 -55.64 34.13
C ALA H 101 24.63 -54.53 33.18
N ILE H 102 24.33 -54.93 31.94
CA ILE H 102 23.83 -54.01 30.94
C ILE H 102 22.58 -54.54 30.24
N LEU H 103 21.59 -53.67 30.08
CA LEU H 103 20.42 -53.99 29.28
C LEU H 103 20.31 -53.07 28.09
N PHE H 104 20.17 -53.68 26.92
CA PHE H 104 19.82 -52.96 25.70
C PHE H 104 18.31 -53.14 25.45
N THR H 105 17.60 -52.03 25.34
CA THR H 105 16.19 -52.06 24.99
C THR H 105 15.92 -51.33 23.68
N ARG H 106 15.02 -51.88 22.88
CA ARG H 106 14.59 -51.21 21.67
C ARG H 106 13.23 -50.53 21.90
N GLN H 107 13.18 -49.73 22.96
CA GLN H 107 11.97 -48.98 23.30
C GLN H 107 12.31 -47.54 23.62
N ASP H 108 11.64 -46.62 22.94
CA ASP H 108 11.86 -45.21 23.16
C ASP H 108 11.46 -44.84 24.58
N LEU H 109 12.45 -44.43 25.36
CA LEU H 109 12.20 -43.85 26.67
C LEU H 109 12.83 -42.46 26.80
N CYS H 110 13.60 -42.07 25.78
CA CYS H 110 14.15 -40.72 25.68
C CYS H 110 13.17 -39.75 25.02
N GLY H 111 12.06 -40.30 24.55
CA GLY H 111 10.91 -39.50 24.14
C GLY H 111 10.13 -39.07 25.36
N VAL H 112 9.55 -40.05 26.06
CA VAL H 112 8.63 -39.76 27.19
C VAL H 112 9.29 -39.20 28.46
N SER H 113 10.45 -39.74 28.81
CA SER H 113 11.18 -39.31 30.02
C SER H 113 12.46 -38.55 29.67
N THR H 114 13.31 -38.32 30.67
CA THR H 114 14.59 -37.66 30.47
C THR H 114 15.70 -38.66 30.71
N CYS H 115 16.52 -38.90 29.69
CA CYS H 115 17.62 -39.87 29.78
C CYS H 115 18.98 -39.17 29.69
N ASP H 116 20.03 -39.86 30.16
CA ASP H 116 21.39 -39.31 30.30
C ASP H 116 21.99 -38.89 28.96
N THR H 117 21.93 -39.80 27.98
CA THR H 117 22.21 -39.48 26.59
C THR H 117 21.17 -40.28 25.81
N LEU H 118 21.29 -41.60 25.85
CA LEU H 118 20.24 -42.51 25.40
C LEU H 118 20.16 -43.72 26.35
N GLY H 119 20.43 -43.47 27.63
CA GLY H 119 20.40 -44.50 28.67
C GLY H 119 20.51 -43.95 30.08
N MET H 120 20.66 -44.84 31.06
CA MET H 120 20.75 -44.44 32.47
C MET H 120 21.84 -45.23 33.20
N ALA H 121 22.53 -44.57 34.12
CA ALA H 121 23.52 -45.22 34.99
C ALA H 121 23.80 -44.44 36.27
N ASP H 122 24.05 -45.19 37.36
CA ASP H 122 24.47 -44.61 38.64
C ASP H 122 25.97 -44.36 38.64
N VAL H 123 26.43 -43.44 39.49
CA VAL H 123 27.82 -43.01 39.47
C VAL H 123 28.66 -43.71 40.54
N GLY H 124 29.73 -44.36 40.10
CA GLY H 124 30.69 -45.03 40.98
C GLY H 124 30.15 -46.25 41.68
N THR H 125 29.86 -47.31 40.91
CA THR H 125 29.16 -48.47 41.45
C THR H 125 29.66 -49.81 40.92
N VAL H 126 30.89 -49.87 40.44
CA VAL H 126 31.36 -51.06 39.69
C VAL H 126 31.28 -52.36 40.47
N CYS H 127 31.72 -52.36 41.72
CA CYS H 127 31.86 -53.60 42.48
C CYS H 127 30.78 -53.83 43.54
N ASP H 128 29.65 -53.17 43.34
CA ASP H 128 28.45 -53.41 44.14
C ASP H 128 27.47 -54.21 43.29
N PRO H 129 27.38 -55.54 43.54
CA PRO H 129 26.59 -56.47 42.74
C PRO H 129 25.10 -56.14 42.67
N ALA H 130 24.68 -55.11 43.40
CA ALA H 130 23.30 -54.63 43.35
C ALA H 130 23.17 -53.31 42.58
N ARG H 131 24.26 -52.55 42.47
CA ARG H 131 24.17 -51.21 41.86
C ARG H 131 25.03 -51.00 40.61
N SER H 132 25.55 -52.08 40.03
CA SER H 132 26.33 -52.00 38.78
C SER H 132 25.47 -52.31 37.55
N CYS H 133 24.34 -51.61 37.44
CA CYS H 133 23.45 -51.75 36.30
C CYS H 133 23.79 -50.69 35.27
N ALA H 134 23.32 -50.89 34.04
CA ALA H 134 23.30 -49.84 33.02
C ALA H 134 22.20 -50.13 32.02
N ILE H 135 21.56 -49.07 31.54
CA ILE H 135 20.49 -49.21 30.57
C ILE H 135 20.86 -48.45 29.31
N VAL H 136 20.66 -49.08 28.17
CA VAL H 136 20.93 -48.44 26.87
C VAL H 136 19.81 -48.70 25.87
N GLU H 137 19.15 -47.62 25.45
CA GLU H 137 18.24 -47.64 24.30
C GLU H 137 19.06 -47.75 23.02
N ASP H 138 18.73 -48.73 22.21
CA ASP H 138 19.46 -48.96 20.97
C ASP H 138 18.90 -48.16 19.78
N ASP H 139 19.71 -47.24 19.27
CA ASP H 139 19.32 -46.49 18.09
C ASP H 139 20.30 -46.74 16.94
N GLY H 140 21.08 -47.81 17.03
CA GLY H 140 21.99 -48.16 15.98
C GLY H 140 23.37 -48.55 16.50
N LEU H 141 24.38 -48.48 15.64
CA LEU H 141 25.74 -48.84 16.01
C LEU H 141 26.38 -47.77 16.88
N GLN H 142 25.71 -46.62 16.96
CA GLN H 142 26.14 -45.52 17.82
C GLN H 142 25.94 -45.86 19.29
N SER H 143 24.99 -46.75 19.55
CA SER H 143 24.61 -47.16 20.91
C SER H 143 25.79 -47.79 21.62
N ALA H 144 26.87 -48.02 20.88
CA ALA H 144 28.13 -48.43 21.47
C ALA H 144 28.62 -47.32 22.38
N PHE H 145 28.67 -46.10 21.88
CA PHE H 145 29.08 -44.93 22.67
C PHE H 145 28.16 -44.66 23.86
N THR H 146 26.85 -44.83 23.65
CA THR H 146 25.88 -44.75 24.74
C THR H 146 26.30 -45.68 25.87
N ALA H 147 26.65 -46.92 25.51
CA ALA H 147 27.09 -47.93 26.46
C ALA H 147 28.33 -47.50 27.22
N ALA H 148 29.38 -47.15 26.47
CA ALA H 148 30.64 -46.68 27.03
C ALA H 148 30.41 -45.55 28.01
N HIS H 149 29.59 -44.59 27.59
CA HIS H 149 29.26 -43.43 28.40
C HIS H 149 28.65 -43.85 29.73
N GLN H 150 27.59 -44.67 29.69
CA GLN H 150 26.96 -45.16 30.91
C GLN H 150 27.98 -45.93 31.77
N LEU H 151 28.76 -46.79 31.14
CA LEU H 151 29.85 -47.52 31.84
C LEU H 151 30.88 -46.56 32.42
N GLY H 152 31.14 -45.48 31.70
CA GLY H 152 31.96 -44.39 32.22
C GLY H 152 31.45 -43.98 33.59
N HIS H 153 30.15 -43.70 33.67
CA HIS H 153 29.50 -43.36 34.94
C HIS H 153 29.73 -44.43 35.99
N VAL H 154 29.62 -45.70 35.58
CA VAL H 154 29.76 -46.81 36.51
C VAL H 154 31.11 -46.75 37.23
N PHE H 155 32.14 -46.31 36.51
CA PHE H 155 33.47 -46.07 37.09
C PHE H 155 33.63 -44.66 37.66
N ASN H 156 32.51 -44.08 38.12
CA ASN H 156 32.52 -42.82 38.87
C ASN H 156 32.75 -41.55 38.04
N MET H 157 32.81 -41.69 36.72
CA MET H 157 33.03 -40.53 35.85
C MET H 157 31.82 -39.61 35.78
N LEU H 158 32.07 -38.31 35.73
CA LEU H 158 31.03 -37.30 35.52
C LEU H 158 31.13 -36.76 34.09
N HIS H 159 30.32 -35.75 33.76
CA HIS H 159 30.38 -35.17 32.42
C HIS H 159 31.48 -34.13 32.33
N ASP H 160 31.95 -33.88 31.10
CA ASP H 160 32.98 -32.87 30.85
C ASP H 160 32.35 -31.47 30.92
N ASN H 161 31.12 -31.43 31.41
CA ASN H 161 30.38 -30.17 31.65
C ASN H 161 30.19 -29.88 33.13
N SER H 162 30.30 -30.90 33.97
CA SER H 162 30.16 -30.74 35.42
C SER H 162 31.30 -29.90 35.99
N LYS H 163 31.09 -29.30 37.16
CA LYS H 163 32.05 -28.35 37.73
C LYS H 163 33.47 -28.90 38.03
N PRO H 164 33.59 -30.13 38.59
CA PRO H 164 34.93 -30.64 38.87
C PRO H 164 35.74 -31.09 37.64
N CYS H 165 35.15 -30.94 36.43
CA CYS H 165 35.79 -31.39 35.19
C CYS H 165 36.52 -30.31 34.40
N ILE H 166 35.82 -29.24 34.02
CA ILE H 166 36.41 -28.13 33.25
C ILE H 166 37.74 -27.62 33.83
N SER H 167 37.93 -27.82 35.13
CA SER H 167 39.22 -27.53 35.77
C SER H 167 40.32 -28.42 35.20
N LEU H 168 40.18 -29.74 35.37
CA LEU H 168 41.21 -30.71 34.97
C LEU H 168 41.38 -30.80 33.44
N ASN H 169 40.46 -30.17 32.70
CA ASN H 169 40.47 -30.18 31.24
C ASN H 169 41.25 -28.99 30.67
N ARG H 176 33.13 -33.63 22.20
CA ARG H 176 34.29 -34.15 21.47
C ARG H 176 34.89 -35.42 22.09
N HIS H 177 34.61 -35.64 23.38
CA HIS H 177 35.04 -36.85 24.10
C HIS H 177 33.83 -37.63 24.61
N VAL H 178 34.07 -38.88 25.04
CA VAL H 178 33.01 -39.81 25.44
C VAL H 178 32.08 -39.27 26.51
N MET H 179 32.66 -38.61 27.51
CA MET H 179 31.91 -38.17 28.67
C MET H 179 31.21 -36.83 28.54
N ALA H 180 31.18 -36.28 27.32
CA ALA H 180 30.37 -35.09 27.04
C ALA H 180 28.89 -35.47 27.05
N PRO H 181 28.04 -34.57 27.60
CA PRO H 181 26.62 -34.87 27.79
C PRO H 181 25.83 -34.96 26.50
N VAL H 182 26.36 -34.36 25.43
CA VAL H 182 25.79 -34.44 24.08
C VAL H 182 26.48 -35.59 23.33
N MET H 183 25.73 -36.24 22.43
CA MET H 183 26.33 -37.24 21.54
C MET H 183 27.44 -36.58 20.71
N ALA H 184 28.67 -36.77 21.18
CA ALA H 184 29.82 -36.05 20.67
C ALA H 184 30.37 -36.65 19.37
N HIS H 185 31.08 -35.80 18.62
CA HIS H 185 31.90 -36.27 17.51
C HIS H 185 33.24 -36.74 18.09
N VAL H 186 33.24 -38.00 18.54
CA VAL H 186 34.30 -38.55 19.36
C VAL H 186 35.57 -38.91 18.57
N ASP H 187 36.66 -38.22 18.93
CA ASP H 187 37.97 -38.41 18.32
C ASP H 187 38.53 -39.80 18.64
N PRO H 188 38.97 -40.55 17.61
CA PRO H 188 39.58 -41.86 17.82
C PRO H 188 41.03 -41.78 18.32
N GLU H 189 41.61 -40.59 18.29
CA GLU H 189 42.97 -40.35 18.82
C GLU H 189 42.95 -40.14 20.33
N GLU H 190 41.83 -39.62 20.84
CA GLU H 190 41.68 -39.33 22.27
C GLU H 190 40.21 -39.44 22.71
N PRO H 191 39.67 -40.68 22.73
CA PRO H 191 38.29 -40.93 23.15
C PRO H 191 37.89 -40.26 24.47
N TRP H 192 38.78 -40.28 25.45
CA TRP H 192 38.45 -39.81 26.81
C TRP H 192 39.09 -38.48 27.19
N SER H 193 38.41 -37.75 28.07
CA SER H 193 38.90 -36.46 28.59
C SER H 193 39.87 -36.66 29.76
N PRO H 194 40.84 -35.74 29.92
CA PRO H 194 41.73 -35.76 31.08
C PRO H 194 41.00 -35.72 32.45
N CYS H 195 39.75 -35.25 32.47
CA CYS H 195 38.95 -35.26 33.70
C CYS H 195 38.56 -36.67 34.06
N SER H 196 37.99 -37.39 33.11
CA SER H 196 37.63 -38.79 33.30
C SER H 196 38.86 -39.70 33.36
N ALA H 197 39.90 -39.32 32.61
CA ALA H 197 41.17 -40.06 32.59
C ALA H 197 41.80 -40.13 33.97
N ARG H 198 41.53 -39.12 34.79
CA ARG H 198 42.05 -39.06 36.16
C ARG H 198 40.96 -39.43 37.18
N PHE H 199 39.70 -39.32 36.78
CA PHE H 199 38.57 -39.70 37.64
C PHE H 199 38.46 -41.21 37.84
N ILE H 200 38.82 -41.97 36.82
CA ILE H 200 38.80 -43.43 36.91
C ILE H 200 40.07 -43.94 37.59
N THR H 201 41.18 -43.23 37.39
CA THR H 201 42.45 -43.57 38.05
C THR H 201 42.30 -43.49 39.56
N ASP H 202 41.91 -42.31 40.05
CA ASP H 202 41.64 -42.10 41.47
C ASP H 202 40.61 -43.11 41.99
N PHE H 203 39.62 -43.45 41.17
CA PHE H 203 38.60 -44.43 41.52
C PHE H 203 39.18 -45.83 41.74
N LEU H 204 39.97 -46.30 40.78
CA LEU H 204 40.52 -47.65 40.81
C LEU H 204 41.69 -47.76 41.78
N ASP H 205 42.55 -46.74 41.78
CA ASP H 205 43.70 -46.71 42.67
C ASP H 205 43.28 -46.72 44.14
N ASN H 206 42.22 -45.97 44.46
CA ASN H 206 41.67 -45.95 45.83
C ASN H 206 40.85 -47.19 46.16
N GLY H 207 40.79 -48.12 45.21
CA GLY H 207 40.32 -49.47 45.49
C GLY H 207 38.83 -49.77 45.37
N TYR H 208 38.15 -49.09 44.45
CA TYR H 208 36.74 -49.37 44.20
C TYR H 208 36.54 -50.40 43.08
N GLY H 209 37.61 -50.68 42.34
CA GLY H 209 37.59 -51.70 41.30
C GLY H 209 38.25 -52.98 41.77
N HIS H 210 37.93 -53.37 43.00
CA HIS H 210 38.54 -54.52 43.67
C HIS H 210 38.07 -55.87 43.15
N CYS H 211 36.93 -55.88 42.46
CA CYS H 211 36.37 -57.09 41.92
C CYS H 211 36.76 -57.26 40.46
N LEU H 212 37.56 -56.33 39.97
CA LEU H 212 37.93 -56.27 38.56
C LEU H 212 39.28 -56.88 38.28
N LEU H 213 39.81 -57.63 39.23
CA LEU H 213 41.19 -58.09 39.13
C LEU H 213 41.38 -59.59 38.92
N ASP H 214 40.28 -60.34 38.84
CA ASP H 214 40.34 -61.75 38.49
C ASP H 214 40.10 -62.02 37.01
N LYS H 215 40.84 -62.98 36.46
CA LYS H 215 40.70 -63.40 35.06
C LYS H 215 39.34 -64.02 34.80
N PRO H 216 38.72 -63.66 33.65
CA PRO H 216 37.43 -64.22 33.28
C PRO H 216 37.52 -65.74 33.07
N GLU H 217 36.51 -66.46 33.54
CA GLU H 217 36.51 -67.90 33.43
C GLU H 217 36.36 -68.35 31.97
N ALA H 218 35.25 -67.98 31.33
CA ALA H 218 35.04 -68.38 29.93
C ALA H 218 34.34 -67.30 29.12
N PRO H 219 35.08 -66.24 28.74
CA PRO H 219 34.45 -65.05 28.17
C PRO H 219 33.99 -65.31 26.73
N LEU H 220 33.14 -64.44 26.21
CA LEU H 220 32.81 -64.50 24.79
C LEU H 220 33.90 -63.76 24.01
N HIS H 221 34.14 -64.21 22.78
CA HIS H 221 35.10 -63.57 21.89
C HIS H 221 34.41 -62.38 21.25
N LEU H 222 35.01 -61.21 21.41
CA LEU H 222 34.52 -60.03 20.74
C LEU H 222 35.20 -59.98 19.37
N PRO H 223 34.49 -59.48 18.34
CA PRO H 223 35.06 -59.45 17.00
C PRO H 223 36.15 -58.41 16.84
N VAL H 224 37.15 -58.72 16.01
CA VAL H 224 38.28 -57.83 15.75
C VAL H 224 38.09 -57.02 14.47
N THR H 225 37.03 -57.34 13.74
CA THR H 225 36.69 -56.67 12.50
C THR H 225 36.07 -55.31 12.81
N PHE H 226 36.19 -54.37 11.88
CA PHE H 226 35.57 -53.06 12.04
C PHE H 226 34.05 -53.13 11.94
N PRO H 227 33.33 -52.27 12.69
CA PRO H 227 31.87 -52.26 12.57
C PRO H 227 31.40 -51.79 11.19
N GLY H 228 32.17 -50.89 10.58
CA GLY H 228 31.91 -50.39 9.22
C GLY H 228 32.01 -51.47 8.17
N LYS H 229 32.75 -52.53 8.50
CA LYS H 229 32.97 -53.66 7.59
C LYS H 229 31.99 -54.77 7.92
N ASP H 230 31.58 -54.83 9.18
CA ASP H 230 30.58 -55.80 9.64
C ASP H 230 29.22 -55.43 9.07
N TYR H 231 28.82 -54.18 9.32
CA TYR H 231 27.54 -53.65 8.88
C TYR H 231 27.80 -52.48 7.95
N ASP H 232 27.45 -52.65 6.68
CA ASP H 232 27.64 -51.58 5.70
C ASP H 232 26.61 -50.47 5.87
N ALA H 233 26.83 -49.36 5.18
CA ALA H 233 25.98 -48.18 5.32
C ALA H 233 24.47 -48.47 5.27
N ASP H 234 24.04 -49.34 4.37
CA ASP H 234 22.62 -49.66 4.23
C ASP H 234 22.11 -50.43 5.44
N ARG H 235 22.95 -51.34 5.93
CA ARG H 235 22.65 -52.10 7.14
C ARG H 235 22.65 -51.20 8.38
N GLN H 236 23.52 -50.20 8.38
CA GLN H 236 23.58 -49.26 9.49
C GLN H 236 22.33 -48.40 9.59
N CYS H 237 21.84 -47.92 8.45
CA CYS H 237 20.59 -47.18 8.36
C CYS H 237 19.42 -48.07 8.75
N GLN H 238 19.45 -49.32 8.31
CA GLN H 238 18.48 -50.30 8.76
C GLN H 238 18.47 -50.32 10.28
N LEU H 239 19.65 -50.28 10.88
CA LEU H 239 19.78 -50.37 12.33
C LEU H 239 19.31 -49.12 13.07
N THR H 240 19.52 -47.94 12.49
CA THR H 240 18.99 -46.71 13.08
C THR H 240 17.50 -46.53 12.84
N PHE H 241 17.04 -46.63 11.59
CA PHE H 241 15.69 -46.20 11.24
C PHE H 241 14.67 -47.29 10.87
N GLY H 242 15.09 -48.55 10.82
CA GLY H 242 14.18 -49.64 10.55
C GLY H 242 14.46 -50.38 9.27
N PRO H 243 13.65 -51.42 8.96
CA PRO H 243 13.95 -52.29 7.82
C PRO H 243 13.80 -51.61 6.46
N ASP H 244 12.94 -50.61 6.37
CA ASP H 244 12.69 -49.90 5.09
C ASP H 244 13.83 -48.98 4.63
N SER H 245 14.71 -48.62 5.56
CA SER H 245 15.66 -47.53 5.35
C SER H 245 16.94 -47.95 4.62
N ARG H 246 17.46 -47.05 3.78
CA ARG H 246 18.69 -47.28 3.02
C ARG H 246 19.57 -46.05 3.13
N HIS H 247 20.83 -46.20 2.73
CA HIS H 247 21.82 -45.13 2.84
C HIS H 247 21.67 -44.04 1.79
N CYS H 248 22.00 -42.80 2.17
CA CYS H 248 22.11 -41.71 1.21
C CYS H 248 23.57 -41.22 1.13
N PRO H 249 24.42 -41.93 0.37
CA PRO H 249 25.87 -41.68 0.27
C PRO H 249 26.26 -40.29 -0.26
N GLN H 250 25.29 -39.62 -0.86
CA GLN H 250 25.47 -38.38 -1.61
C GLN H 250 25.79 -37.15 -0.76
N LEU H 251 25.41 -37.17 0.52
CA LEU H 251 25.55 -35.99 1.38
C LEU H 251 26.96 -35.77 1.90
N PRO H 252 27.61 -34.68 1.46
CA PRO H 252 29.01 -34.44 1.78
C PRO H 252 29.21 -33.78 3.15
N PRO H 253 30.42 -33.90 3.72
CA PRO H 253 31.43 -34.82 3.25
C PRO H 253 31.08 -36.23 3.75
N PRO H 254 31.62 -37.28 3.10
CA PRO H 254 31.36 -38.65 3.57
C PRO H 254 31.83 -38.90 5.00
N CYS H 255 31.21 -39.87 5.66
CA CYS H 255 31.59 -40.31 7.01
C CYS H 255 30.96 -39.48 8.13
N ALA H 256 30.95 -38.16 7.95
CA ALA H 256 30.52 -37.22 8.98
C ALA H 256 29.09 -37.43 9.49
N ALA H 257 28.15 -37.67 8.59
CA ALA H 257 26.78 -37.96 9.01
C ALA H 257 26.16 -39.09 8.22
N LEU H 258 25.73 -40.13 8.92
CA LEU H 258 24.95 -41.19 8.31
C LEU H 258 23.57 -40.64 8.00
N TRP H 259 23.31 -40.45 6.71
CA TRP H 259 21.99 -40.01 6.22
C TRP H 259 21.24 -41.21 5.67
N CYS H 260 19.94 -41.29 5.92
CA CYS H 260 19.18 -42.47 5.53
C CYS H 260 17.82 -42.15 4.94
N SER H 261 17.41 -42.93 3.95
CA SER H 261 16.17 -42.69 3.22
C SER H 261 14.95 -42.94 4.08
N GLY H 262 13.85 -42.31 3.69
CA GLY H 262 12.59 -42.50 4.40
C GLY H 262 11.42 -41.93 3.61
N HIS H 263 10.24 -41.93 4.21
CA HIS H 263 9.03 -41.43 3.57
C HIS H 263 8.34 -40.37 4.41
N LEU H 264 8.20 -39.18 3.84
CA LEU H 264 7.19 -38.23 4.33
C LEU H 264 5.85 -38.56 3.65
N ASN H 265 4.91 -37.62 3.67
CA ASN H 265 3.54 -37.89 3.24
C ASN H 265 3.47 -38.98 2.18
N GLY H 266 4.01 -38.68 1.00
CA GLY H 266 4.26 -39.69 -0.02
C GLY H 266 5.37 -39.30 -0.98
N HIS H 267 6.42 -38.69 -0.45
CA HIS H 267 7.61 -38.41 -1.25
C HIS H 267 8.88 -38.63 -0.44
N ALA H 268 9.99 -38.79 -1.15
CA ALA H 268 11.24 -39.26 -0.56
C ALA H 268 11.92 -38.26 0.38
N MET H 269 12.64 -38.78 1.37
CA MET H 269 13.45 -37.96 2.29
C MET H 269 14.76 -38.65 2.61
N CYS H 270 15.77 -37.89 2.99
CA CYS H 270 16.89 -38.45 3.76
C CYS H 270 16.92 -37.80 5.15
N GLN H 271 17.10 -38.63 6.18
CA GLN H 271 17.14 -38.17 7.57
C GLN H 271 18.44 -38.54 8.26
N THR H 272 18.61 -38.05 9.48
CA THR H 272 19.79 -38.40 10.26
C THR H 272 19.65 -38.07 11.74
N LYS H 273 20.47 -38.75 12.55
CA LYS H 273 20.63 -38.44 13.97
C LYS H 273 21.95 -37.69 14.14
N HIS H 274 22.57 -37.35 13.00
CA HIS H 274 23.85 -36.64 12.94
C HIS H 274 25.07 -37.32 13.58
N SER H 275 24.97 -38.63 13.78
CA SER H 275 26.11 -39.42 14.23
C SER H 275 26.82 -40.01 13.01
N PRO H 276 28.14 -40.23 13.11
CA PRO H 276 28.91 -40.60 11.92
C PRO H 276 28.62 -42.00 11.39
N TRP H 277 29.12 -42.27 10.19
CA TRP H 277 29.19 -43.64 9.67
C TRP H 277 30.05 -44.46 10.66
N ALA H 278 29.77 -45.76 10.76
CA ALA H 278 30.52 -46.64 11.65
C ALA H 278 31.94 -46.75 11.15
N ASP H 279 32.90 -46.72 12.09
CA ASP H 279 34.32 -46.75 11.74
C ASP H 279 34.64 -47.93 10.83
N GLY H 280 35.28 -47.65 9.70
CA GLY H 280 35.68 -48.68 8.74
C GLY H 280 34.73 -48.88 7.57
N THR H 281 33.73 -48.01 7.46
CA THR H 281 32.77 -48.03 6.35
C THR H 281 33.46 -47.57 5.08
N PRO H 282 33.41 -48.38 4.01
CA PRO H 282 34.01 -47.91 2.76
C PRO H 282 33.34 -46.62 2.30
N CYS H 283 34.07 -45.50 2.37
CA CYS H 283 33.55 -44.24 1.85
C CYS H 283 33.91 -44.03 0.38
N GLY H 284 35.12 -44.43 -0.02
CA GLY H 284 35.58 -44.20 -1.39
C GLY H 284 36.24 -45.41 -2.04
N PRO H 285 36.89 -45.20 -3.20
CA PRO H 285 37.64 -46.24 -3.91
C PRO H 285 38.56 -47.06 -2.99
N ALA H 286 39.50 -46.38 -2.33
CA ALA H 286 40.43 -47.05 -1.42
C ALA H 286 40.12 -46.73 0.04
N GLN H 287 39.27 -45.73 0.26
CA GLN H 287 39.08 -45.16 1.59
C GLN H 287 38.05 -45.85 2.47
N ALA H 288 38.24 -45.70 3.78
CA ALA H 288 37.25 -46.08 4.79
C ALA H 288 37.18 -44.99 5.85
N CYS H 289 36.11 -45.00 6.65
CA CYS H 289 35.88 -43.94 7.62
C CYS H 289 36.63 -44.15 8.93
N MET H 290 37.15 -43.06 9.49
CA MET H 290 37.69 -43.09 10.85
C MET H 290 37.31 -41.86 11.68
N GLY H 291 36.38 -42.07 12.61
CA GLY H 291 35.93 -41.01 13.52
C GLY H 291 35.18 -39.92 12.80
N GLY H 292 34.51 -40.29 11.71
CA GLY H 292 33.72 -39.34 10.93
C GLY H 292 34.54 -38.59 9.89
N ARG H 293 35.58 -39.22 9.39
CA ARG H 293 36.39 -38.68 8.30
C ARG H 293 36.77 -39.80 7.33
N CYS H 294 36.83 -39.47 6.05
CA CYS H 294 37.18 -40.44 5.01
C CYS H 294 38.69 -40.47 4.81
N LEU H 295 39.30 -41.57 5.24
CA LEU H 295 40.77 -41.69 5.27
C LEU H 295 41.32 -42.85 4.45
N HIS H 296 42.50 -42.63 3.87
CA HIS H 296 43.16 -43.56 2.94
C HIS H 296 43.24 -45.01 3.43
#